data_5CP5
# 
_entry.id   5CP5 
# 
_audit_conform.dict_name       mmcif_pdbx.dic 
_audit_conform.dict_version    5.387 
_audit_conform.dict_location   http://mmcif.pdb.org/dictionaries/ascii/mmcif_pdbx.dic 
# 
loop_
_database_2.database_id 
_database_2.database_code 
_database_2.pdbx_database_accession 
_database_2.pdbx_DOI 
PDB   5CP5         pdb_00005cp5 10.2210/pdb5cp5/pdb 
WWPDB D_1000211997 ?            ?                   
# 
loop_
_pdbx_audit_revision_history.ordinal 
_pdbx_audit_revision_history.data_content_type 
_pdbx_audit_revision_history.major_revision 
_pdbx_audit_revision_history.minor_revision 
_pdbx_audit_revision_history.revision_date 
1 'Structure model' 1 0 2016-01-13 
2 'Structure model' 1 1 2016-01-27 
3 'Structure model' 1 2 2016-03-09 
4 'Structure model' 1 3 2024-03-20 
# 
_pdbx_audit_revision_details.ordinal             1 
_pdbx_audit_revision_details.revision_ordinal    1 
_pdbx_audit_revision_details.data_content_type   'Structure model' 
_pdbx_audit_revision_details.provider            repository 
_pdbx_audit_revision_details.type                'Initial release' 
_pdbx_audit_revision_details.description         ? 
_pdbx_audit_revision_details.details             ? 
# 
loop_
_pdbx_audit_revision_group.ordinal 
_pdbx_audit_revision_group.revision_ordinal 
_pdbx_audit_revision_group.data_content_type 
_pdbx_audit_revision_group.group 
1 2 'Structure model' 'Data collection'      
2 2 'Structure model' 'Database references'  
3 3 'Structure model' 'Database references'  
4 4 'Structure model' 'Data collection'      
5 4 'Structure model' 'Database references'  
6 4 'Structure model' 'Derived calculations' 
# 
loop_
_pdbx_audit_revision_category.ordinal 
_pdbx_audit_revision_category.revision_ordinal 
_pdbx_audit_revision_category.data_content_type 
_pdbx_audit_revision_category.category 
1 4 'Structure model' chem_comp_atom              
2 4 'Structure model' chem_comp_bond              
3 4 'Structure model' citation                    
4 4 'Structure model' database_2                  
5 4 'Structure model' diffrn_radiation_wavelength 
6 4 'Structure model' pdbx_struct_oper_list       
# 
loop_
_pdbx_audit_revision_item.ordinal 
_pdbx_audit_revision_item.revision_ordinal 
_pdbx_audit_revision_item.data_content_type 
_pdbx_audit_revision_item.item 
1 4 'Structure model' '_citation.journal_id_CSD'                  
2 4 'Structure model' '_database_2.pdbx_DOI'                      
3 4 'Structure model' '_database_2.pdbx_database_accession'       
4 4 'Structure model' '_pdbx_struct_oper_list.symmetry_operation' 
# 
_pdbx_database_status.status_code                     REL 
_pdbx_database_status.status_code_sf                  REL 
_pdbx_database_status.status_code_mr                  ? 
_pdbx_database_status.entry_id                        5CP5 
_pdbx_database_status.recvd_initial_deposition_date   2015-07-21 
_pdbx_database_status.SG_entry                        N 
_pdbx_database_status.deposit_site                    RCSB 
_pdbx_database_status.process_site                    PDBJ 
_pdbx_database_status.status_code_cs                  ? 
_pdbx_database_status.methods_development_category    ? 
_pdbx_database_status.pdb_format_compatible           Y 
_pdbx_database_status.status_code_nmr_data            ? 
# 
loop_
_pdbx_database_related.content_type 
_pdbx_database_related.db_id 
_pdbx_database_related.db_name 
_pdbx_database_related.details 
unspecified 5COI PDB . 
unspecified 5CPE PDB . 
unspecified 5CQT PDB . 
unspecified 5CRM PDB . 
unspecified 5CRZ PDB . 
unspecified 5CS8 PDB . 
unspecified 5CTL PDB . 
# 
loop_
_audit_author.name 
_audit_author.pdbx_ordinal 
'Zhang, Y.' 1 
'Song, M.'  2 
'Liu, Z.'   3 
'Xue, X.'   4 
'Xu, Y.'    5 
# 
_citation.abstract                  ? 
_citation.abstract_id_CAS           ? 
_citation.book_id_ISBN              ? 
_citation.book_publisher            ? 
_citation.book_publisher_city       ? 
_citation.book_title                ? 
_citation.coordinate_linkage        ? 
_citation.country                   US 
_citation.database_id_Medline       ? 
_citation.details                   ? 
_citation.id                        primary 
_citation.journal_abbrev            J.Med.Chem. 
_citation.journal_id_ASTM           JMCMAR 
_citation.journal_id_CSD            0151 
_citation.journal_id_ISSN           0022-2623 
_citation.journal_full              ? 
_citation.journal_issue             ? 
_citation.journal_volume            59 
_citation.language                  ? 
_citation.page_first                1565 
_citation.page_last                 1579 
_citation.title                     
;Discovery of Benzo[cd]indol-2(1H)-ones as Potent and Specific BET Bromodomain Inhibitors: Structure-Based Virtual Screening, Optimization, and Biological Evaluation
;
_citation.year                      2016 
_citation.database_id_CSD           ? 
_citation.pdbx_database_id_DOI      10.1021/acs.jmedchem.5b01511 
_citation.pdbx_database_id_PubMed   26731490 
_citation.unpublished_flag          ? 
# 
loop_
_citation_author.citation_id 
_citation_author.name 
_citation_author.ordinal 
_citation_author.identifier_ORCID 
primary 'Xue, X.'   1  ? 
primary 'Zhang, Y.' 2  ? 
primary 'Liu, Z.'   3  ? 
primary 'Song, M.'  4  ? 
primary 'Xing, Y.'  5  ? 
primary 'Xiang, Q.' 6  ? 
primary 'Wang, Z.'  7  ? 
primary 'Tu, Z.'    8  ? 
primary 'Zhou, Y.'  9  ? 
primary 'Ding, K.'  10 ? 
primary 'Xu, Y.'    11 ? 
# 
loop_
_entity.id 
_entity.type 
_entity.src_method 
_entity.pdbx_description 
_entity.formula_weight 
_entity.pdbx_number_of_molecules 
_entity.pdbx_ec 
_entity.pdbx_mutation 
_entity.pdbx_fragment 
_entity.details 
1 polymer     man 'Bromodomain-containing protein 4'                                          16767.326 1  ? ? 
'N-TERMINAL BROMODOMAIN, UNP RESIDUES 44-168' ? 
2 non-polymer syn '1-ethyl-N-(4-fluorophenyl)-2-oxo-1,2-dihydrobenzo[cd]indole-6-sulfonamide' 370.397   1  ? ? ? ? 
3 non-polymer syn 1,2-ETHANEDIOL                                                              62.068    1  ? ? ? ? 
4 non-polymer syn 'NITRATE ION'                                                               62.005    1  ? ? ? ? 
5 water       nat water                                                                       18.015    86 ? ? ? ? 
# 
_entity_name_com.entity_id   1 
_entity_name_com.name        'Protein HUNK1' 
# 
_entity_poly.entity_id                      1 
_entity_poly.type                           'polypeptide(L)' 
_entity_poly.nstd_linkage                   no 
_entity_poly.nstd_monomer                   no 
_entity_poly.pdbx_seq_one_letter_code       
;MKKGHHHHHHLVPRGSNPPPPETSNPNKPKRQTNQLQYLLRVVLKTLWKHQFAWPFQQPVDAVKLNLPDYYKIIKTPMDM
GTIKKRLENNYYWNAQECIQDFNTMFTNCYIYNKPGDDIVLMAEALEKLFLQKINELPTEE
;
_entity_poly.pdbx_seq_one_letter_code_can   
;MKKGHHHHHHLVPRGSNPPPPETSNPNKPKRQTNQLQYLLRVVLKTLWKHQFAWPFQQPVDAVKLNLPDYYKIIKTPMDM
GTIKKRLENNYYWNAQECIQDFNTMFTNCYIYNKPGDDIVLMAEALEKLFLQKINELPTEE
;
_entity_poly.pdbx_strand_id                 A 
_entity_poly.pdbx_target_identifier         ? 
# 
loop_
_pdbx_entity_nonpoly.entity_id 
_pdbx_entity_nonpoly.name 
_pdbx_entity_nonpoly.comp_id 
2 '1-ethyl-N-(4-fluorophenyl)-2-oxo-1,2-dihydrobenzo[cd]indole-6-sulfonamide' EB0 
3 1,2-ETHANEDIOL                                                              EDO 
4 'NITRATE ION'                                                               NO3 
5 water                                                                       HOH 
# 
loop_
_entity_poly_seq.entity_id 
_entity_poly_seq.num 
_entity_poly_seq.mon_id 
_entity_poly_seq.hetero 
1 1   MET n 
1 2   LYS n 
1 3   LYS n 
1 4   GLY n 
1 5   HIS n 
1 6   HIS n 
1 7   HIS n 
1 8   HIS n 
1 9   HIS n 
1 10  HIS n 
1 11  LEU n 
1 12  VAL n 
1 13  PRO n 
1 14  ARG n 
1 15  GLY n 
1 16  SER n 
1 17  ASN n 
1 18  PRO n 
1 19  PRO n 
1 20  PRO n 
1 21  PRO n 
1 22  GLU n 
1 23  THR n 
1 24  SER n 
1 25  ASN n 
1 26  PRO n 
1 27  ASN n 
1 28  LYS n 
1 29  PRO n 
1 30  LYS n 
1 31  ARG n 
1 32  GLN n 
1 33  THR n 
1 34  ASN n 
1 35  GLN n 
1 36  LEU n 
1 37  GLN n 
1 38  TYR n 
1 39  LEU n 
1 40  LEU n 
1 41  ARG n 
1 42  VAL n 
1 43  VAL n 
1 44  LEU n 
1 45  LYS n 
1 46  THR n 
1 47  LEU n 
1 48  TRP n 
1 49  LYS n 
1 50  HIS n 
1 51  GLN n 
1 52  PHE n 
1 53  ALA n 
1 54  TRP n 
1 55  PRO n 
1 56  PHE n 
1 57  GLN n 
1 58  GLN n 
1 59  PRO n 
1 60  VAL n 
1 61  ASP n 
1 62  ALA n 
1 63  VAL n 
1 64  LYS n 
1 65  LEU n 
1 66  ASN n 
1 67  LEU n 
1 68  PRO n 
1 69  ASP n 
1 70  TYR n 
1 71  TYR n 
1 72  LYS n 
1 73  ILE n 
1 74  ILE n 
1 75  LYS n 
1 76  THR n 
1 77  PRO n 
1 78  MET n 
1 79  ASP n 
1 80  MET n 
1 81  GLY n 
1 82  THR n 
1 83  ILE n 
1 84  LYS n 
1 85  LYS n 
1 86  ARG n 
1 87  LEU n 
1 88  GLU n 
1 89  ASN n 
1 90  ASN n 
1 91  TYR n 
1 92  TYR n 
1 93  TRP n 
1 94  ASN n 
1 95  ALA n 
1 96  GLN n 
1 97  GLU n 
1 98  CYS n 
1 99  ILE n 
1 100 GLN n 
1 101 ASP n 
1 102 PHE n 
1 103 ASN n 
1 104 THR n 
1 105 MET n 
1 106 PHE n 
1 107 THR n 
1 108 ASN n 
1 109 CYS n 
1 110 TYR n 
1 111 ILE n 
1 112 TYR n 
1 113 ASN n 
1 114 LYS n 
1 115 PRO n 
1 116 GLY n 
1 117 ASP n 
1 118 ASP n 
1 119 ILE n 
1 120 VAL n 
1 121 LEU n 
1 122 MET n 
1 123 ALA n 
1 124 GLU n 
1 125 ALA n 
1 126 LEU n 
1 127 GLU n 
1 128 LYS n 
1 129 LEU n 
1 130 PHE n 
1 131 LEU n 
1 132 GLN n 
1 133 LYS n 
1 134 ILE n 
1 135 ASN n 
1 136 GLU n 
1 137 LEU n 
1 138 PRO n 
1 139 THR n 
1 140 GLU n 
1 141 GLU n 
# 
_entity_src_gen.entity_id                          1 
_entity_src_gen.pdbx_src_id                        1 
_entity_src_gen.pdbx_alt_source_flag               sample 
_entity_src_gen.pdbx_seq_type                      'Biological sequence' 
_entity_src_gen.pdbx_beg_seq_num                   1 
_entity_src_gen.pdbx_end_seq_num                   141 
_entity_src_gen.gene_src_common_name               Human 
_entity_src_gen.gene_src_genus                     ? 
_entity_src_gen.pdbx_gene_src_gene                 'BRD4, HUNK1' 
_entity_src_gen.gene_src_species                   ? 
_entity_src_gen.gene_src_strain                    ? 
_entity_src_gen.gene_src_tissue                    ? 
_entity_src_gen.gene_src_tissue_fraction           ? 
_entity_src_gen.gene_src_details                   ? 
_entity_src_gen.pdbx_gene_src_fragment             ? 
_entity_src_gen.pdbx_gene_src_scientific_name      'Homo sapiens' 
_entity_src_gen.pdbx_gene_src_ncbi_taxonomy_id     9606 
_entity_src_gen.pdbx_gene_src_variant              ? 
_entity_src_gen.pdbx_gene_src_cell_line            ? 
_entity_src_gen.pdbx_gene_src_atcc                 ? 
_entity_src_gen.pdbx_gene_src_organ                ? 
_entity_src_gen.pdbx_gene_src_organelle            ? 
_entity_src_gen.pdbx_gene_src_cell                 ? 
_entity_src_gen.pdbx_gene_src_cellular_location    ? 
_entity_src_gen.host_org_common_name               ? 
_entity_src_gen.pdbx_host_org_scientific_name      'Escherichia coli BL21(DE3)' 
_entity_src_gen.pdbx_host_org_ncbi_taxonomy_id     469008 
_entity_src_gen.host_org_genus                     ? 
_entity_src_gen.pdbx_host_org_gene                 ? 
_entity_src_gen.pdbx_host_org_organ                ? 
_entity_src_gen.host_org_species                   ? 
_entity_src_gen.pdbx_host_org_tissue               ? 
_entity_src_gen.pdbx_host_org_tissue_fraction      ? 
_entity_src_gen.pdbx_host_org_strain               'BL21(DE3)' 
_entity_src_gen.pdbx_host_org_variant              ? 
_entity_src_gen.pdbx_host_org_cell_line            ? 
_entity_src_gen.pdbx_host_org_atcc                 ? 
_entity_src_gen.pdbx_host_org_culture_collection   ? 
_entity_src_gen.pdbx_host_org_cell                 ? 
_entity_src_gen.pdbx_host_org_organelle            ? 
_entity_src_gen.pdbx_host_org_cellular_location    ? 
_entity_src_gen.pdbx_host_org_vector_type          plasmid 
_entity_src_gen.pdbx_host_org_vector               ? 
_entity_src_gen.host_org_details                   ? 
_entity_src_gen.expression_system_id               ? 
_entity_src_gen.plasmid_name                       pET24a 
_entity_src_gen.plasmid_details                    ? 
_entity_src_gen.pdbx_description                   ? 
# 
loop_
_chem_comp.id 
_chem_comp.type 
_chem_comp.mon_nstd_flag 
_chem_comp.name 
_chem_comp.pdbx_synonyms 
_chem_comp.formula 
_chem_comp.formula_weight 
ALA 'L-peptide linking' y ALANINE                                                                     ?                 
'C3 H7 N O2'        89.093  
ARG 'L-peptide linking' y ARGININE                                                                    ?                 
'C6 H15 N4 O2 1'    175.209 
ASN 'L-peptide linking' y ASPARAGINE                                                                  ?                 
'C4 H8 N2 O3'       132.118 
ASP 'L-peptide linking' y 'ASPARTIC ACID'                                                             ?                 
'C4 H7 N O4'        133.103 
CYS 'L-peptide linking' y CYSTEINE                                                                    ?                 
'C3 H7 N O2 S'      121.158 
EB0 non-polymer         . '1-ethyl-N-(4-fluorophenyl)-2-oxo-1,2-dihydrobenzo[cd]indole-6-sulfonamide' ?                 
'C19 H15 F N2 O3 S' 370.397 
EDO non-polymer         . 1,2-ETHANEDIOL                                                              'ETHYLENE GLYCOL' 'C2 H6 O2' 
62.068  
GLN 'L-peptide linking' y GLUTAMINE                                                                   ?                 
'C5 H10 N2 O3'      146.144 
GLU 'L-peptide linking' y 'GLUTAMIC ACID'                                                             ?                 
'C5 H9 N O4'        147.129 
GLY 'peptide linking'   y GLYCINE                                                                     ?                 
'C2 H5 N O2'        75.067  
HIS 'L-peptide linking' y HISTIDINE                                                                   ?                 
'C6 H10 N3 O2 1'    156.162 
HOH non-polymer         . WATER                                                                       ?                 'H2 O' 
18.015  
ILE 'L-peptide linking' y ISOLEUCINE                                                                  ?                 
'C6 H13 N O2'       131.173 
LEU 'L-peptide linking' y LEUCINE                                                                     ?                 
'C6 H13 N O2'       131.173 
LYS 'L-peptide linking' y LYSINE                                                                      ?                 
'C6 H15 N2 O2 1'    147.195 
MET 'L-peptide linking' y METHIONINE                                                                  ?                 
'C5 H11 N O2 S'     149.211 
NO3 non-polymer         . 'NITRATE ION'                                                               ?                 'N O3 -1' 
62.005  
PHE 'L-peptide linking' y PHENYLALANINE                                                               ?                 
'C9 H11 N O2'       165.189 
PRO 'L-peptide linking' y PROLINE                                                                     ?                 
'C5 H9 N O2'        115.130 
SER 'L-peptide linking' y SERINE                                                                      ?                 
'C3 H7 N O3'        105.093 
THR 'L-peptide linking' y THREONINE                                                                   ?                 
'C4 H9 N O3'        119.119 
TRP 'L-peptide linking' y TRYPTOPHAN                                                                  ?                 
'C11 H12 N2 O2'     204.225 
TYR 'L-peptide linking' y TYROSINE                                                                    ?                 
'C9 H11 N O3'       181.189 
VAL 'L-peptide linking' y VALINE                                                                      ?                 
'C5 H11 N O2'       117.146 
# 
loop_
_pdbx_poly_seq_scheme.asym_id 
_pdbx_poly_seq_scheme.entity_id 
_pdbx_poly_seq_scheme.seq_id 
_pdbx_poly_seq_scheme.mon_id 
_pdbx_poly_seq_scheme.ndb_seq_num 
_pdbx_poly_seq_scheme.pdb_seq_num 
_pdbx_poly_seq_scheme.auth_seq_num 
_pdbx_poly_seq_scheme.pdb_mon_id 
_pdbx_poly_seq_scheme.auth_mon_id 
_pdbx_poly_seq_scheme.pdb_strand_id 
_pdbx_poly_seq_scheme.pdb_ins_code 
_pdbx_poly_seq_scheme.hetero 
A 1 1   MET 1   28  ?   ?   ?   A . n 
A 1 2   LYS 2   29  ?   ?   ?   A . n 
A 1 3   LYS 3   30  ?   ?   ?   A . n 
A 1 4   GLY 4   31  ?   ?   ?   A . n 
A 1 5   HIS 5   32  ?   ?   ?   A . n 
A 1 6   HIS 6   33  ?   ?   ?   A . n 
A 1 7   HIS 7   34  ?   ?   ?   A . n 
A 1 8   HIS 8   35  ?   ?   ?   A . n 
A 1 9   HIS 9   36  ?   ?   ?   A . n 
A 1 10  HIS 10  37  ?   ?   ?   A . n 
A 1 11  LEU 11  38  ?   ?   ?   A . n 
A 1 12  VAL 12  39  ?   ?   ?   A . n 
A 1 13  PRO 13  40  40  PRO PRO A . n 
A 1 14  ARG 14  41  41  ARG ARG A . n 
A 1 15  GLY 15  42  42  GLY GLY A . n 
A 1 16  SER 16  43  43  SER SER A . n 
A 1 17  ASN 17  44  44  ASN ASN A . n 
A 1 18  PRO 18  45  45  PRO PRO A . n 
A 1 19  PRO 19  46  46  PRO PRO A . n 
A 1 20  PRO 20  47  47  PRO PRO A . n 
A 1 21  PRO 21  48  48  PRO PRO A . n 
A 1 22  GLU 22  49  49  GLU GLU A . n 
A 1 23  THR 23  50  50  THR THR A . n 
A 1 24  SER 24  51  51  SER SER A . n 
A 1 25  ASN 25  52  52  ASN ASN A . n 
A 1 26  PRO 26  53  53  PRO PRO A . n 
A 1 27  ASN 27  54  54  ASN ASN A . n 
A 1 28  LYS 28  55  55  LYS LYS A . n 
A 1 29  PRO 29  56  56  PRO PRO A . n 
A 1 30  LYS 30  57  57  LYS LYS A . n 
A 1 31  ARG 31  58  58  ARG ARG A . n 
A 1 32  GLN 32  59  59  GLN GLN A . n 
A 1 33  THR 33  60  60  THR THR A . n 
A 1 34  ASN 34  61  61  ASN ASN A . n 
A 1 35  GLN 35  62  62  GLN GLN A . n 
A 1 36  LEU 36  63  63  LEU LEU A . n 
A 1 37  GLN 37  64  64  GLN GLN A . n 
A 1 38  TYR 38  65  65  TYR TYR A . n 
A 1 39  LEU 39  66  66  LEU LEU A . n 
A 1 40  LEU 40  67  67  LEU LEU A . n 
A 1 41  ARG 41  68  68  ARG ARG A . n 
A 1 42  VAL 42  69  69  VAL VAL A . n 
A 1 43  VAL 43  70  70  VAL VAL A . n 
A 1 44  LEU 44  71  71  LEU LEU A . n 
A 1 45  LYS 45  72  72  LYS LYS A . n 
A 1 46  THR 46  73  73  THR THR A . n 
A 1 47  LEU 47  74  74  LEU LEU A . n 
A 1 48  TRP 48  75  75  TRP TRP A . n 
A 1 49  LYS 49  76  76  LYS LYS A . n 
A 1 50  HIS 50  77  77  HIS HIS A . n 
A 1 51  GLN 51  78  78  GLN GLN A . n 
A 1 52  PHE 52  79  79  PHE PHE A . n 
A 1 53  ALA 53  80  80  ALA ALA A . n 
A 1 54  TRP 54  81  81  TRP TRP A . n 
A 1 55  PRO 55  82  82  PRO PRO A . n 
A 1 56  PHE 56  83  83  PHE PHE A . n 
A 1 57  GLN 57  84  84  GLN GLN A . n 
A 1 58  GLN 58  85  85  GLN GLN A . n 
A 1 59  PRO 59  86  86  PRO PRO A . n 
A 1 60  VAL 60  87  87  VAL VAL A . n 
A 1 61  ASP 61  88  88  ASP ASP A . n 
A 1 62  ALA 62  89  89  ALA ALA A . n 
A 1 63  VAL 63  90  90  VAL VAL A . n 
A 1 64  LYS 64  91  91  LYS LYS A . n 
A 1 65  LEU 65  92  92  LEU LEU A . n 
A 1 66  ASN 66  93  93  ASN ASN A . n 
A 1 67  LEU 67  94  94  LEU LEU A . n 
A 1 68  PRO 68  95  95  PRO PRO A . n 
A 1 69  ASP 69  96  96  ASP ASP A . n 
A 1 70  TYR 70  97  97  TYR TYR A . n 
A 1 71  TYR 71  98  98  TYR TYR A . n 
A 1 72  LYS 72  99  99  LYS LYS A . n 
A 1 73  ILE 73  100 100 ILE ILE A . n 
A 1 74  ILE 74  101 101 ILE ILE A . n 
A 1 75  LYS 75  102 102 LYS LYS A . n 
A 1 76  THR 76  103 103 THR THR A . n 
A 1 77  PRO 77  104 104 PRO PRO A . n 
A 1 78  MET 78  105 105 MET MET A . n 
A 1 79  ASP 79  106 106 ASP ASP A . n 
A 1 80  MET 80  107 107 MET MET A . n 
A 1 81  GLY 81  108 108 GLY GLY A . n 
A 1 82  THR 82  109 109 THR THR A . n 
A 1 83  ILE 83  110 110 ILE ILE A . n 
A 1 84  LYS 84  111 111 LYS LYS A . n 
A 1 85  LYS 85  112 112 LYS LYS A . n 
A 1 86  ARG 86  113 113 ARG ARG A . n 
A 1 87  LEU 87  114 114 LEU LEU A . n 
A 1 88  GLU 88  115 115 GLU GLU A . n 
A 1 89  ASN 89  116 116 ASN ASN A . n 
A 1 90  ASN 90  117 117 ASN ASN A . n 
A 1 91  TYR 91  118 118 TYR TYR A . n 
A 1 92  TYR 92  119 119 TYR TYR A . n 
A 1 93  TRP 93  120 120 TRP TRP A . n 
A 1 94  ASN 94  121 121 ASN ASN A . n 
A 1 95  ALA 95  122 122 ALA ALA A . n 
A 1 96  GLN 96  123 123 GLN GLN A . n 
A 1 97  GLU 97  124 124 GLU GLU A . n 
A 1 98  CYS 98  125 125 CYS CYS A . n 
A 1 99  ILE 99  126 126 ILE ILE A . n 
A 1 100 GLN 100 127 127 GLN GLN A . n 
A 1 101 ASP 101 128 128 ASP ASP A . n 
A 1 102 PHE 102 129 129 PHE PHE A . n 
A 1 103 ASN 103 130 130 ASN ASN A . n 
A 1 104 THR 104 131 131 THR THR A . n 
A 1 105 MET 105 132 132 MET MET A . n 
A 1 106 PHE 106 133 133 PHE PHE A . n 
A 1 107 THR 107 134 134 THR THR A . n 
A 1 108 ASN 108 135 135 ASN ASN A . n 
A 1 109 CYS 109 136 136 CYS CYS A . n 
A 1 110 TYR 110 137 137 TYR TYR A . n 
A 1 111 ILE 111 138 138 ILE ILE A . n 
A 1 112 TYR 112 139 139 TYR TYR A . n 
A 1 113 ASN 113 140 140 ASN ASN A . n 
A 1 114 LYS 114 141 141 LYS LYS A . n 
A 1 115 PRO 115 142 142 PRO PRO A . n 
A 1 116 GLY 116 143 143 GLY GLY A . n 
A 1 117 ASP 117 144 144 ASP ASP A . n 
A 1 118 ASP 118 145 145 ASP ASP A . n 
A 1 119 ILE 119 146 146 ILE ILE A . n 
A 1 120 VAL 120 147 147 VAL VAL A . n 
A 1 121 LEU 121 148 148 LEU LEU A . n 
A 1 122 MET 122 149 149 MET MET A . n 
A 1 123 ALA 123 150 150 ALA ALA A . n 
A 1 124 GLU 124 151 151 GLU GLU A . n 
A 1 125 ALA 125 152 152 ALA ALA A . n 
A 1 126 LEU 126 153 153 LEU LEU A . n 
A 1 127 GLU 127 154 154 GLU GLU A . n 
A 1 128 LYS 128 155 155 LYS LYS A . n 
A 1 129 LEU 129 156 156 LEU LEU A . n 
A 1 130 PHE 130 157 157 PHE PHE A . n 
A 1 131 LEU 131 158 158 LEU LEU A . n 
A 1 132 GLN 132 159 159 GLN GLN A . n 
A 1 133 LYS 133 160 160 LYS LYS A . n 
A 1 134 ILE 134 161 161 ILE ILE A . n 
A 1 135 ASN 135 162 162 ASN ASN A . n 
A 1 136 GLU 136 163 163 GLU GLU A . n 
A 1 137 LEU 137 164 164 LEU LEU A . n 
A 1 138 PRO 138 165 165 PRO PRO A . n 
A 1 139 THR 139 166 166 THR THR A . n 
A 1 140 GLU 140 167 ?   ?   ?   A . n 
A 1 141 GLU 141 168 ?   ?   ?   A . n 
# 
loop_
_pdbx_nonpoly_scheme.asym_id 
_pdbx_nonpoly_scheme.entity_id 
_pdbx_nonpoly_scheme.mon_id 
_pdbx_nonpoly_scheme.ndb_seq_num 
_pdbx_nonpoly_scheme.pdb_seq_num 
_pdbx_nonpoly_scheme.auth_seq_num 
_pdbx_nonpoly_scheme.pdb_mon_id 
_pdbx_nonpoly_scheme.auth_mon_id 
_pdbx_nonpoly_scheme.pdb_strand_id 
_pdbx_nonpoly_scheme.pdb_ins_code 
B 2 EB0 1  201 1  EB0 EB0 A . 
C 3 EDO 1  202 1  EDO EDO A . 
D 4 NO3 1  203 1  NO3 NO3 A . 
E 5 HOH 1  301 74 HOH HOH A . 
E 5 HOH 2  302 22 HOH HOH A . 
E 5 HOH 3  303 47 HOH HOH A . 
E 5 HOH 4  304 2  HOH HOH A . 
E 5 HOH 5  305 52 HOH HOH A . 
E 5 HOH 6  306 38 HOH HOH A . 
E 5 HOH 7  307 82 HOH HOH A . 
E 5 HOH 8  308 23 HOH HOH A . 
E 5 HOH 9  309 32 HOH HOH A . 
E 5 HOH 10 310 62 HOH HOH A . 
E 5 HOH 11 311 25 HOH HOH A . 
E 5 HOH 12 312 75 HOH HOH A . 
E 5 HOH 13 313 49 HOH HOH A . 
E 5 HOH 14 314 15 HOH HOH A . 
E 5 HOH 15 315 56 HOH HOH A . 
E 5 HOH 16 316 16 HOH HOH A . 
E 5 HOH 17 317 36 HOH HOH A . 
E 5 HOH 18 318 26 HOH HOH A . 
E 5 HOH 19 319 21 HOH HOH A . 
E 5 HOH 20 320 20 HOH HOH A . 
E 5 HOH 21 321 37 HOH HOH A . 
E 5 HOH 22 322 39 HOH HOH A . 
E 5 HOH 23 323 5  HOH HOH A . 
E 5 HOH 24 324 76 HOH HOH A . 
E 5 HOH 25 325 10 HOH HOH A . 
E 5 HOH 26 326 63 HOH HOH A . 
E 5 HOH 27 327 44 HOH HOH A . 
E 5 HOH 28 328 19 HOH HOH A . 
E 5 HOH 29 329 66 HOH HOH A . 
E 5 HOH 30 330 18 HOH HOH A . 
E 5 HOH 31 331 9  HOH HOH A . 
E 5 HOH 32 332 4  HOH HOH A . 
E 5 HOH 33 333 51 HOH HOH A . 
E 5 HOH 34 334 11 HOH HOH A . 
E 5 HOH 35 335 71 HOH HOH A . 
E 5 HOH 36 336 73 HOH HOH A . 
E 5 HOH 37 337 7  HOH HOH A . 
E 5 HOH 38 338 69 HOH HOH A . 
E 5 HOH 39 339 28 HOH HOH A . 
E 5 HOH 40 340 83 HOH HOH A . 
E 5 HOH 41 341 84 HOH HOH A . 
E 5 HOH 42 342 1  HOH HOH A . 
E 5 HOH 43 343 13 HOH HOH A . 
E 5 HOH 44 344 27 HOH HOH A . 
E 5 HOH 45 345 72 HOH HOH A . 
E 5 HOH 46 346 40 HOH HOH A . 
E 5 HOH 47 347 50 HOH HOH A . 
E 5 HOH 48 348 65 HOH HOH A . 
E 5 HOH 49 349 58 HOH HOH A . 
E 5 HOH 50 350 12 HOH HOH A . 
E 5 HOH 51 351 30 HOH HOH A . 
E 5 HOH 52 352 33 HOH HOH A . 
E 5 HOH 53 353 17 HOH HOH A . 
E 5 HOH 54 354 3  HOH HOH A . 
E 5 HOH 55 355 29 HOH HOH A . 
E 5 HOH 56 356 61 HOH HOH A . 
E 5 HOH 57 357 8  HOH HOH A . 
E 5 HOH 58 358 70 HOH HOH A . 
E 5 HOH 59 359 14 HOH HOH A . 
E 5 HOH 60 360 31 HOH HOH A . 
E 5 HOH 61 361 55 HOH HOH A . 
E 5 HOH 62 362 34 HOH HOH A . 
E 5 HOH 63 363 42 HOH HOH A . 
E 5 HOH 64 364 59 HOH HOH A . 
E 5 HOH 65 365 35 HOH HOH A . 
E 5 HOH 66 366 45 HOH HOH A . 
E 5 HOH 67 367 24 HOH HOH A . 
E 5 HOH 68 368 64 HOH HOH A . 
E 5 HOH 69 369 85 HOH HOH A . 
E 5 HOH 70 370 46 HOH HOH A . 
E 5 HOH 71 371 86 HOH HOH A . 
E 5 HOH 72 372 6  HOH HOH A . 
E 5 HOH 73 373 60 HOH HOH A . 
E 5 HOH 74 374 53 HOH HOH A . 
E 5 HOH 75 375 54 HOH HOH A . 
E 5 HOH 76 376 43 HOH HOH A . 
E 5 HOH 77 377 80 HOH HOH A . 
E 5 HOH 78 378 48 HOH HOH A . 
E 5 HOH 79 379 81 HOH HOH A . 
E 5 HOH 80 380 67 HOH HOH A . 
E 5 HOH 81 381 79 HOH HOH A . 
E 5 HOH 82 382 41 HOH HOH A . 
E 5 HOH 83 383 68 HOH HOH A . 
E 5 HOH 84 384 57 HOH HOH A . 
E 5 HOH 85 385 77 HOH HOH A . 
E 5 HOH 86 386 78 HOH HOH A . 
# 
loop_
_software.citation_id 
_software.classification 
_software.compiler_name 
_software.compiler_version 
_software.contact_author 
_software.contact_author_email 
_software.date 
_software.description 
_software.dependencies 
_software.hardware 
_software.language 
_software.location 
_software.mods 
_software.name 
_software.os 
_software.os_version 
_software.type 
_software.version 
_software.pdbx_ordinal 
? 'data scaling'    ? ? ? ? ? ? ? ? ? ? ? Aimless     ? ? ? 0.5.12   1 
? refinement        ? ? ? ? ? ? ? ? ? ? ? REFMAC      ? ? ? 5.8.0124 2 
? 'data extraction' ? ? ? ? ? ? ? ? ? ? ? PDB_EXTRACT ? ? ? 3.15     3 
? 'data reduction'  ? ? ? ? ? ? ? ? ? ? ? MOSFLM      ? ? ? .        4 
? phasing           ? ? ? ? ? ? ? ? ? ? ? MOLREP      ? ? ? .        5 
# 
_cell.angle_alpha                  90.000 
_cell.angle_alpha_esd              ? 
_cell.angle_beta                   90.000 
_cell.angle_beta_esd               ? 
_cell.angle_gamma                  90.000 
_cell.angle_gamma_esd              ? 
_cell.entry_id                     5CP5 
_cell.details                      ? 
_cell.formula_units_Z              ? 
_cell.length_a                     35.670 
_cell.length_a_esd                 ? 
_cell.length_b                     47.340 
_cell.length_b_esd                 ? 
_cell.length_c                     77.580 
_cell.length_c_esd                 ? 
_cell.volume                       ? 
_cell.volume_esd                   ? 
_cell.Z_PDB                        4 
_cell.reciprocal_angle_alpha       ? 
_cell.reciprocal_angle_beta        ? 
_cell.reciprocal_angle_gamma       ? 
_cell.reciprocal_angle_alpha_esd   ? 
_cell.reciprocal_angle_beta_esd    ? 
_cell.reciprocal_angle_gamma_esd   ? 
_cell.reciprocal_length_a          ? 
_cell.reciprocal_length_b          ? 
_cell.reciprocal_length_c          ? 
_cell.reciprocal_length_a_esd      ? 
_cell.reciprocal_length_b_esd      ? 
_cell.reciprocal_length_c_esd      ? 
_cell.pdbx_unique_axis             ? 
# 
_symmetry.entry_id                         5CP5 
_symmetry.cell_setting                     ? 
_symmetry.Int_Tables_number                19 
_symmetry.space_group_name_Hall            ? 
_symmetry.space_group_name_H-M             'P 21 21 21' 
_symmetry.pdbx_full_space_group_name_H-M   ? 
# 
_exptl.absorpt_coefficient_mu     ? 
_exptl.absorpt_correction_T_max   ? 
_exptl.absorpt_correction_T_min   ? 
_exptl.absorpt_correction_type    ? 
_exptl.absorpt_process_details    ? 
_exptl.entry_id                   5CP5 
_exptl.crystals_number            1 
_exptl.details                    ? 
_exptl.method                     'X-RAY DIFFRACTION' 
_exptl.method_details             ? 
# 
_exptl_crystal.colour                      ? 
_exptl_crystal.density_diffrn              ? 
_exptl_crystal.density_Matthews            1.95 
_exptl_crystal.density_method              ? 
_exptl_crystal.density_percent_sol         37.03 
_exptl_crystal.description                 ? 
_exptl_crystal.F_000                       ? 
_exptl_crystal.id                          1 
_exptl_crystal.preparation                 ? 
_exptl_crystal.size_max                    ? 
_exptl_crystal.size_mid                    ? 
_exptl_crystal.size_min                    ? 
_exptl_crystal.size_rad                    ? 
_exptl_crystal.colour_lustre               ? 
_exptl_crystal.colour_modifier             ? 
_exptl_crystal.colour_primary              ? 
_exptl_crystal.density_meas                ? 
_exptl_crystal.density_meas_esd            ? 
_exptl_crystal.density_meas_gt             ? 
_exptl_crystal.density_meas_lt             ? 
_exptl_crystal.density_meas_temp           ? 
_exptl_crystal.density_meas_temp_esd       ? 
_exptl_crystal.density_meas_temp_gt        ? 
_exptl_crystal.density_meas_temp_lt        ? 
_exptl_crystal.pdbx_crystal_image_url      ? 
_exptl_crystal.pdbx_crystal_image_format   ? 
_exptl_crystal.pdbx_mosaicity              ? 
_exptl_crystal.pdbx_mosaicity_esd          ? 
# 
_exptl_crystal_grow.apparatus       ? 
_exptl_crystal_grow.atmosphere      ? 
_exptl_crystal_grow.crystal_id      1 
_exptl_crystal_grow.details         ? 
_exptl_crystal_grow.method          'VAPOR DIFFUSION, SITTING DROP' 
_exptl_crystal_grow.method_ref      ? 
_exptl_crystal_grow.pH              7.5 
_exptl_crystal_grow.pressure        ? 
_exptl_crystal_grow.pressure_esd    ? 
_exptl_crystal_grow.seeding         ? 
_exptl_crystal_grow.seeding_ref     ? 
_exptl_crystal_grow.temp            277 
_exptl_crystal_grow.temp_details    ? 
_exptl_crystal_grow.temp_esd        ? 
_exptl_crystal_grow.time            ? 
_exptl_crystal_grow.pdbx_details    '20% PEG3350, 0.2M (NH4)2SO4, 0.1M HEPES, 10% EtGhly, pH7.5' 
_exptl_crystal_grow.pdbx_pH_range   ? 
# 
_diffrn.ambient_environment    ? 
_diffrn.ambient_temp           100 
_diffrn.ambient_temp_details   ? 
_diffrn.ambient_temp_esd       ? 
_diffrn.crystal_id             1 
_diffrn.crystal_support        ? 
_diffrn.crystal_treatment      ? 
_diffrn.details                ? 
_diffrn.id                     1 
_diffrn.ambient_pressure       ? 
_diffrn.ambient_pressure_esd   ? 
_diffrn.ambient_pressure_gt    ? 
_diffrn.ambient_pressure_lt    ? 
_diffrn.ambient_temp_gt        ? 
_diffrn.ambient_temp_lt        ? 
# 
_diffrn_detector.details                      ? 
_diffrn_detector.detector                     PIXEL 
_diffrn_detector.diffrn_id                    1 
_diffrn_detector.type                         'PSI PILATUS 6M' 
_diffrn_detector.area_resol_mean              ? 
_diffrn_detector.dtime                        ? 
_diffrn_detector.pdbx_frames_total            ? 
_diffrn_detector.pdbx_collection_time_total   ? 
_diffrn_detector.pdbx_collection_date         2015-03-27 
# 
_diffrn_radiation.collimation                      ? 
_diffrn_radiation.diffrn_id                        1 
_diffrn_radiation.filter_edge                      ? 
_diffrn_radiation.inhomogeneity                    ? 
_diffrn_radiation.monochromator                    ? 
_diffrn_radiation.polarisn_norm                    ? 
_diffrn_radiation.polarisn_ratio                   ? 
_diffrn_radiation.probe                            ? 
_diffrn_radiation.type                             ? 
_diffrn_radiation.xray_symbol                      ? 
_diffrn_radiation.wavelength_id                    1 
_diffrn_radiation.pdbx_monochromatic_or_laue_m_l   M 
_diffrn_radiation.pdbx_wavelength_list             ? 
_diffrn_radiation.pdbx_wavelength                  ? 
_diffrn_radiation.pdbx_diffrn_protocol             'SINGLE WAVELENGTH' 
_diffrn_radiation.pdbx_analyzer                    ? 
_diffrn_radiation.pdbx_scattering_type             x-ray 
# 
_diffrn_radiation_wavelength.id           1 
_diffrn_radiation_wavelength.wavelength   0.97776 
_diffrn_radiation_wavelength.wt           1.0 
# 
_diffrn_source.current                     ? 
_diffrn_source.details                     ? 
_diffrn_source.diffrn_id                   1 
_diffrn_source.power                       ? 
_diffrn_source.size                        ? 
_diffrn_source.source                      SYNCHROTRON 
_diffrn_source.target                      ? 
_diffrn_source.type                        OTHER 
_diffrn_source.voltage                     ? 
_diffrn_source.take-off_angle              ? 
_diffrn_source.pdbx_wavelength_list        0.97776 
_diffrn_source.pdbx_wavelength             ? 
_diffrn_source.pdbx_synchrotron_beamline   ? 
_diffrn_source.pdbx_synchrotron_site       ? 
# 
_reflns.B_iso_Wilson_estimate            ? 
_reflns.entry_id                         5CP5 
_reflns.data_reduction_details           ? 
_reflns.data_reduction_method            ? 
_reflns.d_resolution_high                1.790 
_reflns.d_resolution_low                 47.340 
_reflns.details                          ? 
_reflns.limit_h_max                      ? 
_reflns.limit_h_min                      ? 
_reflns.limit_k_max                      ? 
_reflns.limit_k_min                      ? 
_reflns.limit_l_max                      ? 
_reflns.limit_l_min                      ? 
_reflns.number_all                       ? 
_reflns.number_obs                       11567 
_reflns.observed_criterion               ? 
_reflns.observed_criterion_F_max         ? 
_reflns.observed_criterion_F_min         ? 
_reflns.observed_criterion_I_max         ? 
_reflns.observed_criterion_I_min         ? 
_reflns.observed_criterion_sigma_F       ? 
_reflns.observed_criterion_sigma_I       ? 
_reflns.percent_possible_obs             89.000 
_reflns.R_free_details                   ? 
_reflns.Rmerge_F_all                     ? 
_reflns.Rmerge_F_obs                     ? 
_reflns.Friedel_coverage                 ? 
_reflns.number_gt                        ? 
_reflns.threshold_expression             ? 
_reflns.pdbx_redundancy                  11.800 
_reflns.pdbx_Rmerge_I_obs                0.076 
_reflns.pdbx_Rmerge_I_all                ? 
_reflns.pdbx_Rsym_value                  ? 
_reflns.pdbx_netI_over_av_sigmaI         ? 
_reflns.pdbx_netI_over_sigmaI            21.200 
_reflns.pdbx_res_netI_over_av_sigmaI_2   ? 
_reflns.pdbx_res_netI_over_sigmaI_2      ? 
_reflns.pdbx_chi_squared                 ? 
_reflns.pdbx_scaling_rejects             218 
_reflns.pdbx_d_res_high_opt              ? 
_reflns.pdbx_d_res_low_opt               ? 
_reflns.pdbx_d_res_opt_method            ? 
_reflns.phase_calculation_details        ? 
_reflns.pdbx_Rrim_I_all                  ? 
_reflns.pdbx_Rpim_I_all                  0.023 
_reflns.pdbx_d_opt                       ? 
_reflns.pdbx_number_measured_all         136769 
_reflns.pdbx_diffrn_id                   1 
_reflns.pdbx_ordinal                     1 
_reflns.pdbx_CC_half                     0.998 
_reflns.pdbx_R_split                     ? 
# 
loop_
_reflns_shell.d_res_high 
_reflns_shell.d_res_low 
_reflns_shell.meanI_over_sigI_all 
_reflns_shell.meanI_over_sigI_obs 
_reflns_shell.number_measured_all 
_reflns_shell.number_measured_obs 
_reflns_shell.number_possible 
_reflns_shell.number_unique_all 
_reflns_shell.number_unique_obs 
_reflns_shell.percent_possible_all 
_reflns_shell.percent_possible_obs 
_reflns_shell.Rmerge_F_all 
_reflns_shell.Rmerge_F_obs 
_reflns_shell.Rmerge_I_all 
_reflns_shell.Rmerge_I_obs 
_reflns_shell.meanI_over_sigI_gt 
_reflns_shell.meanI_over_uI_all 
_reflns_shell.meanI_over_uI_gt 
_reflns_shell.number_measured_gt 
_reflns_shell.number_unique_gt 
_reflns_shell.percent_possible_gt 
_reflns_shell.Rmerge_F_gt 
_reflns_shell.Rmerge_I_gt 
_reflns_shell.pdbx_redundancy 
_reflns_shell.pdbx_Rsym_value 
_reflns_shell.pdbx_chi_squared 
_reflns_shell.pdbx_netI_over_sigmaI_all 
_reflns_shell.pdbx_netI_over_sigmaI_obs 
_reflns_shell.pdbx_Rrim_I_all 
_reflns_shell.pdbx_Rpim_I_all 
_reflns_shell.pdbx_rejects 
_reflns_shell.pdbx_ordinal 
_reflns_shell.pdbx_diffrn_id 
_reflns_shell.pdbx_CC_half 
_reflns_shell.pdbx_R_split 
1.790 1.830  ? 8.300  8105 ? ? 746 ? 100.000 ? ? ? ? 0.267 ? ? ? ? ? ? ? ? 10.900 ? ? ? ? ? 0.084 0 1 1 0.985 ? 
8.950 47.340 ? 28.900 1348 ? ? 136 ? 99.700  ? ? ? ? 0.063 ? ? ? ? ? ? ? ? 9.900  ? ? ? ? ? 0.019 0 2 1 0.998 ? 
# 
_refine.aniso_B[1][1]                            1.6400 
_refine.aniso_B[1][2]                            0.0000 
_refine.aniso_B[1][3]                            0.0000 
_refine.aniso_B[2][2]                            -0.4600 
_refine.aniso_B[2][3]                            0.0000 
_refine.aniso_B[3][3]                            -1.1700 
_refine.B_iso_max                                54.240 
_refine.B_iso_mean                               20.8320 
_refine.B_iso_min                                11.470 
_refine.correlation_coeff_Fo_to_Fc               0.9490 
_refine.correlation_coeff_Fo_to_Fc_free          0.9140 
_refine.details                                  
'HYDROGENS HAVE BEEN ADDED IN THE RIDING POSITIONS U VALUES      : REFINED INDIVIDUALLY' 
_refine.diff_density_max                         ? 
_refine.diff_density_max_esd                     ? 
_refine.diff_density_min                         ? 
_refine.diff_density_min_esd                     ? 
_refine.diff_density_rms                         ? 
_refine.diff_density_rms_esd                     ? 
_refine.entry_id                                 5CP5 
_refine.pdbx_refine_id                           'X-RAY DIFFRACTION' 
_refine.ls_abs_structure_details                 ? 
_refine.ls_abs_structure_Flack                   ? 
_refine.ls_abs_structure_Flack_esd               ? 
_refine.ls_abs_structure_Rogers                  ? 
_refine.ls_abs_structure_Rogers_esd              ? 
_refine.ls_d_res_high                            1.7900 
_refine.ls_d_res_low                             40.4100 
_refine.ls_extinction_coef                       ? 
_refine.ls_extinction_coef_esd                   ? 
_refine.ls_extinction_expression                 ? 
_refine.ls_extinction_method                     ? 
_refine.ls_goodness_of_fit_all                   ? 
_refine.ls_goodness_of_fit_all_esd               ? 
_refine.ls_goodness_of_fit_obs                   ? 
_refine.ls_goodness_of_fit_obs_esd               ? 
_refine.ls_hydrogen_treatment                    ? 
_refine.ls_matrix_type                           ? 
_refine.ls_number_constraints                    ? 
_refine.ls_number_parameters                     ? 
_refine.ls_number_reflns_all                     ? 
_refine.ls_number_reflns_obs                     10948 
_refine.ls_number_reflns_R_free                  579 
_refine.ls_number_reflns_R_work                  ? 
_refine.ls_number_restraints                     ? 
_refine.ls_percent_reflns_obs                    89.1400 
_refine.ls_percent_reflns_R_free                 5.0000 
_refine.ls_R_factor_all                          ? 
_refine.ls_R_factor_obs                          0.1966 
_refine.ls_R_factor_R_free                       0.2423 
_refine.ls_R_factor_R_free_error                 ? 
_refine.ls_R_factor_R_free_error_details         ? 
_refine.ls_R_factor_R_work                       0.1943 
_refine.ls_R_Fsqd_factor_obs                     ? 
_refine.ls_R_I_factor_obs                        ? 
_refine.ls_redundancy_reflns_all                 ? 
_refine.ls_redundancy_reflns_obs                 ? 
_refine.ls_restrained_S_all                      ? 
_refine.ls_restrained_S_obs                      ? 
_refine.ls_shift_over_esd_max                    ? 
_refine.ls_shift_over_esd_mean                   ? 
_refine.ls_structure_factor_coef                 ? 
_refine.ls_weighting_details                     ? 
_refine.ls_weighting_scheme                      ? 
_refine.ls_wR_factor_all                         ? 
_refine.ls_wR_factor_obs                         ? 
_refine.ls_wR_factor_R_free                      ? 
_refine.ls_wR_factor_R_work                      ? 
_refine.occupancy_max                            ? 
_refine.occupancy_min                            ? 
_refine.solvent_model_details                    MASK 
_refine.solvent_model_param_bsol                 ? 
_refine.solvent_model_param_ksol                 ? 
_refine.ls_R_factor_gt                           ? 
_refine.ls_goodness_of_fit_gt                    ? 
_refine.ls_goodness_of_fit_ref                   ? 
_refine.ls_shift_over_su_max                     ? 
_refine.ls_shift_over_su_max_lt                  ? 
_refine.ls_shift_over_su_mean                    ? 
_refine.ls_shift_over_su_mean_lt                 ? 
_refine.pdbx_ls_sigma_I                          ? 
_refine.pdbx_ls_sigma_F                          0.000 
_refine.pdbx_ls_sigma_Fsqd                       ? 
_refine.pdbx_data_cutoff_high_absF               ? 
_refine.pdbx_data_cutoff_high_rms_absF           ? 
_refine.pdbx_data_cutoff_low_absF                ? 
_refine.pdbx_isotropic_thermal_model             ? 
_refine.pdbx_ls_cross_valid_method               THROUGHOUT 
_refine.pdbx_method_to_determine_struct          'MOLECULAR REPLACEMENT' 
_refine.pdbx_starting_model                      ? 
_refine.pdbx_stereochemistry_target_values       'MAXIMUM LIKELIHOOD' 
_refine.pdbx_R_Free_selection_details            RANDOM 
_refine.pdbx_stereochem_target_val_spec_case     ? 
_refine.pdbx_overall_ESU_R                       0.1600 
_refine.pdbx_overall_ESU_R_Free                  0.1500 
_refine.pdbx_solvent_vdw_probe_radii             1.2000 
_refine.pdbx_solvent_ion_probe_radii             0.8000 
_refine.pdbx_solvent_shrinkage_radii             0.8000 
_refine.pdbx_real_space_R                        ? 
_refine.pdbx_density_correlation                 ? 
_refine.pdbx_pd_number_of_powder_patterns        ? 
_refine.pdbx_pd_number_of_points                 ? 
_refine.pdbx_pd_meas_number_of_points            ? 
_refine.pdbx_pd_proc_ls_prof_R_factor            ? 
_refine.pdbx_pd_proc_ls_prof_wR_factor           ? 
_refine.pdbx_pd_Marquardt_correlation_coeff      ? 
_refine.pdbx_pd_Fsqrd_R_factor                   ? 
_refine.pdbx_pd_ls_matrix_band_width             ? 
_refine.pdbx_overall_phase_error                 ? 
_refine.pdbx_overall_SU_R_free_Cruickshank_DPI   ? 
_refine.pdbx_overall_SU_R_free_Blow_DPI          ? 
_refine.pdbx_overall_SU_R_Blow_DPI               ? 
_refine.pdbx_TLS_residual_ADP_flag               ? 
_refine.pdbx_diffrn_id                           1 
_refine.overall_SU_B                             2.7410 
_refine.overall_SU_ML                            0.0870 
_refine.overall_SU_R_Cruickshank_DPI             ? 
_refine.overall_SU_R_free                        ? 
_refine.overall_FOM_free_R_set                   ? 
_refine.overall_FOM_work_R_set                   ? 
_refine.pdbx_average_fsc_overall                 ? 
_refine.pdbx_average_fsc_work                    ? 
_refine.pdbx_average_fsc_free                    ? 
# 
_refine_hist.cycle_id                         final 
_refine_hist.pdbx_refine_id                   'X-RAY DIFFRACTION' 
_refine_hist.d_res_high                       1.7900 
_refine_hist.d_res_low                        40.4100 
_refine_hist.pdbx_number_atoms_ligand         34 
_refine_hist.number_atoms_solvent             86 
_refine_hist.number_atoms_total               1177 
_refine_hist.pdbx_number_residues_total       127 
_refine_hist.pdbx_B_iso_mean_ligand           22.08 
_refine_hist.pdbx_B_iso_mean_solvent          28.67 
_refine_hist.pdbx_number_atoms_protein        1057 
_refine_hist.pdbx_number_atoms_nucleic_acid   0 
# 
loop_
_refine_ls_restr.pdbx_refine_id 
_refine_ls_restr.criterion 
_refine_ls_restr.dev_ideal 
_refine_ls_restr.dev_ideal_target 
_refine_ls_restr.number 
_refine_ls_restr.rejects 
_refine_ls_restr.type 
_refine_ls_restr.weight 
_refine_ls_restr.pdbx_restraint_function 
'X-RAY DIFFRACTION' ? 0.010  0.020  1123 ? r_bond_refined_d       ? ? 
'X-RAY DIFFRACTION' ? 0.003  0.020  1063 ? r_bond_other_d         ? ? 
'X-RAY DIFFRACTION' ? 1.489  2.003  1529 ? r_angle_refined_deg    ? ? 
'X-RAY DIFFRACTION' ? 0.974  3.004  2453 ? r_angle_other_deg      ? ? 
'X-RAY DIFFRACTION' ? 5.742  5.000  126  ? r_dihedral_angle_1_deg ? ? 
'X-RAY DIFFRACTION' ? 35.840 25.472 53   ? r_dihedral_angle_2_deg ? ? 
'X-RAY DIFFRACTION' ? 15.064 15.000 193  ? r_dihedral_angle_3_deg ? ? 
'X-RAY DIFFRACTION' ? 17.257 15.000 4    ? r_dihedral_angle_4_deg ? ? 
'X-RAY DIFFRACTION' ? 0.072  0.200  158  ? r_chiral_restr         ? ? 
'X-RAY DIFFRACTION' ? 0.006  0.021  1249 ? r_gen_planes_refined   ? ? 
'X-RAY DIFFRACTION' ? 0.001  0.020  257  ? r_gen_planes_other     ? ? 
'X-RAY DIFFRACTION' ? 1.269  1.905  507  ? r_mcbond_it            ? ? 
'X-RAY DIFFRACTION' ? 1.259  1.902  506  ? r_mcbond_other         ? ? 
'X-RAY DIFFRACTION' ? 1.994  2.847  632  ? r_mcangle_it           ? ? 
# 
_refine_ls_shell.pdbx_refine_id                   'X-RAY DIFFRACTION' 
_refine_ls_shell.d_res_high                       1.7900 
_refine_ls_shell.d_res_low                        1.8360 
_refine_ls_shell.number_reflns_all                921 
_refine_ls_shell.number_reflns_obs                ? 
_refine_ls_shell.number_reflns_R_free             49 
_refine_ls_shell.number_reflns_R_work             872 
_refine_ls_shell.percent_reflns_obs               99.8900 
_refine_ls_shell.percent_reflns_R_free            ? 
_refine_ls_shell.R_factor_all                     ? 
_refine_ls_shell.R_factor_obs                     ? 
_refine_ls_shell.R_factor_R_free                  0.2960 
_refine_ls_shell.R_factor_R_free_error            ? 
_refine_ls_shell.R_factor_R_work                  0.2030 
_refine_ls_shell.redundancy_reflns_all            ? 
_refine_ls_shell.redundancy_reflns_obs            ? 
_refine_ls_shell.wR_factor_all                    ? 
_refine_ls_shell.wR_factor_obs                    ? 
_refine_ls_shell.wR_factor_R_free                 ? 
_refine_ls_shell.wR_factor_R_work                 ? 
_refine_ls_shell.pdbx_total_number_of_bins_used   20 
_refine_ls_shell.pdbx_phase_error                 ? 
_refine_ls_shell.pdbx_fsc_work                    ? 
_refine_ls_shell.pdbx_fsc_free                    ? 
# 
_struct.entry_id                     5CP5 
_struct.title                        
'Crystal Structure of the first bromodomain of human BRD4 in complex with benzo[cd]indol-2(1H)-one ligand' 
_struct.pdbx_model_details           ? 
_struct.pdbx_formula_weight          ? 
_struct.pdbx_formula_weight_method   ? 
_struct.pdbx_model_type_details      ? 
_struct.pdbx_CASP_flag               ? 
# 
_struct_keywords.entry_id        5CP5 
_struct_keywords.text            
'BRD4, Bromodomain, Four Alpha Helices, Transcription-transcr, SIGNALING PROTEIN-INHIBITOR complex' 
_struct_keywords.pdbx_keywords   'SIGNALING PROTEIN/INHIBITOR' 
# 
loop_
_struct_asym.id 
_struct_asym.pdbx_blank_PDB_chainid_flag 
_struct_asym.pdbx_modified 
_struct_asym.entity_id 
_struct_asym.details 
A N N 1 ? 
B N N 2 ? 
C N N 3 ? 
D N N 4 ? 
E N N 5 ? 
# 
_struct_ref.id                         1 
_struct_ref.db_name                    UNP 
_struct_ref.db_code                    BRD4_HUMAN 
_struct_ref.pdbx_db_accession          O60885 
_struct_ref.pdbx_db_isoform            ? 
_struct_ref.entity_id                  1 
_struct_ref.pdbx_seq_one_letter_code   
;NPPPPETSNPNKPKRQTNQLQYLLRVVLKTLWKHQFAWPFQQPVDAVKLNLPDYYKIIKTPMDMGTIKKRLENNYYWNAQ
ECIQDFNTMFTNCYIYNKPGDDIVLMAEALEKLFLQKINELPTEE
;
_struct_ref.pdbx_align_begin           44 
# 
_struct_ref_seq.align_id                      1 
_struct_ref_seq.ref_id                        1 
_struct_ref_seq.pdbx_PDB_id_code              5CP5 
_struct_ref_seq.pdbx_strand_id                A 
_struct_ref_seq.seq_align_beg                 17 
_struct_ref_seq.pdbx_seq_align_beg_ins_code   ? 
_struct_ref_seq.seq_align_end                 141 
_struct_ref_seq.pdbx_seq_align_end_ins_code   ? 
_struct_ref_seq.pdbx_db_accession             O60885 
_struct_ref_seq.db_align_beg                  44 
_struct_ref_seq.pdbx_db_align_beg_ins_code    ? 
_struct_ref_seq.db_align_end                  168 
_struct_ref_seq.pdbx_db_align_end_ins_code    ? 
_struct_ref_seq.pdbx_auth_seq_align_beg       44 
_struct_ref_seq.pdbx_auth_seq_align_end       168 
# 
loop_
_struct_ref_seq_dif.align_id 
_struct_ref_seq_dif.pdbx_pdb_id_code 
_struct_ref_seq_dif.mon_id 
_struct_ref_seq_dif.pdbx_pdb_strand_id 
_struct_ref_seq_dif.seq_num 
_struct_ref_seq_dif.pdbx_pdb_ins_code 
_struct_ref_seq_dif.pdbx_seq_db_name 
_struct_ref_seq_dif.pdbx_seq_db_accession_code 
_struct_ref_seq_dif.db_mon_id 
_struct_ref_seq_dif.pdbx_seq_db_seq_num 
_struct_ref_seq_dif.details 
_struct_ref_seq_dif.pdbx_auth_seq_num 
_struct_ref_seq_dif.pdbx_ordinal 
1 5CP5 MET A 1  ? UNP O60885 ? ? 'initiating methionine' 28 1  
1 5CP5 LYS A 2  ? UNP O60885 ? ? 'expression tag'        29 2  
1 5CP5 LYS A 3  ? UNP O60885 ? ? 'expression tag'        30 3  
1 5CP5 GLY A 4  ? UNP O60885 ? ? 'expression tag'        31 4  
1 5CP5 HIS A 5  ? UNP O60885 ? ? 'expression tag'        32 5  
1 5CP5 HIS A 6  ? UNP O60885 ? ? 'expression tag'        33 6  
1 5CP5 HIS A 7  ? UNP O60885 ? ? 'expression tag'        34 7  
1 5CP5 HIS A 8  ? UNP O60885 ? ? 'expression tag'        35 8  
1 5CP5 HIS A 9  ? UNP O60885 ? ? 'expression tag'        36 9  
1 5CP5 HIS A 10 ? UNP O60885 ? ? 'expression tag'        37 10 
1 5CP5 LEU A 11 ? UNP O60885 ? ? 'expression tag'        38 11 
1 5CP5 VAL A 12 ? UNP O60885 ? ? 'expression tag'        39 12 
1 5CP5 PRO A 13 ? UNP O60885 ? ? 'expression tag'        40 13 
1 5CP5 ARG A 14 ? UNP O60885 ? ? 'expression tag'        41 14 
1 5CP5 GLY A 15 ? UNP O60885 ? ? 'expression tag'        42 15 
1 5CP5 SER A 16 ? UNP O60885 ? ? 'expression tag'        43 16 
# 
_pdbx_struct_assembly.id                   1 
_pdbx_struct_assembly.details              author_defined_assembly 
_pdbx_struct_assembly.method_details       ? 
_pdbx_struct_assembly.oligomeric_details   monomeric 
_pdbx_struct_assembly.oligomeric_count     1 
# 
loop_
_pdbx_struct_assembly_prop.biol_id 
_pdbx_struct_assembly_prop.type 
_pdbx_struct_assembly_prop.value 
_pdbx_struct_assembly_prop.details 
1 'ABSA (A^2)' 390  ? 
1 MORE         4    ? 
1 'SSA (A^2)'  7440 ? 
# 
_pdbx_struct_assembly_gen.assembly_id       1 
_pdbx_struct_assembly_gen.oper_expression   1 
_pdbx_struct_assembly_gen.asym_id_list      A,B,C,D,E 
# 
_pdbx_struct_oper_list.id                   1 
_pdbx_struct_oper_list.type                 'identity operation' 
_pdbx_struct_oper_list.name                 1_555 
_pdbx_struct_oper_list.symmetry_operation   x,y,z 
_pdbx_struct_oper_list.matrix[1][1]         1.0000000000 
_pdbx_struct_oper_list.matrix[1][2]         0.0000000000 
_pdbx_struct_oper_list.matrix[1][3]         0.0000000000 
_pdbx_struct_oper_list.vector[1]            0.0000000000 
_pdbx_struct_oper_list.matrix[2][1]         0.0000000000 
_pdbx_struct_oper_list.matrix[2][2]         1.0000000000 
_pdbx_struct_oper_list.matrix[2][3]         0.0000000000 
_pdbx_struct_oper_list.vector[2]            0.0000000000 
_pdbx_struct_oper_list.matrix[3][1]         0.0000000000 
_pdbx_struct_oper_list.matrix[3][2]         0.0000000000 
_pdbx_struct_oper_list.matrix[3][3]         1.0000000000 
_pdbx_struct_oper_list.vector[3]            0.0000000000 
# 
loop_
_struct_conf.conf_type_id 
_struct_conf.id 
_struct_conf.pdbx_PDB_helix_id 
_struct_conf.beg_label_comp_id 
_struct_conf.beg_label_asym_id 
_struct_conf.beg_label_seq_id 
_struct_conf.pdbx_beg_PDB_ins_code 
_struct_conf.end_label_comp_id 
_struct_conf.end_label_asym_id 
_struct_conf.end_label_seq_id 
_struct_conf.pdbx_end_PDB_ins_code 
_struct_conf.beg_auth_comp_id 
_struct_conf.beg_auth_asym_id 
_struct_conf.beg_auth_seq_id 
_struct_conf.end_auth_comp_id 
_struct_conf.end_auth_asym_id 
_struct_conf.end_auth_seq_id 
_struct_conf.pdbx_PDB_helix_class 
_struct_conf.details 
_struct_conf.pdbx_PDB_helix_length 
HELX_P HELX_P1 AA1 THR A 33  ? VAL A 42  ? THR A 60  VAL A 69  1 ? 10 
HELX_P HELX_P2 AA2 VAL A 42  ? HIS A 50  ? VAL A 69  HIS A 77  1 ? 9  
HELX_P HELX_P3 AA3 ALA A 53  ? GLN A 57  ? ALA A 80  GLN A 84  5 ? 5  
HELX_P HELX_P4 AA4 ASP A 69  ? ILE A 74  ? ASP A 96  ILE A 101 1 ? 6  
HELX_P HELX_P5 AA5 ASP A 79  ? ASN A 89  ? ASP A 106 ASN A 116 1 ? 11 
HELX_P HELX_P6 AA6 ASN A 94  ? ASN A 113 ? ASN A 121 ASN A 140 1 ? 20 
HELX_P HELX_P7 AA7 ASP A 117 ? GLU A 136 ? ASP A 144 GLU A 163 1 ? 20 
# 
_struct_conf_type.id          HELX_P 
_struct_conf_type.criteria    ? 
_struct_conf_type.reference   ? 
# 
_struct_mon_prot_cis.pdbx_id                1 
_struct_mon_prot_cis.label_comp_id          ARG 
_struct_mon_prot_cis.label_seq_id           14 
_struct_mon_prot_cis.label_asym_id          A 
_struct_mon_prot_cis.label_alt_id           . 
_struct_mon_prot_cis.pdbx_PDB_ins_code      ? 
_struct_mon_prot_cis.auth_comp_id           ARG 
_struct_mon_prot_cis.auth_seq_id            41 
_struct_mon_prot_cis.auth_asym_id           A 
_struct_mon_prot_cis.pdbx_label_comp_id_2   GLY 
_struct_mon_prot_cis.pdbx_label_seq_id_2    15 
_struct_mon_prot_cis.pdbx_label_asym_id_2   A 
_struct_mon_prot_cis.pdbx_PDB_ins_code_2    ? 
_struct_mon_prot_cis.pdbx_auth_comp_id_2    GLY 
_struct_mon_prot_cis.pdbx_auth_seq_id_2     42 
_struct_mon_prot_cis.pdbx_auth_asym_id_2    A 
_struct_mon_prot_cis.pdbx_PDB_model_num     1 
_struct_mon_prot_cis.pdbx_omega_angle       -10.80 
# 
loop_
_struct_site.id 
_struct_site.pdbx_evidence_code 
_struct_site.pdbx_auth_asym_id 
_struct_site.pdbx_auth_comp_id 
_struct_site.pdbx_auth_seq_id 
_struct_site.pdbx_auth_ins_code 
_struct_site.pdbx_num_residues 
_struct_site.details 
AC1 Software A EB0 201 ? 12 'binding site for residue EB0 A 201' 
AC2 Software A EDO 202 ? 5  'binding site for residue EDO A 202' 
AC3 Software A NO3 203 ? 3  'binding site for residue NO3 A 203' 
# 
loop_
_struct_site_gen.id 
_struct_site_gen.site_id 
_struct_site_gen.pdbx_num_res 
_struct_site_gen.label_comp_id 
_struct_site_gen.label_asym_id 
_struct_site_gen.label_seq_id 
_struct_site_gen.pdbx_auth_ins_code 
_struct_site_gen.auth_comp_id 
_struct_site_gen.auth_asym_id 
_struct_site_gen.auth_seq_id 
_struct_site_gen.label_atom_id 
_struct_site_gen.label_alt_id 
_struct_site_gen.symmetry 
_struct_site_gen.details 
1  AC1 12 TRP A 54  ? TRP A 81  . ? 1_555 ? 
2  AC1 12 PRO A 55  ? PRO A 82  . ? 1_555 ? 
3  AC1 12 PHE A 56  ? PHE A 83  . ? 1_555 ? 
4  AC1 12 VAL A 60  ? VAL A 87  . ? 1_555 ? 
5  AC1 12 LEU A 65  ? LEU A 92  . ? 1_555 ? 
6  AC1 12 LYS A 72  ? LYS A 99  . ? 4_555 ? 
7  AC1 12 ASN A 113 ? ASN A 140 . ? 1_555 ? 
8  AC1 12 ASP A 118 ? ASP A 145 . ? 1_555 ? 
9  AC1 12 ILE A 119 ? ILE A 146 . ? 1_555 ? 
10 AC1 12 MET A 122 ? MET A 149 . ? 1_555 ? 
11 AC1 12 HOH E .   ? HOH A 302 . ? 1_555 ? 
12 AC1 12 HOH E .   ? HOH A 329 . ? 1_555 ? 
13 AC2 5  ILE A 73  ? ILE A 100 . ? 1_555 ? 
14 AC2 5  ILE A 74  ? ILE A 101 . ? 1_555 ? 
15 AC2 5  LYS A 75  ? LYS A 102 . ? 1_555 ? 
16 AC2 5  THR A 76  ? THR A 103 . ? 1_555 ? 
17 AC2 5  ASN A 108 ? ASN A 135 . ? 1_555 ? 
18 AC3 3  GLY A 81  ? GLY A 108 . ? 1_555 ? 
19 AC3 3  THR A 82  ? THR A 109 . ? 1_555 ? 
20 AC3 3  LYS A 85  ? LYS A 112 . ? 1_555 ? 
# 
_pdbx_validate_torsion.id              1 
_pdbx_validate_torsion.PDB_model_num   1 
_pdbx_validate_torsion.auth_comp_id    ARG 
_pdbx_validate_torsion.auth_asym_id    A 
_pdbx_validate_torsion.auth_seq_id     41 
_pdbx_validate_torsion.PDB_ins_code    ? 
_pdbx_validate_torsion.label_alt_id    ? 
_pdbx_validate_torsion.phi             174.98 
_pdbx_validate_torsion.psi             146.06 
# 
loop_
_pdbx_unobs_or_zero_occ_residues.id 
_pdbx_unobs_or_zero_occ_residues.PDB_model_num 
_pdbx_unobs_or_zero_occ_residues.polymer_flag 
_pdbx_unobs_or_zero_occ_residues.occupancy_flag 
_pdbx_unobs_or_zero_occ_residues.auth_asym_id 
_pdbx_unobs_or_zero_occ_residues.auth_comp_id 
_pdbx_unobs_or_zero_occ_residues.auth_seq_id 
_pdbx_unobs_or_zero_occ_residues.PDB_ins_code 
_pdbx_unobs_or_zero_occ_residues.label_asym_id 
_pdbx_unobs_or_zero_occ_residues.label_comp_id 
_pdbx_unobs_or_zero_occ_residues.label_seq_id 
1  1 Y 1 A MET 28  ? A MET 1   
2  1 Y 1 A LYS 29  ? A LYS 2   
3  1 Y 1 A LYS 30  ? A LYS 3   
4  1 Y 1 A GLY 31  ? A GLY 4   
5  1 Y 1 A HIS 32  ? A HIS 5   
6  1 Y 1 A HIS 33  ? A HIS 6   
7  1 Y 1 A HIS 34  ? A HIS 7   
8  1 Y 1 A HIS 35  ? A HIS 8   
9  1 Y 1 A HIS 36  ? A HIS 9   
10 1 Y 1 A HIS 37  ? A HIS 10  
11 1 Y 1 A LEU 38  ? A LEU 11  
12 1 Y 1 A VAL 39  ? A VAL 12  
13 1 Y 1 A GLU 167 ? A GLU 140 
14 1 Y 1 A GLU 168 ? A GLU 141 
# 
loop_
_chem_comp_atom.comp_id 
_chem_comp_atom.atom_id 
_chem_comp_atom.type_symbol 
_chem_comp_atom.pdbx_aromatic_flag 
_chem_comp_atom.pdbx_stereo_config 
_chem_comp_atom.pdbx_ordinal 
ALA N    N N N 1   
ALA CA   C N S 2   
ALA C    C N N 3   
ALA O    O N N 4   
ALA CB   C N N 5   
ALA OXT  O N N 6   
ALA H    H N N 7   
ALA H2   H N N 8   
ALA HA   H N N 9   
ALA HB1  H N N 10  
ALA HB2  H N N 11  
ALA HB3  H N N 12  
ALA HXT  H N N 13  
ARG N    N N N 14  
ARG CA   C N S 15  
ARG C    C N N 16  
ARG O    O N N 17  
ARG CB   C N N 18  
ARG CG   C N N 19  
ARG CD   C N N 20  
ARG NE   N N N 21  
ARG CZ   C N N 22  
ARG NH1  N N N 23  
ARG NH2  N N N 24  
ARG OXT  O N N 25  
ARG H    H N N 26  
ARG H2   H N N 27  
ARG HA   H N N 28  
ARG HB2  H N N 29  
ARG HB3  H N N 30  
ARG HG2  H N N 31  
ARG HG3  H N N 32  
ARG HD2  H N N 33  
ARG HD3  H N N 34  
ARG HE   H N N 35  
ARG HH11 H N N 36  
ARG HH12 H N N 37  
ARG HH21 H N N 38  
ARG HH22 H N N 39  
ARG HXT  H N N 40  
ASN N    N N N 41  
ASN CA   C N S 42  
ASN C    C N N 43  
ASN O    O N N 44  
ASN CB   C N N 45  
ASN CG   C N N 46  
ASN OD1  O N N 47  
ASN ND2  N N N 48  
ASN OXT  O N N 49  
ASN H    H N N 50  
ASN H2   H N N 51  
ASN HA   H N N 52  
ASN HB2  H N N 53  
ASN HB3  H N N 54  
ASN HD21 H N N 55  
ASN HD22 H N N 56  
ASN HXT  H N N 57  
ASP N    N N N 58  
ASP CA   C N S 59  
ASP C    C N N 60  
ASP O    O N N 61  
ASP CB   C N N 62  
ASP CG   C N N 63  
ASP OD1  O N N 64  
ASP OD2  O N N 65  
ASP OXT  O N N 66  
ASP H    H N N 67  
ASP H2   H N N 68  
ASP HA   H N N 69  
ASP HB2  H N N 70  
ASP HB3  H N N 71  
ASP HD2  H N N 72  
ASP HXT  H N N 73  
CYS N    N N N 74  
CYS CA   C N R 75  
CYS C    C N N 76  
CYS O    O N N 77  
CYS CB   C N N 78  
CYS SG   S N N 79  
CYS OXT  O N N 80  
CYS H    H N N 81  
CYS H2   H N N 82  
CYS HA   H N N 83  
CYS HB2  H N N 84  
CYS HB3  H N N 85  
CYS HG   H N N 86  
CYS HXT  H N N 87  
EB0 CAO  C N N 88  
EB0 CAN  C N N 89  
EB0 NAK  N N N 90  
EB0 CAL  C N N 91  
EB0 OAM  O N N 92  
EB0 CAJ  C Y N 93  
EB0 CAI  C Y N 94  
EB0 CAH  C Y N 95  
EB0 CAG  C Y N 96  
EB0 CAD  C Y N 97  
EB0 CAE  C Y N 98  
EB0 CAF  C Y N 99  
EB0 CAA  C Y N 100 
EB0 CAB  C Y N 101 
EB0 CAC  C Y N 102 
EB0 SAP  S N N 103 
EB0 OAQ  O N N 104 
EB0 OAR  O N N 105 
EB0 NAS  N N N 106 
EB0 CAT  C Y N 107 
EB0 CAU  C Y N 108 
EB0 CAV  C Y N 109 
EB0 CAW  C Y N 110 
EB0 FAZ  F N N 111 
EB0 CAX  C Y N 112 
EB0 CAY  C Y N 113 
EB0 H1   H N N 114 
EB0 H2   H N N 115 
EB0 H3   H N N 116 
EB0 H4   H N N 117 
EB0 H5   H N N 118 
EB0 H6   H N N 119 
EB0 H7   H N N 120 
EB0 H8   H N N 121 
EB0 H9   H N N 122 
EB0 H10  H N N 123 
EB0 H11  H N N 124 
EB0 H12  H N N 125 
EB0 H13  H N N 126 
EB0 H14  H N N 127 
EB0 H15  H N N 128 
EDO C1   C N N 129 
EDO O1   O N N 130 
EDO C2   C N N 131 
EDO O2   O N N 132 
EDO H11  H N N 133 
EDO H12  H N N 134 
EDO HO1  H N N 135 
EDO H21  H N N 136 
EDO H22  H N N 137 
EDO HO2  H N N 138 
GLN N    N N N 139 
GLN CA   C N S 140 
GLN C    C N N 141 
GLN O    O N N 142 
GLN CB   C N N 143 
GLN CG   C N N 144 
GLN CD   C N N 145 
GLN OE1  O N N 146 
GLN NE2  N N N 147 
GLN OXT  O N N 148 
GLN H    H N N 149 
GLN H2   H N N 150 
GLN HA   H N N 151 
GLN HB2  H N N 152 
GLN HB3  H N N 153 
GLN HG2  H N N 154 
GLN HG3  H N N 155 
GLN HE21 H N N 156 
GLN HE22 H N N 157 
GLN HXT  H N N 158 
GLU N    N N N 159 
GLU CA   C N S 160 
GLU C    C N N 161 
GLU O    O N N 162 
GLU CB   C N N 163 
GLU CG   C N N 164 
GLU CD   C N N 165 
GLU OE1  O N N 166 
GLU OE2  O N N 167 
GLU OXT  O N N 168 
GLU H    H N N 169 
GLU H2   H N N 170 
GLU HA   H N N 171 
GLU HB2  H N N 172 
GLU HB3  H N N 173 
GLU HG2  H N N 174 
GLU HG3  H N N 175 
GLU HE2  H N N 176 
GLU HXT  H N N 177 
GLY N    N N N 178 
GLY CA   C N N 179 
GLY C    C N N 180 
GLY O    O N N 181 
GLY OXT  O N N 182 
GLY H    H N N 183 
GLY H2   H N N 184 
GLY HA2  H N N 185 
GLY HA3  H N N 186 
GLY HXT  H N N 187 
HIS N    N N N 188 
HIS CA   C N S 189 
HIS C    C N N 190 
HIS O    O N N 191 
HIS CB   C N N 192 
HIS CG   C Y N 193 
HIS ND1  N Y N 194 
HIS CD2  C Y N 195 
HIS CE1  C Y N 196 
HIS NE2  N Y N 197 
HIS OXT  O N N 198 
HIS H    H N N 199 
HIS H2   H N N 200 
HIS HA   H N N 201 
HIS HB2  H N N 202 
HIS HB3  H N N 203 
HIS HD1  H N N 204 
HIS HD2  H N N 205 
HIS HE1  H N N 206 
HIS HE2  H N N 207 
HIS HXT  H N N 208 
HOH O    O N N 209 
HOH H1   H N N 210 
HOH H2   H N N 211 
ILE N    N N N 212 
ILE CA   C N S 213 
ILE C    C N N 214 
ILE O    O N N 215 
ILE CB   C N S 216 
ILE CG1  C N N 217 
ILE CG2  C N N 218 
ILE CD1  C N N 219 
ILE OXT  O N N 220 
ILE H    H N N 221 
ILE H2   H N N 222 
ILE HA   H N N 223 
ILE HB   H N N 224 
ILE HG12 H N N 225 
ILE HG13 H N N 226 
ILE HG21 H N N 227 
ILE HG22 H N N 228 
ILE HG23 H N N 229 
ILE HD11 H N N 230 
ILE HD12 H N N 231 
ILE HD13 H N N 232 
ILE HXT  H N N 233 
LEU N    N N N 234 
LEU CA   C N S 235 
LEU C    C N N 236 
LEU O    O N N 237 
LEU CB   C N N 238 
LEU CG   C N N 239 
LEU CD1  C N N 240 
LEU CD2  C N N 241 
LEU OXT  O N N 242 
LEU H    H N N 243 
LEU H2   H N N 244 
LEU HA   H N N 245 
LEU HB2  H N N 246 
LEU HB3  H N N 247 
LEU HG   H N N 248 
LEU HD11 H N N 249 
LEU HD12 H N N 250 
LEU HD13 H N N 251 
LEU HD21 H N N 252 
LEU HD22 H N N 253 
LEU HD23 H N N 254 
LEU HXT  H N N 255 
LYS N    N N N 256 
LYS CA   C N S 257 
LYS C    C N N 258 
LYS O    O N N 259 
LYS CB   C N N 260 
LYS CG   C N N 261 
LYS CD   C N N 262 
LYS CE   C N N 263 
LYS NZ   N N N 264 
LYS OXT  O N N 265 
LYS H    H N N 266 
LYS H2   H N N 267 
LYS HA   H N N 268 
LYS HB2  H N N 269 
LYS HB3  H N N 270 
LYS HG2  H N N 271 
LYS HG3  H N N 272 
LYS HD2  H N N 273 
LYS HD3  H N N 274 
LYS HE2  H N N 275 
LYS HE3  H N N 276 
LYS HZ1  H N N 277 
LYS HZ2  H N N 278 
LYS HZ3  H N N 279 
LYS HXT  H N N 280 
MET N    N N N 281 
MET CA   C N S 282 
MET C    C N N 283 
MET O    O N N 284 
MET CB   C N N 285 
MET CG   C N N 286 
MET SD   S N N 287 
MET CE   C N N 288 
MET OXT  O N N 289 
MET H    H N N 290 
MET H2   H N N 291 
MET HA   H N N 292 
MET HB2  H N N 293 
MET HB3  H N N 294 
MET HG2  H N N 295 
MET HG3  H N N 296 
MET HE1  H N N 297 
MET HE2  H N N 298 
MET HE3  H N N 299 
MET HXT  H N N 300 
NO3 N    N N N 301 
NO3 O1   O N N 302 
NO3 O2   O N N 303 
NO3 O3   O N N 304 
PHE N    N N N 305 
PHE CA   C N S 306 
PHE C    C N N 307 
PHE O    O N N 308 
PHE CB   C N N 309 
PHE CG   C Y N 310 
PHE CD1  C Y N 311 
PHE CD2  C Y N 312 
PHE CE1  C Y N 313 
PHE CE2  C Y N 314 
PHE CZ   C Y N 315 
PHE OXT  O N N 316 
PHE H    H N N 317 
PHE H2   H N N 318 
PHE HA   H N N 319 
PHE HB2  H N N 320 
PHE HB3  H N N 321 
PHE HD1  H N N 322 
PHE HD2  H N N 323 
PHE HE1  H N N 324 
PHE HE2  H N N 325 
PHE HZ   H N N 326 
PHE HXT  H N N 327 
PRO N    N N N 328 
PRO CA   C N S 329 
PRO C    C N N 330 
PRO O    O N N 331 
PRO CB   C N N 332 
PRO CG   C N N 333 
PRO CD   C N N 334 
PRO OXT  O N N 335 
PRO H    H N N 336 
PRO HA   H N N 337 
PRO HB2  H N N 338 
PRO HB3  H N N 339 
PRO HG2  H N N 340 
PRO HG3  H N N 341 
PRO HD2  H N N 342 
PRO HD3  H N N 343 
PRO HXT  H N N 344 
SER N    N N N 345 
SER CA   C N S 346 
SER C    C N N 347 
SER O    O N N 348 
SER CB   C N N 349 
SER OG   O N N 350 
SER OXT  O N N 351 
SER H    H N N 352 
SER H2   H N N 353 
SER HA   H N N 354 
SER HB2  H N N 355 
SER HB3  H N N 356 
SER HG   H N N 357 
SER HXT  H N N 358 
THR N    N N N 359 
THR CA   C N S 360 
THR C    C N N 361 
THR O    O N N 362 
THR CB   C N R 363 
THR OG1  O N N 364 
THR CG2  C N N 365 
THR OXT  O N N 366 
THR H    H N N 367 
THR H2   H N N 368 
THR HA   H N N 369 
THR HB   H N N 370 
THR HG1  H N N 371 
THR HG21 H N N 372 
THR HG22 H N N 373 
THR HG23 H N N 374 
THR HXT  H N N 375 
TRP N    N N N 376 
TRP CA   C N S 377 
TRP C    C N N 378 
TRP O    O N N 379 
TRP CB   C N N 380 
TRP CG   C Y N 381 
TRP CD1  C Y N 382 
TRP CD2  C Y N 383 
TRP NE1  N Y N 384 
TRP CE2  C Y N 385 
TRP CE3  C Y N 386 
TRP CZ2  C Y N 387 
TRP CZ3  C Y N 388 
TRP CH2  C Y N 389 
TRP OXT  O N N 390 
TRP H    H N N 391 
TRP H2   H N N 392 
TRP HA   H N N 393 
TRP HB2  H N N 394 
TRP HB3  H N N 395 
TRP HD1  H N N 396 
TRP HE1  H N N 397 
TRP HE3  H N N 398 
TRP HZ2  H N N 399 
TRP HZ3  H N N 400 
TRP HH2  H N N 401 
TRP HXT  H N N 402 
TYR N    N N N 403 
TYR CA   C N S 404 
TYR C    C N N 405 
TYR O    O N N 406 
TYR CB   C N N 407 
TYR CG   C Y N 408 
TYR CD1  C Y N 409 
TYR CD2  C Y N 410 
TYR CE1  C Y N 411 
TYR CE2  C Y N 412 
TYR CZ   C Y N 413 
TYR OH   O N N 414 
TYR OXT  O N N 415 
TYR H    H N N 416 
TYR H2   H N N 417 
TYR HA   H N N 418 
TYR HB2  H N N 419 
TYR HB3  H N N 420 
TYR HD1  H N N 421 
TYR HD2  H N N 422 
TYR HE1  H N N 423 
TYR HE2  H N N 424 
TYR HH   H N N 425 
TYR HXT  H N N 426 
VAL N    N N N 427 
VAL CA   C N S 428 
VAL C    C N N 429 
VAL O    O N N 430 
VAL CB   C N N 431 
VAL CG1  C N N 432 
VAL CG2  C N N 433 
VAL OXT  O N N 434 
VAL H    H N N 435 
VAL H2   H N N 436 
VAL HA   H N N 437 
VAL HB   H N N 438 
VAL HG11 H N N 439 
VAL HG12 H N N 440 
VAL HG13 H N N 441 
VAL HG21 H N N 442 
VAL HG22 H N N 443 
VAL HG23 H N N 444 
VAL HXT  H N N 445 
# 
loop_
_chem_comp_bond.comp_id 
_chem_comp_bond.atom_id_1 
_chem_comp_bond.atom_id_2 
_chem_comp_bond.value_order 
_chem_comp_bond.pdbx_aromatic_flag 
_chem_comp_bond.pdbx_stereo_config 
_chem_comp_bond.pdbx_ordinal 
ALA N   CA   sing N N 1   
ALA N   H    sing N N 2   
ALA N   H2   sing N N 3   
ALA CA  C    sing N N 4   
ALA CA  CB   sing N N 5   
ALA CA  HA   sing N N 6   
ALA C   O    doub N N 7   
ALA C   OXT  sing N N 8   
ALA CB  HB1  sing N N 9   
ALA CB  HB2  sing N N 10  
ALA CB  HB3  sing N N 11  
ALA OXT HXT  sing N N 12  
ARG N   CA   sing N N 13  
ARG N   H    sing N N 14  
ARG N   H2   sing N N 15  
ARG CA  C    sing N N 16  
ARG CA  CB   sing N N 17  
ARG CA  HA   sing N N 18  
ARG C   O    doub N N 19  
ARG C   OXT  sing N N 20  
ARG CB  CG   sing N N 21  
ARG CB  HB2  sing N N 22  
ARG CB  HB3  sing N N 23  
ARG CG  CD   sing N N 24  
ARG CG  HG2  sing N N 25  
ARG CG  HG3  sing N N 26  
ARG CD  NE   sing N N 27  
ARG CD  HD2  sing N N 28  
ARG CD  HD3  sing N N 29  
ARG NE  CZ   sing N N 30  
ARG NE  HE   sing N N 31  
ARG CZ  NH1  sing N N 32  
ARG CZ  NH2  doub N N 33  
ARG NH1 HH11 sing N N 34  
ARG NH1 HH12 sing N N 35  
ARG NH2 HH21 sing N N 36  
ARG NH2 HH22 sing N N 37  
ARG OXT HXT  sing N N 38  
ASN N   CA   sing N N 39  
ASN N   H    sing N N 40  
ASN N   H2   sing N N 41  
ASN CA  C    sing N N 42  
ASN CA  CB   sing N N 43  
ASN CA  HA   sing N N 44  
ASN C   O    doub N N 45  
ASN C   OXT  sing N N 46  
ASN CB  CG   sing N N 47  
ASN CB  HB2  sing N N 48  
ASN CB  HB3  sing N N 49  
ASN CG  OD1  doub N N 50  
ASN CG  ND2  sing N N 51  
ASN ND2 HD21 sing N N 52  
ASN ND2 HD22 sing N N 53  
ASN OXT HXT  sing N N 54  
ASP N   CA   sing N N 55  
ASP N   H    sing N N 56  
ASP N   H2   sing N N 57  
ASP CA  C    sing N N 58  
ASP CA  CB   sing N N 59  
ASP CA  HA   sing N N 60  
ASP C   O    doub N N 61  
ASP C   OXT  sing N N 62  
ASP CB  CG   sing N N 63  
ASP CB  HB2  sing N N 64  
ASP CB  HB3  sing N N 65  
ASP CG  OD1  doub N N 66  
ASP CG  OD2  sing N N 67  
ASP OD2 HD2  sing N N 68  
ASP OXT HXT  sing N N 69  
CYS N   CA   sing N N 70  
CYS N   H    sing N N 71  
CYS N   H2   sing N N 72  
CYS CA  C    sing N N 73  
CYS CA  CB   sing N N 74  
CYS CA  HA   sing N N 75  
CYS C   O    doub N N 76  
CYS C   OXT  sing N N 77  
CYS CB  SG   sing N N 78  
CYS CB  HB2  sing N N 79  
CYS CB  HB3  sing N N 80  
CYS SG  HG   sing N N 81  
CYS OXT HXT  sing N N 82  
EB0 FAZ CAW  sing N N 83  
EB0 CAX CAW  doub Y N 84  
EB0 CAX CAY  sing Y N 85  
EB0 CAW CAV  sing Y N 86  
EB0 CAY CAT  doub Y N 87  
EB0 CAV CAU  doub Y N 88  
EB0 CAT NAS  sing N N 89  
EB0 CAT CAU  sing Y N 90  
EB0 NAS SAP  sing N N 91  
EB0 CAH CAG  doub Y N 92  
EB0 CAH CAI  sing Y N 93  
EB0 CAG CAD  sing Y N 94  
EB0 SAP OAR  doub N N 95  
EB0 SAP OAQ  doub N N 96  
EB0 SAP CAC  sing N N 97  
EB0 CAI CAJ  doub Y N 98  
EB0 CAD CAC  doub Y N 99  
EB0 CAD CAE  sing Y N 100 
EB0 CAC CAB  sing Y N 101 
EB0 CAJ CAE  sing Y N 102 
EB0 CAJ CAL  sing N N 103 
EB0 CAE CAF  doub Y N 104 
EB0 CAB CAA  doub Y N 105 
EB0 CAL OAM  doub N N 106 
EB0 CAL NAK  sing N N 107 
EB0 CAF CAA  sing Y N 108 
EB0 CAF NAK  sing N N 109 
EB0 NAK CAN  sing N N 110 
EB0 CAO CAN  sing N N 111 
EB0 CAO H1   sing N N 112 
EB0 CAO H2   sing N N 113 
EB0 CAO H3   sing N N 114 
EB0 CAN H4   sing N N 115 
EB0 CAN H5   sing N N 116 
EB0 CAI H6   sing N N 117 
EB0 CAH H7   sing N N 118 
EB0 CAG H8   sing N N 119 
EB0 CAA H9   sing N N 120 
EB0 CAB H10  sing N N 121 
EB0 NAS H11  sing N N 122 
EB0 CAU H12  sing N N 123 
EB0 CAV H13  sing N N 124 
EB0 CAX H14  sing N N 125 
EB0 CAY H15  sing N N 126 
EDO C1  O1   sing N N 127 
EDO C1  C2   sing N N 128 
EDO C1  H11  sing N N 129 
EDO C1  H12  sing N N 130 
EDO O1  HO1  sing N N 131 
EDO C2  O2   sing N N 132 
EDO C2  H21  sing N N 133 
EDO C2  H22  sing N N 134 
EDO O2  HO2  sing N N 135 
GLN N   CA   sing N N 136 
GLN N   H    sing N N 137 
GLN N   H2   sing N N 138 
GLN CA  C    sing N N 139 
GLN CA  CB   sing N N 140 
GLN CA  HA   sing N N 141 
GLN C   O    doub N N 142 
GLN C   OXT  sing N N 143 
GLN CB  CG   sing N N 144 
GLN CB  HB2  sing N N 145 
GLN CB  HB3  sing N N 146 
GLN CG  CD   sing N N 147 
GLN CG  HG2  sing N N 148 
GLN CG  HG3  sing N N 149 
GLN CD  OE1  doub N N 150 
GLN CD  NE2  sing N N 151 
GLN NE2 HE21 sing N N 152 
GLN NE2 HE22 sing N N 153 
GLN OXT HXT  sing N N 154 
GLU N   CA   sing N N 155 
GLU N   H    sing N N 156 
GLU N   H2   sing N N 157 
GLU CA  C    sing N N 158 
GLU CA  CB   sing N N 159 
GLU CA  HA   sing N N 160 
GLU C   O    doub N N 161 
GLU C   OXT  sing N N 162 
GLU CB  CG   sing N N 163 
GLU CB  HB2  sing N N 164 
GLU CB  HB3  sing N N 165 
GLU CG  CD   sing N N 166 
GLU CG  HG2  sing N N 167 
GLU CG  HG3  sing N N 168 
GLU CD  OE1  doub N N 169 
GLU CD  OE2  sing N N 170 
GLU OE2 HE2  sing N N 171 
GLU OXT HXT  sing N N 172 
GLY N   CA   sing N N 173 
GLY N   H    sing N N 174 
GLY N   H2   sing N N 175 
GLY CA  C    sing N N 176 
GLY CA  HA2  sing N N 177 
GLY CA  HA3  sing N N 178 
GLY C   O    doub N N 179 
GLY C   OXT  sing N N 180 
GLY OXT HXT  sing N N 181 
HIS N   CA   sing N N 182 
HIS N   H    sing N N 183 
HIS N   H2   sing N N 184 
HIS CA  C    sing N N 185 
HIS CA  CB   sing N N 186 
HIS CA  HA   sing N N 187 
HIS C   O    doub N N 188 
HIS C   OXT  sing N N 189 
HIS CB  CG   sing N N 190 
HIS CB  HB2  sing N N 191 
HIS CB  HB3  sing N N 192 
HIS CG  ND1  sing Y N 193 
HIS CG  CD2  doub Y N 194 
HIS ND1 CE1  doub Y N 195 
HIS ND1 HD1  sing N N 196 
HIS CD2 NE2  sing Y N 197 
HIS CD2 HD2  sing N N 198 
HIS CE1 NE2  sing Y N 199 
HIS CE1 HE1  sing N N 200 
HIS NE2 HE2  sing N N 201 
HIS OXT HXT  sing N N 202 
HOH O   H1   sing N N 203 
HOH O   H2   sing N N 204 
ILE N   CA   sing N N 205 
ILE N   H    sing N N 206 
ILE N   H2   sing N N 207 
ILE CA  C    sing N N 208 
ILE CA  CB   sing N N 209 
ILE CA  HA   sing N N 210 
ILE C   O    doub N N 211 
ILE C   OXT  sing N N 212 
ILE CB  CG1  sing N N 213 
ILE CB  CG2  sing N N 214 
ILE CB  HB   sing N N 215 
ILE CG1 CD1  sing N N 216 
ILE CG1 HG12 sing N N 217 
ILE CG1 HG13 sing N N 218 
ILE CG2 HG21 sing N N 219 
ILE CG2 HG22 sing N N 220 
ILE CG2 HG23 sing N N 221 
ILE CD1 HD11 sing N N 222 
ILE CD1 HD12 sing N N 223 
ILE CD1 HD13 sing N N 224 
ILE OXT HXT  sing N N 225 
LEU N   CA   sing N N 226 
LEU N   H    sing N N 227 
LEU N   H2   sing N N 228 
LEU CA  C    sing N N 229 
LEU CA  CB   sing N N 230 
LEU CA  HA   sing N N 231 
LEU C   O    doub N N 232 
LEU C   OXT  sing N N 233 
LEU CB  CG   sing N N 234 
LEU CB  HB2  sing N N 235 
LEU CB  HB3  sing N N 236 
LEU CG  CD1  sing N N 237 
LEU CG  CD2  sing N N 238 
LEU CG  HG   sing N N 239 
LEU CD1 HD11 sing N N 240 
LEU CD1 HD12 sing N N 241 
LEU CD1 HD13 sing N N 242 
LEU CD2 HD21 sing N N 243 
LEU CD2 HD22 sing N N 244 
LEU CD2 HD23 sing N N 245 
LEU OXT HXT  sing N N 246 
LYS N   CA   sing N N 247 
LYS N   H    sing N N 248 
LYS N   H2   sing N N 249 
LYS CA  C    sing N N 250 
LYS CA  CB   sing N N 251 
LYS CA  HA   sing N N 252 
LYS C   O    doub N N 253 
LYS C   OXT  sing N N 254 
LYS CB  CG   sing N N 255 
LYS CB  HB2  sing N N 256 
LYS CB  HB3  sing N N 257 
LYS CG  CD   sing N N 258 
LYS CG  HG2  sing N N 259 
LYS CG  HG3  sing N N 260 
LYS CD  CE   sing N N 261 
LYS CD  HD2  sing N N 262 
LYS CD  HD3  sing N N 263 
LYS CE  NZ   sing N N 264 
LYS CE  HE2  sing N N 265 
LYS CE  HE3  sing N N 266 
LYS NZ  HZ1  sing N N 267 
LYS NZ  HZ2  sing N N 268 
LYS NZ  HZ3  sing N N 269 
LYS OXT HXT  sing N N 270 
MET N   CA   sing N N 271 
MET N   H    sing N N 272 
MET N   H2   sing N N 273 
MET CA  C    sing N N 274 
MET CA  CB   sing N N 275 
MET CA  HA   sing N N 276 
MET C   O    doub N N 277 
MET C   OXT  sing N N 278 
MET CB  CG   sing N N 279 
MET CB  HB2  sing N N 280 
MET CB  HB3  sing N N 281 
MET CG  SD   sing N N 282 
MET CG  HG2  sing N N 283 
MET CG  HG3  sing N N 284 
MET SD  CE   sing N N 285 
MET CE  HE1  sing N N 286 
MET CE  HE2  sing N N 287 
MET CE  HE3  sing N N 288 
MET OXT HXT  sing N N 289 
NO3 N   O1   doub N N 290 
NO3 N   O2   sing N N 291 
NO3 N   O3   sing N N 292 
PHE N   CA   sing N N 293 
PHE N   H    sing N N 294 
PHE N   H2   sing N N 295 
PHE CA  C    sing N N 296 
PHE CA  CB   sing N N 297 
PHE CA  HA   sing N N 298 
PHE C   O    doub N N 299 
PHE C   OXT  sing N N 300 
PHE CB  CG   sing N N 301 
PHE CB  HB2  sing N N 302 
PHE CB  HB3  sing N N 303 
PHE CG  CD1  doub Y N 304 
PHE CG  CD2  sing Y N 305 
PHE CD1 CE1  sing Y N 306 
PHE CD1 HD1  sing N N 307 
PHE CD2 CE2  doub Y N 308 
PHE CD2 HD2  sing N N 309 
PHE CE1 CZ   doub Y N 310 
PHE CE1 HE1  sing N N 311 
PHE CE2 CZ   sing Y N 312 
PHE CE2 HE2  sing N N 313 
PHE CZ  HZ   sing N N 314 
PHE OXT HXT  sing N N 315 
PRO N   CA   sing N N 316 
PRO N   CD   sing N N 317 
PRO N   H    sing N N 318 
PRO CA  C    sing N N 319 
PRO CA  CB   sing N N 320 
PRO CA  HA   sing N N 321 
PRO C   O    doub N N 322 
PRO C   OXT  sing N N 323 
PRO CB  CG   sing N N 324 
PRO CB  HB2  sing N N 325 
PRO CB  HB3  sing N N 326 
PRO CG  CD   sing N N 327 
PRO CG  HG2  sing N N 328 
PRO CG  HG3  sing N N 329 
PRO CD  HD2  sing N N 330 
PRO CD  HD3  sing N N 331 
PRO OXT HXT  sing N N 332 
SER N   CA   sing N N 333 
SER N   H    sing N N 334 
SER N   H2   sing N N 335 
SER CA  C    sing N N 336 
SER CA  CB   sing N N 337 
SER CA  HA   sing N N 338 
SER C   O    doub N N 339 
SER C   OXT  sing N N 340 
SER CB  OG   sing N N 341 
SER CB  HB2  sing N N 342 
SER CB  HB3  sing N N 343 
SER OG  HG   sing N N 344 
SER OXT HXT  sing N N 345 
THR N   CA   sing N N 346 
THR N   H    sing N N 347 
THR N   H2   sing N N 348 
THR CA  C    sing N N 349 
THR CA  CB   sing N N 350 
THR CA  HA   sing N N 351 
THR C   O    doub N N 352 
THR C   OXT  sing N N 353 
THR CB  OG1  sing N N 354 
THR CB  CG2  sing N N 355 
THR CB  HB   sing N N 356 
THR OG1 HG1  sing N N 357 
THR CG2 HG21 sing N N 358 
THR CG2 HG22 sing N N 359 
THR CG2 HG23 sing N N 360 
THR OXT HXT  sing N N 361 
TRP N   CA   sing N N 362 
TRP N   H    sing N N 363 
TRP N   H2   sing N N 364 
TRP CA  C    sing N N 365 
TRP CA  CB   sing N N 366 
TRP CA  HA   sing N N 367 
TRP C   O    doub N N 368 
TRP C   OXT  sing N N 369 
TRP CB  CG   sing N N 370 
TRP CB  HB2  sing N N 371 
TRP CB  HB3  sing N N 372 
TRP CG  CD1  doub Y N 373 
TRP CG  CD2  sing Y N 374 
TRP CD1 NE1  sing Y N 375 
TRP CD1 HD1  sing N N 376 
TRP CD2 CE2  doub Y N 377 
TRP CD2 CE3  sing Y N 378 
TRP NE1 CE2  sing Y N 379 
TRP NE1 HE1  sing N N 380 
TRP CE2 CZ2  sing Y N 381 
TRP CE3 CZ3  doub Y N 382 
TRP CE3 HE3  sing N N 383 
TRP CZ2 CH2  doub Y N 384 
TRP CZ2 HZ2  sing N N 385 
TRP CZ3 CH2  sing Y N 386 
TRP CZ3 HZ3  sing N N 387 
TRP CH2 HH2  sing N N 388 
TRP OXT HXT  sing N N 389 
TYR N   CA   sing N N 390 
TYR N   H    sing N N 391 
TYR N   H2   sing N N 392 
TYR CA  C    sing N N 393 
TYR CA  CB   sing N N 394 
TYR CA  HA   sing N N 395 
TYR C   O    doub N N 396 
TYR C   OXT  sing N N 397 
TYR CB  CG   sing N N 398 
TYR CB  HB2  sing N N 399 
TYR CB  HB3  sing N N 400 
TYR CG  CD1  doub Y N 401 
TYR CG  CD2  sing Y N 402 
TYR CD1 CE1  sing Y N 403 
TYR CD1 HD1  sing N N 404 
TYR CD2 CE2  doub Y N 405 
TYR CD2 HD2  sing N N 406 
TYR CE1 CZ   doub Y N 407 
TYR CE1 HE1  sing N N 408 
TYR CE2 CZ   sing Y N 409 
TYR CE2 HE2  sing N N 410 
TYR CZ  OH   sing N N 411 
TYR OH  HH   sing N N 412 
TYR OXT HXT  sing N N 413 
VAL N   CA   sing N N 414 
VAL N   H    sing N N 415 
VAL N   H2   sing N N 416 
VAL CA  C    sing N N 417 
VAL CA  CB   sing N N 418 
VAL CA  HA   sing N N 419 
VAL C   O    doub N N 420 
VAL C   OXT  sing N N 421 
VAL CB  CG1  sing N N 422 
VAL CB  CG2  sing N N 423 
VAL CB  HB   sing N N 424 
VAL CG1 HG11 sing N N 425 
VAL CG1 HG12 sing N N 426 
VAL CG1 HG13 sing N N 427 
VAL CG2 HG21 sing N N 428 
VAL CG2 HG22 sing N N 429 
VAL CG2 HG23 sing N N 430 
VAL OXT HXT  sing N N 431 
# 
_atom_sites.entry_id                    5CP5 
_atom_sites.fract_transf_matrix[1][1]   0.00771839 
_atom_sites.fract_transf_matrix[1][2]   -0.02283153 
_atom_sites.fract_transf_matrix[1][3]   -0.01432162 
_atom_sites.fract_transf_matrix[2][1]   -0.00312486 
_atom_sites.fract_transf_matrix[2][2]   -0.01184935 
_atom_sites.fract_transf_matrix[2][3]   0.01720615 
_atom_sites.fract_transf_matrix[3][1]   -0.01224428 
_atom_sites.fract_transf_matrix[3][2]   -0.00191650 
_atom_sites.fract_transf_matrix[3][3]   -0.00354355 
_atom_sites.fract_transf_vector[1]      -0.318564 
_atom_sites.fract_transf_vector[2]      -0.050299 
_atom_sites.fract_transf_vector[3]      0.103825 
# 
loop_
_atom_type.symbol 
C 
F 
N 
O 
S 
# 
loop_
_atom_site.group_PDB 
_atom_site.id 
_atom_site.type_symbol 
_atom_site.label_atom_id 
_atom_site.label_alt_id 
_atom_site.label_comp_id 
_atom_site.label_asym_id 
_atom_site.label_entity_id 
_atom_site.label_seq_id 
_atom_site.pdbx_PDB_ins_code 
_atom_site.Cartn_x 
_atom_site.Cartn_y 
_atom_site.Cartn_z 
_atom_site.occupancy 
_atom_site.B_iso_or_equiv 
_atom_site.pdbx_formal_charge 
_atom_site.auth_seq_id 
_atom_site.auth_comp_id 
_atom_site.auth_asym_id 
_atom_site.auth_atom_id 
_atom_site.pdbx_PDB_model_num 
ATOM   1    N N   . PRO A 1 13  ? 1.261   -11.127 22.714  1.00 49.13 ? 40  PRO A N   1 
ATOM   2    C CA  . PRO A 1 13  ? -0.012  -10.581 23.201  1.00 46.03 ? 40  PRO A CA  1 
ATOM   3    C C   . PRO A 1 13  ? -1.192  -10.807 22.232  1.00 44.87 ? 40  PRO A C   1 
ATOM   4    O O   . PRO A 1 13  ? -0.966  -11.023 21.037  1.00 39.63 ? 40  PRO A O   1 
ATOM   5    C CB  . PRO A 1 13  ? 0.299   -9.087  23.362  1.00 43.63 ? 40  PRO A CB  1 
ATOM   6    C CG  . PRO A 1 13  ? 1.774   -9.031  23.672  1.00 45.27 ? 40  PRO A CG  1 
ATOM   7    C CD  . PRO A 1 13  ? 2.410   -10.330 23.194  1.00 46.77 ? 40  PRO A CD  1 
ATOM   8    N N   . ARG A 1 14  ? -2.415  -10.819 22.768  1.00 43.98 ? 41  ARG A N   1 
ATOM   9    C CA  . ARG A 1 14  ? -3.661  -10.695 21.983  1.00 47.05 ? 41  ARG A CA  1 
ATOM   10   C C   . ARG A 1 14  ? -4.916  -10.866 22.859  1.00 47.90 ? 41  ARG A C   1 
ATOM   11   O O   . ARG A 1 14  ? -4.881  -11.647 23.808  1.00 49.63 ? 41  ARG A O   1 
ATOM   12   C CB  . ARG A 1 14  ? -3.753  -11.683 20.795  1.00 45.15 ? 41  ARG A CB  1 
ATOM   13   C CG  . ARG A 1 14  ? -3.323  -13.119 21.074  1.00 45.01 ? 41  ARG A CG  1 
ATOM   14   C CD  . ARG A 1 14  ? -3.814  -14.136 20.041  1.00 44.05 ? 41  ARG A CD  1 
ATOM   15   N NE  . ARG A 1 14  ? -4.300  -13.562 18.780  1.00 44.06 ? 41  ARG A NE  1 
ATOM   16   C CZ  . ARG A 1 14  ? -5.556  -13.169 18.541  1.00 42.63 ? 41  ARG A CZ  1 
ATOM   17   N NH1 . ARG A 1 14  ? -5.873  -12.641 17.359  1.00 42.84 ? 41  ARG A NH1 1 
ATOM   18   N NH2 . ARG A 1 14  ? -6.498  -13.280 19.471  1.00 41.25 ? 41  ARG A NH2 1 
ATOM   19   N N   . GLY A 1 15  ? -6.021  -10.164 22.565  1.00 47.78 ? 42  GLY A N   1 
ATOM   20   C CA  . GLY A 1 15  ? -6.097  -9.049  21.594  1.00 47.51 ? 42  GLY A CA  1 
ATOM   21   C C   . GLY A 1 15  ? -6.414  -9.443  20.171  1.00 45.25 ? 42  GLY A C   1 
ATOM   22   O O   . GLY A 1 15  ? -6.868  -10.570 19.923  1.00 47.88 ? 42  GLY A O   1 
ATOM   23   N N   . SER A 1 16  ? -6.208  -8.523  19.222  1.00 42.07 ? 43  SER A N   1 
ATOM   24   C CA  . SER A 1 16  ? -6.630  -8.785  17.850  1.00 35.45 ? 43  SER A CA  1 
ATOM   25   C C   . SER A 1 16  ? -6.232  -7.766  16.780  1.00 29.71 ? 43  SER A C   1 
ATOM   26   O O   . SER A 1 16  ? -5.915  -6.617  17.066  1.00 31.75 ? 43  SER A O   1 
ATOM   27   C CB  . SER A 1 16  ? -8.167  -8.925  17.784  1.00 37.35 ? 43  SER A CB  1 
ATOM   28   O OG  . SER A 1 16  ? -8.504  -9.963  16.893  1.00 35.52 ? 43  SER A OG  1 
ATOM   29   N N   . ASN A 1 17  ? -6.303  -8.235  15.542  1.00 25.39 ? 44  ASN A N   1 
ATOM   30   C CA  . ASN A 1 17  ? -6.141  -7.405  14.337  1.00 22.38 ? 44  ASN A CA  1 
ATOM   31   C C   . ASN A 1 17  ? -7.501  -6.935  13.838  1.00 20.84 ? 44  ASN A C   1 
ATOM   32   O O   . ASN A 1 17  ? -8.473  -7.661  13.952  1.00 20.23 ? 44  ASN A O   1 
ATOM   33   C CB  . ASN A 1 17  ? -5.475  -8.216  13.226  1.00 21.72 ? 44  ASN A CB  1 
ATOM   34   C CG  . ASN A 1 17  ? -4.023  -8.497  13.511  1.00 21.12 ? 44  ASN A CG  1 
ATOM   35   O OD1 . ASN A 1 17  ? -3.273  -7.586  13.816  1.00 20.45 ? 44  ASN A OD1 1 
ATOM   36   N ND2 . ASN A 1 17  ? -3.614  -9.761  13.388  1.00 22.54 ? 44  ASN A ND2 1 
ATOM   37   N N   . PRO A 1 18  ? -7.568  -5.737  13.232  1.00 18.48 ? 45  PRO A N   1 
ATOM   38   C CA  . PRO A 1 18  ? -8.830  -5.252  12.656  1.00 17.39 ? 45  PRO A CA  1 
ATOM   39   C C   . PRO A 1 18  ? -9.164  -6.003  11.384  1.00 17.93 ? 45  PRO A C   1 
ATOM   40   O O   . PRO A 1 18  ? -8.270  -6.665  10.816  1.00 17.97 ? 45  PRO A O   1 
ATOM   41   C CB  . PRO A 1 18  ? -8.509  -3.792  12.295  1.00 16.69 ? 45  PRO A CB  1 
ATOM   42   C CG  . PRO A 1 18  ? -7.053  -3.828  11.977  1.00 17.00 ? 45  PRO A CG  1 
ATOM   43   C CD  . PRO A 1 18  ? -6.443  -4.841  12.910  1.00 18.02 ? 45  PRO A CD  1 
ATOM   44   N N   . PRO A 1 19  ? -10.424 -5.875  10.898  1.00 18.64 ? 46  PRO A N   1 
ATOM   45   C CA  . PRO A 1 19  ? -10.689 -6.362  9.557   1.00 18.50 ? 46  PRO A CA  1 
ATOM   46   C C   . PRO A 1 19  ? -9.804  -5.584  8.570   1.00 17.90 ? 46  PRO A C   1 
ATOM   47   O O   . PRO A 1 19  ? -9.543  -4.381  8.796   1.00 17.74 ? 46  PRO A O   1 
ATOM   48   C CB  . PRO A 1 19  ? -12.192 -6.048  9.329   1.00 19.17 ? 46  PRO A CB  1 
ATOM   49   C CG  . PRO A 1 19  ? -12.564 -5.057  10.381  1.00 19.74 ? 46  PRO A CG  1 
ATOM   50   C CD  . PRO A 1 19  ? -11.610 -5.233  11.515  1.00 19.35 ? 46  PRO A CD  1 
ATOM   51   N N   . PRO A 1 20  ? -9.321  -6.255  7.511   1.00 17.99 ? 47  PRO A N   1 
ATOM   52   C CA  . PRO A 1 20  ? -8.469  -5.549  6.584   1.00 17.60 ? 47  PRO A CA  1 
ATOM   53   C C   . PRO A 1 20  ? -9.270  -4.551  5.757   1.00 17.35 ? 47  PRO A C   1 
ATOM   54   O O   . PRO A 1 20  ? -10.505 -4.626  5.681   1.00 17.62 ? 47  PRO A O   1 
ATOM   55   C CB  . PRO A 1 20  ? -7.916  -6.678  5.707   1.00 18.10 ? 47  PRO A CB  1 
ATOM   56   C CG  . PRO A 1 20  ? -9.054  -7.650  5.638   1.00 18.48 ? 47  PRO A CG  1 
ATOM   57   C CD  . PRO A 1 20  ? -9.663  -7.603  7.020   1.00 18.85 ? 47  PRO A CD  1 
ATOM   58   N N   . PRO A 1 21  ? -8.578  -3.615  5.102   1.00 17.52 ? 48  PRO A N   1 
ATOM   59   C CA  . PRO A 1 21  ? -9.285  -2.708  4.218   1.00 16.81 ? 48  PRO A CA  1 
ATOM   60   C C   . PRO A 1 21  ? -10.035 -3.444  3.106   1.00 17.29 ? 48  PRO A C   1 
ATOM   61   O O   . PRO A 1 21  ? -9.585  -4.481  2.644   1.00 15.63 ? 48  PRO A O   1 
ATOM   62   C CB  . PRO A 1 21  ? -8.171  -1.847  3.623   1.00 16.95 ? 48  PRO A CB  1 
ATOM   63   C CG  . PRO A 1 21  ? -6.961  -2.094  4.447   1.00 16.50 ? 48  PRO A CG  1 
ATOM   64   C CD  . PRO A 1 21  ? -7.120  -3.405  5.095   1.00 16.40 ? 48  PRO A CD  1 
ATOM   65   N N   . GLU A 1 22  ? -11.191 -2.924  2.699   1.00 17.10 ? 49  GLU A N   1 
ATOM   66   C CA  . GLU A 1 22  ? -11.963 -3.560  1.614   1.00 18.02 ? 49  GLU A CA  1 
ATOM   67   C C   . GLU A 1 22  ? -11.179 -3.603  0.285   1.00 17.67 ? 49  GLU A C   1 
ATOM   68   O O   . GLU A 1 22  ? -10.385 -2.727  -0.013  1.00 16.31 ? 49  GLU A O   1 
ATOM   69   C CB  . GLU A 1 22  ? -13.319 -2.869  1.390   1.00 20.12 ? 49  GLU A CB  1 
ATOM   70   C CG  . GLU A 1 22  ? -13.261 -1.497  0.721   1.00 21.84 ? 49  GLU A CG  1 
ATOM   71   C CD  . GLU A 1 22  ? -14.621 -0.831  0.572   1.00 23.33 ? 49  GLU A CD  1 
ATOM   72   O OE1 . GLU A 1 22  ? -14.719 0.177   -0.163  1.00 24.02 ? 49  GLU A OE1 1 
ATOM   73   O OE2 . GLU A 1 22  ? -15.591 -1.294  1.191   1.00 26.01 ? 49  GLU A OE2 1 
ATOM   74   N N   . THR A 1 23  ? -11.390 -4.653  -0.479  1.00 17.33 ? 50  THR A N   1 
ATOM   75   C CA  . THR A 1 23  ? -10.852 -4.752  -1.839  1.00 18.13 ? 50  THR A CA  1 
ATOM   76   C C   . THR A 1 23  ? -11.947 -4.862  -2.895  1.00 17.95 ? 50  THR A C   1 
ATOM   77   O O   . THR A 1 23  ? -11.636 -4.879  -4.091  1.00 18.08 ? 50  THR A O   1 
ATOM   78   C CB  . THR A 1 23  ? -9.855  -5.916  -1.937  1.00 19.41 ? 50  THR A CB  1 
ATOM   79   O OG1 . THR A 1 23  ? -10.517 -7.158  -1.657  1.00 20.03 ? 50  THR A OG1 1 
ATOM   80   C CG2 . THR A 1 23  ? -8.702  -5.699  -0.929  1.00 18.90 ? 50  THR A CG2 1 
ATOM   81   N N   . SER A 1 24  ? -13.202 -4.929  -2.432  1.00 18.98 ? 51  SER A N   1 
ATOM   82   C CA  . SER A 1 24  ? -14.396 -4.935  -3.259  1.00 21.02 ? 51  SER A CA  1 
ATOM   83   C C   . SER A 1 24  ? -15.470 -4.052  -2.649  1.00 18.77 ? 51  SER A C   1 
ATOM   84   O O   . SER A 1 24  ? -15.588 -3.944  -1.444  1.00 19.67 ? 51  SER A O   1 
ATOM   85   C CB  . SER A 1 24  ? -14.927 -6.371  -3.403  1.00 22.54 ? 51  SER A CB  1 
ATOM   86   O OG  . SER A 1 24  ? -14.470 -6.875  -4.638  1.00 29.16 ? 51  SER A OG  1 
ATOM   87   N N   . ASN A 1 25  ? -16.224 -3.374  -3.507  1.00 18.37 ? 52  ASN A N   1 
ATOM   88   C CA  . ASN A 1 25  ? -17.356 -2.589  -3.067  1.00 17.39 ? 52  ASN A CA  1 
ATOM   89   C C   . ASN A 1 25  ? -18.245 -2.398  -4.288  1.00 16.99 ? 52  ASN A C   1 
ATOM   90   O O   . ASN A 1 25  ? -18.017 -1.497  -5.061  1.00 16.10 ? 52  ASN A O   1 
ATOM   91   C CB  . ASN A 1 25  ? -16.898 -1.245  -2.504  1.00 18.68 ? 52  ASN A CB  1 
ATOM   92   C CG  . ASN A 1 25  ? -18.040 -0.443  -1.918  1.00 19.65 ? 52  ASN A CG  1 
ATOM   93   O OD1 . ASN A 1 25  ? -19.205 -0.612  -2.298  1.00 19.76 ? 52  ASN A OD1 1 
ATOM   94   N ND2 . ASN A 1 25  ? -17.712 0.442   -0.965  1.00 21.41 ? 52  ASN A ND2 1 
ATOM   95   N N   . PRO A 1 26  ? -19.248 -3.268  -4.479  1.00 16.89 ? 53  PRO A N   1 
ATOM   96   C CA  . PRO A 1 26  ? -19.969 -3.226  -5.753  1.00 17.38 ? 53  PRO A CA  1 
ATOM   97   C C   . PRO A 1 26  ? -20.706 -1.922  -6.056  1.00 16.74 ? 53  PRO A C   1 
ATOM   98   O O   . PRO A 1 26  ? -20.908 -1.607  -7.234  1.00 16.44 ? 53  PRO A O   1 
ATOM   99   C CB  . PRO A 1 26  ? -20.942 -4.396  -5.637  1.00 17.22 ? 53  PRO A CB  1 
ATOM   100  C CG  . PRO A 1 26  ? -20.244 -5.340  -4.728  1.00 17.59 ? 53  PRO A CG  1 
ATOM   101  C CD  . PRO A 1 26  ? -19.632 -4.455  -3.691  1.00 17.33 ? 53  PRO A CD  1 
ATOM   102  N N   . ASN A 1 27  ? -21.110 -1.182  -5.022  1.00 16.53 ? 54  ASN A N   1 
ATOM   103  C CA  . ASN A 1 27  ? -21.716 0.121   -5.251  1.00 17.00 ? 54  ASN A CA  1 
ATOM   104  C C   . ASN A 1 27  ? -20.730 1.278   -5.433  1.00 17.28 ? 54  ASN A C   1 
ATOM   105  O O   . ASN A 1 27  ? -21.158 2.385   -5.762  1.00 18.63 ? 54  ASN A O   1 
ATOM   106  C CB  . ASN A 1 27  ? -22.738 0.454   -4.178  1.00 17.45 ? 54  ASN A CB  1 
ATOM   107  C CG  . ASN A 1 27  ? -24.055 -0.213  -4.427  1.00 17.78 ? 54  ASN A CG  1 
ATOM   108  O OD1 . ASN A 1 27  ? -24.544 -0.206  -5.569  1.00 18.70 ? 54  ASN A OD1 1 
ATOM   109  N ND2 . ASN A 1 27  ? -24.653 -0.766  -3.390  1.00 17.28 ? 54  ASN A ND2 1 
ATOM   110  N N   . LYS A 1 28  ? -19.436 1.039   -5.250  1.00 16.77 ? 55  LYS A N   1 
ATOM   111  C CA  . LYS A 1 28  ? -18.450 2.091   -5.493  1.00 17.90 ? 55  LYS A CA  1 
ATOM   112  C C   . LYS A 1 28  ? -18.281 2.270   -7.003  1.00 17.67 ? 55  LYS A C   1 
ATOM   113  O O   . LYS A 1 28  ? -18.160 1.281   -7.724  1.00 19.85 ? 55  LYS A O   1 
ATOM   114  C CB  . LYS A 1 28  ? -17.107 1.756   -4.829  1.00 18.07 ? 55  LYS A CB  1 
ATOM   115  C CG  . LYS A 1 28  ? -16.102 2.894   -4.883  1.00 18.23 ? 55  LYS A CG  1 
ATOM   116  C CD  . LYS A 1 28  ? -14.725 2.431   -4.409  1.00 17.82 ? 55  LYS A CD  1 
ATOM   117  C CE  . LYS A 1 28  ? -13.633 3.461   -4.686  1.00 17.61 ? 55  LYS A CE  1 
ATOM   118  N NZ  . LYS A 1 28  ? -13.459 3.754   -6.130  1.00 17.09 ? 55  LYS A NZ  1 
ATOM   119  N N   . PRO A 1 29  ? -18.302 3.529   -7.493  1.00 18.75 ? 56  PRO A N   1 
ATOM   120  C CA  . PRO A 1 29  ? -18.036 3.771   -8.903  1.00 19.12 ? 56  PRO A CA  1 
ATOM   121  C C   . PRO A 1 29  ? -16.613 3.391   -9.289  1.00 18.88 ? 56  PRO A C   1 
ATOM   122  O O   . PRO A 1 29  ? -15.691 3.645   -8.522  1.00 19.54 ? 56  PRO A O   1 
ATOM   123  C CB  . PRO A 1 29  ? -18.197 5.290   -9.048  1.00 19.26 ? 56  PRO A CB  1 
ATOM   124  C CG  . PRO A 1 29  ? -19.033 5.707   -7.899  1.00 19.61 ? 56  PRO A CG  1 
ATOM   125  C CD  . PRO A 1 29  ? -18.678 4.767   -6.788  1.00 19.80 ? 56  PRO A CD  1 
ATOM   126  N N   . LYS A 1 30  ? -16.452 2.809   -10.466 1.00 19.44 ? 57  LYS A N   1 
ATOM   127  C CA  . LYS A 1 30  ? -15.117 2.470   -10.970 1.00 21.00 ? 57  LYS A CA  1 
ATOM   128  C C   . LYS A 1 30  ? -14.992 2.565   -12.488 1.00 21.73 ? 57  LYS A C   1 
ATOM   129  O O   . LYS A 1 30  ? -15.986 2.514   -13.221 1.00 22.06 ? 57  LYS A O   1 
ATOM   130  C CB  . LYS A 1 30  ? -14.729 1.065   -10.512 1.00 22.10 ? 57  LYS A CB  1 
ATOM   131  C CG  . LYS A 1 30  ? -15.829 0.021   -10.678 1.00 23.17 ? 57  LYS A CG  1 
ATOM   132  C CD  . LYS A 1 30  ? -15.665 -1.179  -9.775  1.00 25.43 ? 57  LYS A CD  1 
ATOM   133  C CE  . LYS A 1 30  ? -15.681 -0.898  -8.263  1.00 25.00 ? 57  LYS A CE  1 
ATOM   134  N NZ  . LYS A 1 30  ? -17.002 -1.252  -7.675  1.00 25.68 ? 57  LYS A NZ  1 
ATOM   135  N N   . ARG A 1 31  ? -13.743 2.663   -12.929 1.00 21.52 ? 58  ARG A N   1 
ATOM   136  C CA  . ARG A 1 31  ? -13.375 2.776   -14.333 1.00 23.40 ? 58  ARG A CA  1 
ATOM   137  C C   . ARG A 1 31  ? -12.087 2.016   -14.578 1.00 24.43 ? 58  ARG A C   1 
ATOM   138  O O   . ARG A 1 31  ? -11.259 1.857   -13.682 1.00 24.73 ? 58  ARG A O   1 
ATOM   139  C CB  . ARG A 1 31  ? -13.067 4.214   -14.743 1.00 24.83 ? 58  ARG A CB  1 
ATOM   140  C CG  . ARG A 1 31  ? -14.163 5.204   -14.567 1.00 25.91 ? 58  ARG A CG  1 
ATOM   141  C CD  . ARG A 1 31  ? -13.908 6.470   -15.354 1.00 27.09 ? 58  ARG A CD  1 
ATOM   142  N NE  . ARG A 1 31  ? -12.851 7.324   -14.798 1.00 29.60 ? 58  ARG A NE  1 
ATOM   143  C CZ  . ARG A 1 31  ? -12.778 8.653   -14.965 1.00 31.37 ? 58  ARG A CZ  1 
ATOM   144  N NH1 . ARG A 1 31  ? -13.707 9.332   -15.669 1.00 30.23 ? 58  ARG A NH1 1 
ATOM   145  N NH2 . ARG A 1 31  ? -11.777 9.330   -14.399 1.00 31.85 ? 58  ARG A NH2 1 
ATOM   146  N N   . GLN A 1 32  ? -11.922 1.561   -15.810 1.00 27.05 ? 59  GLN A N   1 
ATOM   147  C CA  . GLN A 1 32  ? -10.632 1.097   -16.272 1.00 30.61 ? 59  GLN A CA  1 
ATOM   148  C C   . GLN A 1 32  ? -10.063 2.263   -17.048 1.00 29.63 ? 59  GLN A C   1 
ATOM   149  O O   . GLN A 1 32  ? -10.718 2.787   -17.953 1.00 31.86 ? 59  GLN A O   1 
ATOM   150  C CB  . GLN A 1 32  ? -10.760 -0.181  -17.112 1.00 32.47 ? 59  GLN A CB  1 
ATOM   151  C CG  . GLN A 1 32  ? -11.141 -1.383  -16.249 1.00 37.13 ? 59  GLN A CG  1 
ATOM   152  C CD  . GLN A 1 32  ? -10.898 -2.737  -16.914 1.00 41.90 ? 59  GLN A CD  1 
ATOM   153  O OE1 . GLN A 1 32  ? -9.817  -3.007  -17.464 1.00 45.41 ? 59  GLN A OE1 1 
ATOM   154  N NE2 . GLN A 1 32  ? -11.898 -3.609  -16.836 1.00 42.90 ? 59  GLN A NE2 1 
ATOM   155  N N   . THR A 1 33  ? -8.899  2.744   -16.625 1.00 26.76 ? 60  THR A N   1 
ATOM   156  C CA  . THR A 1 33  ? -8.153  3.717   -17.401 1.00 24.75 ? 60  THR A CA  1 
ATOM   157  C C   . THR A 1 33  ? -6.819  3.069   -17.722 1.00 24.90 ? 60  THR A C   1 
ATOM   158  O O   . THR A 1 33  ? -6.401  2.109   -17.065 1.00 25.61 ? 60  THR A O   1 
ATOM   159  C CB  . THR A 1 33  ? -7.942  5.056   -16.671 1.00 24.17 ? 60  THR A CB  1 
ATOM   160  O OG1 . THR A 1 33  ? -6.952  4.921   -15.634 1.00 22.64 ? 60  THR A OG1 1 
ATOM   161  C CG2 . THR A 1 33  ? -9.249  5.581   -16.071 1.00 24.86 ? 60  THR A CG2 1 
ATOM   162  N N   . ASN A 1 34  ? -6.173  3.568   -18.760 1.00 24.52 ? 61  ASN A N   1 
ATOM   163  C CA  . ASN A 1 34  ? -4.835  3.067   -19.125 1.00 24.67 ? 61  ASN A CA  1 
ATOM   164  C C   . ASN A 1 34  ? -3.780  3.392   -18.044 1.00 23.94 ? 61  ASN A C   1 
ATOM   165  O O   . ASN A 1 34  ? -2.804  2.655   -17.894 1.00 22.89 ? 61  ASN A O   1 
ATOM   166  C CB  . ASN A 1 34  ? -4.414  3.634   -20.479 1.00 27.61 ? 61  ASN A CB  1 
ATOM   167  C CG  . ASN A 1 34  ? -4.151  5.113   -20.415 1.00 28.21 ? 61  ASN A CG  1 
ATOM   168  O OD1 . ASN A 1 34  ? -4.953  5.869   -19.868 1.00 33.38 ? 61  ASN A OD1 1 
ATOM   169  N ND2 . ASN A 1 34  ? -3.007  5.535   -20.925 1.00 31.77 ? 61  ASN A ND2 1 
ATOM   170  N N   . GLN A 1 35  ? -4.003  4.475   -17.292 1.00 23.03 ? 62  GLN A N   1 
ATOM   171  C CA  . GLN A 1 35  ? -3.174  4.842   -16.138 1.00 22.24 ? 62  GLN A CA  1 
ATOM   172  C C   . GLN A 1 35  ? -3.298  3.855   -14.984 1.00 20.74 ? 62  GLN A C   1 
ATOM   173  O O   . GLN A 1 35  ? -2.291  3.525   -14.350 1.00 19.21 ? 62  GLN A O   1 
ATOM   174  C CB  . GLN A 1 35  ? -3.513  6.232   -15.622 1.00 23.48 ? 62  GLN A CB  1 
ATOM   175  C CG  . GLN A 1 35  ? -3.011  7.375   -16.493 1.00 24.82 ? 62  GLN A CG  1 
ATOM   176  C CD  . GLN A 1 35  ? -3.349  8.738   -15.908 1.00 24.43 ? 62  GLN A CD  1 
ATOM   177  O OE1 . GLN A 1 35  ? -4.258  8.872   -15.082 1.00 23.20 ? 62  GLN A OE1 1 
ATOM   178  N NE2 . GLN A 1 35  ? -2.616  9.757   -16.327 1.00 24.28 ? 62  GLN A NE2 1 
ATOM   179  N N   . LEU A 1 36  ? -4.528  3.407   -14.707 1.00 18.30 ? 63  LEU A N   1 
ATOM   180  C CA  . LEU A 1 36  ? -4.749  2.336   -13.734 1.00 18.53 ? 63  LEU A CA  1 
ATOM   181  C C   . LEU A 1 36  ? -4.137  1.008   -14.225 1.00 19.55 ? 63  LEU A C   1 
ATOM   182  O O   . LEU A 1 36  ? -3.563  0.266   -13.448 1.00 19.95 ? 63  LEU A O   1 
ATOM   183  C CB  . LEU A 1 36  ? -6.249  2.194   -13.395 1.00 17.70 ? 63  LEU A CB  1 
ATOM   184  C CG  . LEU A 1 36  ? -6.796  3.262   -12.430 1.00 17.74 ? 63  LEU A CG  1 
ATOM   185  C CD1 . LEU A 1 36  ? -8.324  3.340   -12.461 1.00 17.84 ? 63  LEU A CD1 1 
ATOM   186  C CD2 . LEU A 1 36  ? -6.323  3.011   -11.001 1.00 17.71 ? 63  LEU A CD2 1 
ATOM   187  N N   . GLN A 1 37  ? -4.207  0.733   -15.528 1.00 19.88 ? 64  GLN A N   1 
ATOM   188  C CA  . GLN A 1 37  ? -3.545  -0.457  -16.066 1.00 21.77 ? 64  GLN A CA  1 
ATOM   189  C C   . GLN A 1 37  ? -2.025  -0.411  -15.872 1.00 21.04 ? 64  GLN A C   1 
ATOM   190  O O   . GLN A 1 37  ? -1.424  -1.419  -15.518 1.00 21.27 ? 64  GLN A O   1 
ATOM   191  C CB  . GLN A 1 37  ? -3.862  -0.623  -17.549 1.00 25.29 ? 64  GLN A CB  1 
ATOM   192  C CG  . GLN A 1 37  ? -5.269  -1.133  -17.792 1.00 29.67 ? 64  GLN A CG  1 
ATOM   193  C CD  . GLN A 1 37  ? -5.707  -1.005  -19.240 1.00 33.87 ? 64  GLN A CD  1 
ATOM   194  O OE1 . GLN A 1 37  ? -4.957  -0.519  -20.091 1.00 37.94 ? 64  GLN A OE1 1 
ATOM   195  N NE2 . GLN A 1 37  ? -6.933  -1.437  -19.526 1.00 36.64 ? 64  GLN A NE2 1 
ATOM   196  N N   . TYR A 1 38  ? -1.434  0.752   -16.110 1.00 18.87 ? 65  TYR A N   1 
ATOM   197  C CA  . TYR A 1 38  ? 0.002   0.976   -15.890 1.00 19.49 ? 65  TYR A CA  1 
ATOM   198  C C   . TYR A 1 38  ? 0.367   0.859   -14.407 1.00 17.95 ? 65  TYR A C   1 
ATOM   199  O O   . TYR A 1 38  ? 1.457   0.390   -14.062 1.00 18.20 ? 65  TYR A O   1 
ATOM   200  C CB  . TYR A 1 38  ? 0.400   2.338   -16.440 1.00 20.12 ? 65  TYR A CB  1 
ATOM   201  C CG  . TYR A 1 38  ? 1.828   2.760   -16.221 1.00 22.48 ? 65  TYR A CG  1 
ATOM   202  C CD1 . TYR A 1 38  ? 2.186   3.469   -15.068 1.00 23.14 ? 65  TYR A CD1 1 
ATOM   203  C CD2 . TYR A 1 38  ? 2.820   2.492   -17.172 1.00 23.55 ? 65  TYR A CD2 1 
ATOM   204  C CE1 . TYR A 1 38  ? 3.486   3.883   -14.855 1.00 25.55 ? 65  TYR A CE1 1 
ATOM   205  C CE2 . TYR A 1 38  ? 4.136   2.912   -16.971 1.00 24.20 ? 65  TYR A CE2 1 
ATOM   206  C CZ  . TYR A 1 38  ? 4.462   3.598   -15.801 1.00 25.38 ? 65  TYR A CZ  1 
ATOM   207  O OH  . TYR A 1 38  ? 5.742   4.043   -15.541 1.00 27.03 ? 65  TYR A OH  1 
ATOM   208  N N   . LEU A 1 39  ? -0.533  1.282   -13.526 1.00 17.45 ? 66  LEU A N   1 
ATOM   209  C CA  . LEU A 1 39  ? -0.286  1.140   -12.084 1.00 17.30 ? 66  LEU A CA  1 
ATOM   210  C C   . LEU A 1 39  ? -0.179  -0.305  -11.660 1.00 17.42 ? 66  LEU A C   1 
ATOM   211  O O   . LEU A 1 39  ? 0.636   -0.629  -10.783 1.00 17.34 ? 66  LEU A O   1 
ATOM   212  C CB  . LEU A 1 39  ? -1.357  1.858   -11.259 1.00 17.61 ? 66  LEU A CB  1 
ATOM   213  C CG  . LEU A 1 39  ? -1.062  3.347   -11.137 1.00 17.08 ? 66  LEU A CG  1 
ATOM   214  C CD1 . LEU A 1 39  ? -2.313  4.161   -10.854 1.00 17.62 ? 66  LEU A CD1 1 
ATOM   215  C CD2 . LEU A 1 39  ? -0.035  3.582   -10.038 1.00 17.77 ? 66  LEU A CD2 1 
ATOM   216  N N   . LEU A 1 40  ? -0.983  -1.170  -12.269 1.00 17.34 ? 67  LEU A N   1 
ATOM   217  C CA  . LEU A 1 40  ? -0.924  -2.584  -11.971 1.00 18.28 ? 67  LEU A CA  1 
ATOM   218  C C   . LEU A 1 40  ? 0.278   -3.169  -12.665 1.00 19.65 ? 67  LEU A C   1 
ATOM   219  O O   . LEU A 1 40  ? 1.160   -3.691  -12.011 1.00 21.29 ? 67  LEU A O   1 
ATOM   220  C CB  . LEU A 1 40  ? -2.181  -3.308  -12.418 1.00 17.78 ? 67  LEU A CB  1 
ATOM   221  C CG  . LEU A 1 40  ? -2.259  -4.822  -12.155 1.00 18.03 ? 67  LEU A CG  1 
ATOM   222  C CD1 . LEU A 1 40  ? -1.817  -5.261  -10.764 1.00 18.43 ? 67  LEU A CD1 1 
ATOM   223  C CD2 . LEU A 1 40  ? -3.676  -5.314  -12.415 1.00 19.04 ? 67  LEU A CD2 1 
ATOM   224  N N   . ARG A 1 41  ? 0.321   -3.031  -13.981 1.00 22.13 ? 68  ARG A N   1 
ATOM   225  C CA  . ARG A 1 41  ? 1.287   -3.767  -14.804 1.00 25.02 ? 68  ARG A CA  1 
ATOM   226  C C   . ARG A 1 41  ? 2.737   -3.350  -14.628 1.00 24.22 ? 68  ARG A C   1 
ATOM   227  O O   . ARG A 1 41  ? 3.621   -4.207  -14.715 1.00 26.34 ? 68  ARG A O   1 
ATOM   228  C CB  . ARG A 1 41  ? 0.919   -3.674  -16.290 1.00 29.32 ? 68  ARG A CB  1 
ATOM   229  C CG  . ARG A 1 41  ? -0.361  -4.428  -16.633 1.00 35.28 ? 68  ARG A CG  1 
ATOM   230  C CD  . ARG A 1 41  ? -0.541  -4.606  -18.139 1.00 40.69 ? 68  ARG A CD  1 
ATOM   231  N NE  . ARG A 1 41  ? -1.606  -3.770  -18.698 1.00 45.11 ? 68  ARG A NE  1 
ATOM   232  C CZ  . ARG A 1 41  ? -1.754  -3.492  -19.995 1.00 48.08 ? 68  ARG A CZ  1 
ATOM   233  N NH1 . ARG A 1 41  ? -0.909  -3.967  -20.911 1.00 49.85 ? 68  ARG A NH1 1 
ATOM   234  N NH2 . ARG A 1 41  ? -2.764  -2.718  -20.384 1.00 50.16 ? 68  ARG A NH2 1 
ATOM   235  N N   . VAL A 1 42  ? 2.976   -2.057  -14.416 1.00 22.78 ? 69  VAL A N   1 
ATOM   236  C CA  . VAL A 1 42  ? 4.327   -1.522  -14.212 1.00 22.71 ? 69  VAL A CA  1 
ATOM   237  C C   . VAL A 1 42  ? 4.617   -1.168  -12.753 1.00 22.95 ? 69  VAL A C   1 
ATOM   238  O O   . VAL A 1 42  ? 5.554   -1.710  -12.176 1.00 23.66 ? 69  VAL A O   1 
ATOM   239  C CB  . VAL A 1 42  ? 4.595   -0.291  -15.099 1.00 22.70 ? 69  VAL A CB  1 
ATOM   240  C CG1 . VAL A 1 42  ? 5.986   0.290   -14.819 1.00 23.96 ? 69  VAL A CG1 1 
ATOM   241  C CG2 . VAL A 1 42  ? 4.448   -0.676  -16.555 1.00 21.95 ? 69  VAL A CG2 1 
ATOM   242  N N   . VAL A 1 43  ? 3.827   -0.277  -12.154 1.00 22.02 ? 70  VAL A N   1 
ATOM   243  C CA  . VAL A 1 43  ? 4.206   0.290   -10.854 1.00 22.23 ? 70  VAL A CA  1 
ATOM   244  C C   . VAL A 1 43  ? 4.150   -0.777  -9.742  1.00 23.44 ? 70  VAL A C   1 
ATOM   245  O O   . VAL A 1 43  ? 5.159   -1.064  -9.078  1.00 22.45 ? 70  VAL A O   1 
ATOM   246  C CB  . VAL A 1 43  ? 3.336   1.523   -10.464 1.00 22.06 ? 70  VAL A CB  1 
ATOM   247  C CG1 . VAL A 1 43  ? 3.806   2.107   -9.140  1.00 22.24 ? 70  VAL A CG1 1 
ATOM   248  C CG2 . VAL A 1 43  ? 3.394   2.568   -11.571 1.00 21.81 ? 70  VAL A CG2 1 
ATOM   249  N N   . LEU A 1 44  ? 2.973   -1.358  -9.553  1.00 22.94 ? 71  LEU A N   1 
ATOM   250  C CA  . LEU A 1 44  ? 2.770   -2.367  -8.527  1.00 23.20 ? 71  LEU A CA  1 
ATOM   251  C C   . LEU A 1 44  ? 3.711   -3.551  -8.746  1.00 25.48 ? 71  LEU A C   1 
ATOM   252  O O   . LEU A 1 44  ? 4.371   -3.987  -7.794  1.00 23.78 ? 71  LEU A O   1 
ATOM   253  C CB  . LEU A 1 44  ? 1.310   -2.834  -8.509  1.00 23.23 ? 71  LEU A CB  1 
ATOM   254  C CG  . LEU A 1 44  ? 0.809   -3.802  -7.420  1.00 22.96 ? 71  LEU A CG  1 
ATOM   255  C CD1 . LEU A 1 44  ? 1.234   -5.243  -7.700  1.00 23.39 ? 71  LEU A CD1 1 
ATOM   256  C CD2 . LEU A 1 44  ? 1.238   -3.361  -6.028  1.00 23.02 ? 71  LEU A CD2 1 
ATOM   257  N N   . LYS A 1 45  ? 3.781   -4.055  -9.984  1.00 27.47 ? 72  LYS A N   1 
ATOM   258  C CA  . LYS A 1 45  ? 4.592   -5.252  -10.289 1.00 30.02 ? 72  LYS A CA  1 
ATOM   259  C C   . LYS A 1 45  ? 6.066   -5.070  -9.957  1.00 28.31 ? 72  LYS A C   1 
ATOM   260  O O   . LYS A 1 45  ? 6.684   -5.987  -9.430  1.00 26.58 ? 72  LYS A O   1 
ATOM   261  C CB  . LYS A 1 45  ? 4.509   -5.658  -11.765 1.00 34.21 ? 72  LYS A CB  1 
ATOM   262  C CG  . LYS A 1 45  ? 3.142   -6.035  -12.301 1.00 38.78 ? 72  LYS A CG  1 
ATOM   263  C CD  . LYS A 1 45  ? 2.350   -6.997  -11.429 1.00 41.96 ? 72  LYS A CD  1 
ATOM   264  C CE  . LYS A 1 45  ? 1.043   -7.389  -12.110 1.00 46.37 ? 72  LYS A CE  1 
ATOM   265  N NZ  . LYS A 1 45  ? 0.553   -8.715  -11.640 1.00 48.49 ? 72  LYS A NZ  1 
ATOM   266  N N   . THR A 1 46  ? 6.621   -3.893  -10.254 1.00 26.44 ? 73  THR A N   1 
ATOM   267  C CA  . THR A 1 46  ? 8.037   -3.638  -10.000 1.00 25.91 ? 73  THR A CA  1 
ATOM   268  C C   . THR A 1 46  ? 8.312   -3.500  -8.511  1.00 24.50 ? 73  THR A C   1 
ATOM   269  O O   . THR A 1 46  ? 9.301   -4.059  -8.021  1.00 23.69 ? 73  THR A O   1 
ATOM   270  C CB  . THR A 1 46  ? 8.560   -2.356  -10.666 1.00 26.99 ? 73  THR A CB  1 
ATOM   271  O OG1 . THR A 1 46  ? 7.944   -1.205  -10.058 1.00 32.41 ? 73  THR A OG1 1 
ATOM   272  C CG2 . THR A 1 46  ? 8.333   -2.385  -12.162 1.00 25.26 ? 73  THR A CG2 1 
ATOM   273  N N   . LEU A 1 47  ? 7.474   -2.723  -7.808  1.00 21.50 ? 74  LEU A N   1 
ATOM   274  C CA  . LEU A 1 47  ? 7.586   -2.631  -6.343  1.00 21.71 ? 74  LEU A CA  1 
ATOM   275  C C   . LEU A 1 47  ? 7.382   -3.986  -5.691  1.00 19.83 ? 74  LEU A C   1 
ATOM   276  O O   . LEU A 1 47  ? 8.067   -4.307  -4.703  1.00 19.52 ? 74  LEU A O   1 
ATOM   277  C CB  . LEU A 1 47  ? 6.564   -1.661  -5.742  1.00 22.30 ? 74  LEU A CB  1 
ATOM   278  C CG  . LEU A 1 47  ? 6.626   -0.163  -6.033  1.00 23.99 ? 74  LEU A CG  1 
ATOM   279  C CD1 . LEU A 1 47  ? 5.719   0.587   -5.058  1.00 24.40 ? 74  LEU A CD1 1 
ATOM   280  C CD2 . LEU A 1 47  ? 8.033   0.356   -5.927  1.00 24.10 ? 74  LEU A CD2 1 
ATOM   281  N N   . TRP A 1 48  ? 6.447   -4.777  -6.221  1.00 18.64 ? 75  TRP A N   1 
ATOM   282  C CA  . TRP A 1 48  ? 6.111   -6.072  -5.637  1.00 18.66 ? 75  TRP A CA  1 
ATOM   283  C C   . TRP A 1 48  ? 7.303   -7.041  -5.612  1.00 20.05 ? 75  TRP A C   1 
ATOM   284  O O   . TRP A 1 48  ? 7.484   -7.758  -4.631  1.00 18.86 ? 75  TRP A O   1 
ATOM   285  C CB  . TRP A 1 48  ? 4.935   -6.709  -6.362  1.00 19.14 ? 75  TRP A CB  1 
ATOM   286  C CG  . TRP A 1 48  ? 4.361   -7.897  -5.675  1.00 19.01 ? 75  TRP A CG  1 
ATOM   287  C CD1 . TRP A 1 48  ? 4.669   -9.208  -5.907  1.00 18.78 ? 75  TRP A CD1 1 
ATOM   288  C CD2 . TRP A 1 48  ? 3.366   -7.895  -4.647  1.00 18.14 ? 75  TRP A CD2 1 
ATOM   289  N NE1 . TRP A 1 48  ? 3.943   -10.012 -5.088  1.00 19.32 ? 75  TRP A NE1 1 
ATOM   290  C CE2 . TRP A 1 48  ? 3.133   -9.242  -4.297  1.00 18.37 ? 75  TRP A CE2 1 
ATOM   291  C CE3 . TRP A 1 48  ? 2.669   -6.888  -3.971  1.00 17.65 ? 75  TRP A CE3 1 
ATOM   292  C CZ2 . TRP A 1 48  ? 2.226   -9.614  -3.314  1.00 18.50 ? 75  TRP A CZ2 1 
ATOM   293  C CZ3 . TRP A 1 48  ? 1.761   -7.255  -2.992  1.00 17.16 ? 75  TRP A CZ3 1 
ATOM   294  C CH2 . TRP A 1 48  ? 1.544   -8.610  -2.674  1.00 18.02 ? 75  TRP A CH2 1 
ATOM   295  N N   . LYS A 1 49  ? 8.110   -7.034  -6.676  1.00 20.90 ? 76  LYS A N   1 
ATOM   296  C CA  . LYS A 1 49  ? 9.251   -7.951  -6.819  1.00 22.54 ? 76  LYS A CA  1 
ATOM   297  C C   . LYS A 1 49  ? 10.457  -7.538  -5.982  1.00 22.22 ? 76  LYS A C   1 
ATOM   298  O O   . LYS A 1 49  ? 11.399  -8.332  -5.847  1.00 24.22 ? 76  LYS A O   1 
ATOM   299  C CB  . LYS A 1 49  ? 9.796   -7.953  -8.257  1.00 24.69 ? 76  LYS A CB  1 
ATOM   300  C CG  . LYS A 1 49  ? 8.878   -8.256  -9.421  1.00 29.00 ? 76  LYS A CG  1 
ATOM   301  C CD  . LYS A 1 49  ? 9.470   -7.599  -10.689 1.00 30.39 ? 76  LYS A CD  1 
ATOM   302  C CE  . LYS A 1 49  ? 8.532   -7.558  -11.886 1.00 32.66 ? 76  LYS A CE  1 
ATOM   303  N NZ  . LYS A 1 49  ? 8.540   -8.818  -12.666 1.00 33.74 ? 76  LYS A NZ  1 
ATOM   304  N N   . HIS A 1 50  ? 10.483  -6.282  -5.526  1.00 19.87 ? 77  HIS A N   1 
ATOM   305  C CA  . HIS A 1 50  ? 11.627  -5.703  -4.833  1.00 18.59 ? 77  HIS A CA  1 
ATOM   306  C C   . HIS A 1 50  ? 11.906  -6.451  -3.534  1.00 17.79 ? 77  HIS A C   1 
ATOM   307  O O   . HIS A 1 50  ? 10.964  -6.952  -2.908  1.00 17.86 ? 77  HIS A O   1 
ATOM   308  C CB  . HIS A 1 50  ? 11.359  -4.226  -4.528  1.00 18.12 ? 77  HIS A CB  1 
ATOM   309  C CG  . HIS A 1 50  ? 12.584  -3.429  -4.235  1.00 17.61 ? 77  HIS A CG  1 
ATOM   310  N ND1 . HIS A 1 50  ? 13.234  -3.454  -3.020  1.00 17.29 ? 77  HIS A ND1 1 
ATOM   311  C CD2 . HIS A 1 50  ? 13.282  -2.570  -5.010  1.00 17.69 ? 77  HIS A CD2 1 
ATOM   312  C CE1 . HIS A 1 50  ? 14.267  -2.634  -3.051  1.00 17.17 ? 77  HIS A CE1 1 
ATOM   313  N NE2 . HIS A 1 50  ? 14.310  -2.075  -4.246  1.00 17.74 ? 77  HIS A NE2 1 
ATOM   314  N N   . GLN A 1 51  ? 13.186  -6.525  -3.146  1.00 18.10 ? 78  GLN A N   1 
ATOM   315  C CA  . GLN A 1 51  ? 13.631  -7.224  -1.905  1.00 19.37 ? 78  GLN A CA  1 
ATOM   316  C C   . GLN A 1 51  ? 13.115  -6.602  -0.594  1.00 17.87 ? 78  GLN A C   1 
ATOM   317  O O   . GLN A 1 51  ? 13.188  -7.229  0.454   1.00 18.18 ? 78  GLN A O   1 
ATOM   318  C CB  . GLN A 1 51  ? 15.178  -7.329  -1.836  1.00 19.78 ? 78  GLN A CB  1 
ATOM   319  C CG  . GLN A 1 51  ? 15.907  -6.004  -1.584  1.00 21.63 ? 78  GLN A CG  1 
ATOM   320  C CD  . GLN A 1 51  ? 17.315  -6.170  -1.018  1.00 23.14 ? 78  GLN A CD  1 
ATOM   321  O OE1 . GLN A 1 51  ? 17.528  -6.780  0.049   1.00 25.94 ? 78  GLN A OE1 1 
ATOM   322  N NE2 . GLN A 1 51  ? 18.268  -5.593  -1.697  1.00 22.57 ? 78  GLN A NE2 1 
ATOM   323  N N   . PHE A 1 52  ? 12.601  -5.385  -0.674  1.00 16.95 ? 79  PHE A N   1 
ATOM   324  C CA  . PHE A 1 52  ? 12.060  -4.624  0.450   1.00 15.91 ? 79  PHE A CA  1 
ATOM   325  C C   . PHE A 1 52  ? 10.525  -4.604  0.397   1.00 15.97 ? 79  PHE A C   1 
ATOM   326  O O   . PHE A 1 52  ? 9.909   -3.985  1.251   1.00 15.39 ? 79  PHE A O   1 
ATOM   327  C CB  . PHE A 1 52  ? 12.568  -3.184  0.436   1.00 15.47 ? 79  PHE A CB  1 
ATOM   328  C CG  . PHE A 1 52  ? 14.047  -3.014  0.732   1.00 14.94 ? 79  PHE A CG  1 
ATOM   329  C CD1 . PHE A 1 52  ? 14.819  -4.010  1.315   1.00 15.08 ? 79  PHE A CD1 1 
ATOM   330  C CD2 . PHE A 1 52  ? 14.659  -1.792  0.446   1.00 15.41 ? 79  PHE A CD2 1 
ATOM   331  C CE1 . PHE A 1 52  ? 16.161  -3.810  1.576   1.00 15.78 ? 79  PHE A CE1 1 
ATOM   332  C CE2 . PHE A 1 52  ? 16.007  -1.576  0.701   1.00 15.73 ? 79  PHE A CE2 1 
ATOM   333  C CZ  . PHE A 1 52  ? 16.755  -2.569  1.285   1.00 16.04 ? 79  PHE A CZ  1 
ATOM   334  N N   . ALA A 1 53  ? 9.905   -5.311  -0.563  1.00 15.43 ? 80  ALA A N   1 
ATOM   335  C CA  . ALA A 1 53  ? 8.435   -5.308  -0.672  1.00 15.12 ? 80  ALA A CA  1 
ATOM   336  C C   . ALA A 1 53  ? 7.771   -6.104  0.439   1.00 14.99 ? 80  ALA A C   1 
ATOM   337  O O   . ALA A 1 53  ? 6.653   -5.798  0.821   1.00 14.21 ? 80  ALA A O   1 
ATOM   338  C CB  . ALA A 1 53  ? 7.998   -5.888  -2.001  1.00 15.52 ? 80  ALA A CB  1 
ATOM   339  N N   . TRP A 1 54  ? 8.421   -7.167  0.917   1.00 13.70 ? 81  TRP A N   1 
ATOM   340  C CA  . TRP A 1 54  ? 7.746   -8.173  1.747   1.00 13.87 ? 81  TRP A CA  1 
ATOM   341  C C   . TRP A 1 54  ? 7.001   -7.667  3.013   1.00 13.11 ? 81  TRP A C   1 
ATOM   342  O O   . TRP A 1 54  ? 5.918   -8.178  3.311   1.00 13.95 ? 81  TRP A O   1 
ATOM   343  C CB  . TRP A 1 54  ? 8.684   -9.368  2.048   1.00 13.48 ? 81  TRP A CB  1 
ATOM   344  C CG  . TRP A 1 54  ? 9.884   -9.036  2.868   1.00 13.61 ? 81  TRP A CG  1 
ATOM   345  C CD1 . TRP A 1 54  ? 11.137  -8.736  2.423   1.00 13.93 ? 81  TRP A CD1 1 
ATOM   346  C CD2 . TRP A 1 54  ? 9.928   -8.961  4.290   1.00 14.57 ? 81  TRP A CD2 1 
ATOM   347  N NE1 . TRP A 1 54  ? 11.969  -8.486  3.494   1.00 14.75 ? 81  TRP A NE1 1 
ATOM   348  C CE2 . TRP A 1 54  ? 11.237  -8.585  4.650   1.00 14.45 ? 81  TRP A CE2 1 
ATOM   349  C CE3 . TRP A 1 54  ? 8.964   -9.126  5.300   1.00 14.98 ? 81  TRP A CE3 1 
ATOM   350  C CZ2 . TRP A 1 54  ? 11.620  -8.422  5.986   1.00 14.84 ? 81  TRP A CZ2 1 
ATOM   351  C CZ3 . TRP A 1 54  ? 9.341   -8.942  6.621   1.00 14.50 ? 81  TRP A CZ3 1 
ATOM   352  C CH2 . TRP A 1 54  ? 10.644  -8.602  6.953   1.00 14.14 ? 81  TRP A CH2 1 
ATOM   353  N N   . PRO A 1 55  ? 7.545   -6.651  3.725   1.00 12.28 ? 82  PRO A N   1 
ATOM   354  C CA  . PRO A 1 55  ? 6.790   -6.146  4.884   1.00 12.18 ? 82  PRO A CA  1 
ATOM   355  C C   . PRO A 1 55  ? 5.513   -5.404  4.533   1.00 11.93 ? 82  PRO A C   1 
ATOM   356  O O   . PRO A 1 55  ? 4.668   -5.228  5.407   1.00 11.86 ? 82  PRO A O   1 
ATOM   357  C CB  . PRO A 1 55  ? 7.761   -5.153  5.536   1.00 12.17 ? 82  PRO A CB  1 
ATOM   358  C CG  . PRO A 1 55  ? 9.081   -5.472  4.963   1.00 12.35 ? 82  PRO A CG  1 
ATOM   359  C CD  . PRO A 1 55  ? 8.793   -5.896  3.560   1.00 12.34 ? 82  PRO A CD  1 
ATOM   360  N N   . PHE A 1 56  ? 5.400   -4.969  3.273   1.00 11.47 ? 83  PHE A N   1 
ATOM   361  C CA  . PHE A 1 56  ? 4.284   -4.176  2.743   1.00 12.39 ? 83  PHE A CA  1 
ATOM   362  C C   . PHE A 1 56  ? 3.318   -4.999  1.869   1.00 12.63 ? 83  PHE A C   1 
ATOM   363  O O   . PHE A 1 56  ? 2.351   -4.467  1.316   1.00 12.69 ? 83  PHE A O   1 
ATOM   364  C CB  . PHE A 1 56  ? 4.900   -3.059  1.896   1.00 12.47 ? 83  PHE A CB  1 
ATOM   365  C CG  . PHE A 1 56  ? 5.901   -2.219  2.645   1.00 12.79 ? 83  PHE A CG  1 
ATOM   366  C CD1 . PHE A 1 56  ? 5.499   -1.071  3.326   1.00 13.60 ? 83  PHE A CD1 1 
ATOM   367  C CD2 . PHE A 1 56  ? 7.265   -2.561  2.662   1.00 12.95 ? 83  PHE A CD2 1 
ATOM   368  C CE1 . PHE A 1 56  ? 6.419   -0.274  3.996   1.00 13.48 ? 83  PHE A CE1 1 
ATOM   369  C CE2 . PHE A 1 56  ? 8.178   -1.767  3.333   1.00 13.30 ? 83  PHE A CE2 1 
ATOM   370  C CZ  . PHE A 1 56  ? 7.754   -0.632  4.012   1.00 13.49 ? 83  PHE A CZ  1 
ATOM   371  N N   . GLN A 1 57  ? 3.557   -6.306  1.758   1.00 12.86 ? 84  GLN A N   1 
ATOM   372  C CA  . GLN A 1 57  ? 2.741   -7.149  0.878   1.00 13.45 ? 84  GLN A CA  1 
ATOM   373  C C   . GLN A 1 57  ? 1.424   -7.654  1.470   1.00 14.01 ? 84  GLN A C   1 
ATOM   374  O O   . GLN A 1 57  ? 0.649   -8.315  0.771   1.00 14.00 ? 84  GLN A O   1 
ATOM   375  C CB  . GLN A 1 57  ? 3.555   -8.343  0.399   1.00 14.24 ? 84  GLN A CB  1 
ATOM   376  C CG  . GLN A 1 57  ? 4.547   -8.010  -0.701  1.00 14.64 ? 84  GLN A CG  1 
ATOM   377  C CD  . GLN A 1 57  ? 5.455   -9.190  -1.053  1.00 14.79 ? 84  GLN A CD  1 
ATOM   378  O OE1 . GLN A 1 57  ? 5.611   -10.118 -0.283  1.00 14.87 ? 84  GLN A OE1 1 
ATOM   379  N NE2 . GLN A 1 57  ? 6.088   -9.119  -2.208  1.00 14.70 ? 84  GLN A NE2 1 
ATOM   380  N N   . GLN A 1 58  ? 1.190   -7.392  2.752   1.00 14.41 ? 85  GLN A N   1 
ATOM   381  C CA  . GLN A 1 58  ? -0.076  -7.711  3.403   1.00 14.78 ? 85  GLN A CA  1 
ATOM   382  C C   . GLN A 1 58  ? -0.292  -6.751  4.570   1.00 14.20 ? 85  GLN A C   1 
ATOM   383  O O   . GLN A 1 58  ? 0.655   -6.111  5.011   1.00 13.03 ? 85  GLN A O   1 
ATOM   384  C CB  . GLN A 1 58  ? -0.046  -9.173  3.918   1.00 15.34 ? 85  GLN A CB  1 
ATOM   385  C CG  . GLN A 1 58  ? 1.130   -9.509  4.838   1.00 15.95 ? 85  GLN A CG  1 
ATOM   386  C CD  . GLN A 1 58  ? 2.450   -9.647  4.132   1.00 15.60 ? 85  GLN A CD  1 
ATOM   387  O OE1 . GLN A 1 58  ? 2.557   -10.341 3.119   1.00 17.55 ? 85  GLN A OE1 1 
ATOM   388  N NE2 . GLN A 1 58  ? 3.471   -8.998  4.661   1.00 15.99 ? 85  GLN A NE2 1 
ATOM   389  N N   . PRO A 1 59  ? -1.532  -6.671  5.085   1.00 14.30 ? 86  PRO A N   1 
ATOM   390  C CA  . PRO A 1 59  ? -1.766  -5.891  6.286   1.00 15.04 ? 86  PRO A CA  1 
ATOM   391  C C   . PRO A 1 59  ? -0.865  -6.292  7.440   1.00 16.15 ? 86  PRO A C   1 
ATOM   392  O O   . PRO A 1 59  ? -0.493  -7.472  7.576   1.00 16.40 ? 86  PRO A O   1 
ATOM   393  C CB  . PRO A 1 59  ? -3.214  -6.225  6.649   1.00 15.27 ? 86  PRO A CB  1 
ATOM   394  C CG  . PRO A 1 59  ? -3.854  -6.574  5.357   1.00 15.64 ? 86  PRO A CG  1 
ATOM   395  C CD  . PRO A 1 59  ? -2.779  -7.291  4.593   1.00 14.75 ? 86  PRO A CD  1 
ATOM   396  N N   . VAL A 1 60  ? -0.539  -5.304  8.258   1.00 16.06 ? 87  VAL A N   1 
ATOM   397  C CA  . VAL A 1 60  ? 0.231   -5.505  9.460   1.00 16.71 ? 87  VAL A CA  1 
ATOM   398  C C   . VAL A 1 60  ? -0.549  -6.454  10.378  1.00 16.86 ? 87  VAL A C   1 
ATOM   399  O O   . VAL A 1 60  ? -1.697  -6.185  10.737  1.00 16.24 ? 87  VAL A O   1 
ATOM   400  C CB  . VAL A 1 60  ? 0.523   -4.161  10.144  1.00 16.67 ? 87  VAL A CB  1 
ATOM   401  C CG1 . VAL A 1 60  ? 1.035   -4.370  11.555  1.00 17.17 ? 87  VAL A CG1 1 
ATOM   402  C CG2 . VAL A 1 60  ? 1.522   -3.341  9.308   1.00 16.35 ? 87  VAL A CG2 1 
ATOM   403  N N   . ASP A 1 61  ? 0.086   -7.578  10.697  1.00 17.52 ? 88  ASP A N   1 
ATOM   404  C CA  . ASP A 1 61  ? -0.362  -8.504  11.730  1.00 18.74 ? 88  ASP A CA  1 
ATOM   405  C C   . ASP A 1 61  ? 0.296   -8.042  13.022  1.00 19.04 ? 88  ASP A C   1 
ATOM   406  O O   . ASP A 1 61  ? 1.450   -8.387  13.327  1.00 19.85 ? 88  ASP A O   1 
ATOM   407  C CB  . ASP A 1 61  ? 0.016   -9.950  11.353  1.00 20.55 ? 88  ASP A CB  1 
ATOM   408  C CG  . ASP A 1 61  ? -0.591  -11.009 12.292  1.00 21.28 ? 88  ASP A CG  1 
ATOM   409  O OD1 . ASP A 1 61  ? -0.924  -10.684 13.441  1.00 21.68 ? 88  ASP A OD1 1 
ATOM   410  O OD2 . ASP A 1 61  ? -0.729  -12.176 11.872  1.00 24.05 ? 88  ASP A OD2 1 
ATOM   411  N N   . ALA A 1 62  ? -0.437  -7.226  13.770  1.00 18.25 ? 89  ALA A N   1 
ATOM   412  C CA  . ALA A 1 62  ? 0.047   -6.661  15.027  1.00 19.60 ? 89  ALA A CA  1 
ATOM   413  C C   . ALA A 1 62  ? 0.313   -7.707  16.129  1.00 19.63 ? 89  ALA A C   1 
ATOM   414  O O   . ALA A 1 62  ? 1.084   -7.442  17.066  1.00 18.88 ? 89  ALA A O   1 
ATOM   415  C CB  . ALA A 1 62  ? -0.927  -5.603  15.554  1.00 18.96 ? 89  ALA A CB  1 
ATOM   416  N N   . VAL A 1 63  ? -0.359  -8.849  16.022  1.00 22.11 ? 90  VAL A N   1 
ATOM   417  C CA  . VAL A 1 63  ? -0.180  -9.966  16.951  1.00 23.75 ? 90  VAL A CA  1 
ATOM   418  C C   . VAL A 1 63  ? 1.131   -10.697 16.678  1.00 26.01 ? 90  VAL A C   1 
ATOM   419  O O   . VAL A 1 63  ? 1.982   -10.800 17.570  1.00 26.07 ? 90  VAL A O   1 
ATOM   420  C CB  . VAL A 1 63  ? -1.353  -10.965 16.886  1.00 24.65 ? 90  VAL A CB  1 
ATOM   421  C CG1 . VAL A 1 63  ? -1.116  -12.120 17.856  1.00 25.86 ? 90  VAL A CG1 1 
ATOM   422  C CG2 . VAL A 1 63  ? -2.692  -10.273 17.162  1.00 25.22 ? 90  VAL A CG2 1 
ATOM   423  N N   . LYS A 1 64  ? 1.279   -11.201 15.452  1.00 26.18 ? 91  LYS A N   1 
ATOM   424  C CA  . LYS A 1 64  ? 2.496   -11.920 15.023  1.00 28.32 ? 91  LYS A CA  1 
ATOM   425  C C   . LYS A 1 64  ? 3.759   -11.094 15.141  1.00 28.78 ? 91  LYS A C   1 
ATOM   426  O O   . LYS A 1 64  ? 4.777   -11.572 15.671  1.00 30.80 ? 91  LYS A O   1 
ATOM   427  C CB  . LYS A 1 64  ? 2.356   -12.398 13.574  1.00 30.36 ? 91  LYS A CB  1 
ATOM   428  C CG  . LYS A 1 64  ? 3.546   -13.197 13.056  1.00 30.97 ? 91  LYS A CG  1 
ATOM   429  C CD  . LYS A 1 64  ? 3.331   -13.633 11.623  1.00 32.65 ? 91  LYS A CD  1 
ATOM   430  C CE  . LYS A 1 64  ? 4.608   -14.198 11.038  1.00 33.75 ? 91  LYS A CE  1 
ATOM   431  N NZ  . LYS A 1 64  ? 4.401   -14.645 9.634   1.00 34.84 ? 91  LYS A NZ  1 
ATOM   432  N N   . LEU A 1 65  ? 3.700   -9.851  14.667  1.00 25.44 ? 92  LEU A N   1 
ATOM   433  C CA  . LEU A 1 65  ? 4.867   -8.980  14.633  1.00 24.64 ? 92  LEU A CA  1 
ATOM   434  C C   . LEU A 1 65  ? 5.161   -8.283  15.959  1.00 22.37 ? 92  LEU A C   1 
ATOM   435  O O   . LEU A 1 65  ? 6.110   -7.505  16.064  1.00 25.78 ? 92  LEU A O   1 
ATOM   436  C CB  . LEU A 1 65  ? 4.692   -7.953  13.516  1.00 24.06 ? 92  LEU A CB  1 
ATOM   437  C CG  . LEU A 1 65  ? 4.434   -8.538  12.118  1.00 24.92 ? 92  LEU A CG  1 
ATOM   438  C CD1 . LEU A 1 65  ? 4.280   -7.396  11.126  1.00 25.52 ? 92  LEU A CD1 1 
ATOM   439  C CD2 . LEU A 1 65  ? 5.507   -9.513  11.644  1.00 25.39 ? 92  LEU A CD2 1 
ATOM   440  N N   . ASN A 1 66  ? 4.338   -8.533  16.971  1.00 22.55 ? 93  ASN A N   1 
ATOM   441  C CA  . ASN A 1 66  ? 4.517   -7.943  18.279  1.00 22.71 ? 93  ASN A CA  1 
ATOM   442  C C   . ASN A 1 66  ? 4.527   -6.418  18.242  1.00 21.44 ? 93  ASN A C   1 
ATOM   443  O O   . ASN A 1 66  ? 5.401   -5.748  18.804  1.00 22.16 ? 93  ASN A O   1 
ATOM   444  C CB  . ASN A 1 66  ? 5.785   -8.526  18.923  1.00 24.71 ? 93  ASN A CB  1 
ATOM   445  C CG  . ASN A 1 66  ? 5.521   -9.097  20.280  1.00 25.25 ? 93  ASN A CG  1 
ATOM   446  O OD1 . ASN A 1 66  ? 4.374   -9.206  20.708  1.00 24.15 ? 93  ASN A OD1 1 
ATOM   447  N ND2 . ASN A 1 66  ? 6.588   -9.482  20.968  1.00 26.97 ? 93  ASN A ND2 1 
ATOM   448  N N   . LEU A 1 67  ? 3.508   -5.878  17.571  1.00 19.51 ? 94  LEU A N   1 
ATOM   449  C CA  . LEU A 1 67  ? 3.306   -4.437  17.450  1.00 19.40 ? 94  LEU A CA  1 
ATOM   450  C C   . LEU A 1 67  ? 1.934   -4.108  18.014  1.00 20.01 ? 94  LEU A C   1 
ATOM   451  O O   . LEU A 1 67  ? 1.050   -3.657  17.290  1.00 18.47 ? 94  LEU A O   1 
ATOM   452  C CB  . LEU A 1 67  ? 3.408   -4.013  15.985  1.00 18.36 ? 94  LEU A CB  1 
ATOM   453  C CG  . LEU A 1 67  ? 4.749   -4.413  15.314  1.00 20.38 ? 94  LEU A CG  1 
ATOM   454  C CD1 . LEU A 1 67  ? 4.744   -4.089  13.813  1.00 19.33 ? 94  LEU A CD1 1 
ATOM   455  C CD2 . LEU A 1 67  ? 5.925   -3.729  15.992  1.00 19.77 ? 94  LEU A CD2 1 
ATOM   456  N N   . PRO A 1 68  ? 1.756   -4.306  19.327  1.00 19.54 ? 95  PRO A N   1 
ATOM   457  C CA  . PRO A 1 68  ? 0.416   -4.180  19.906  1.00 19.38 ? 95  PRO A CA  1 
ATOM   458  C C   . PRO A 1 68  ? -0.163  -2.776  19.875  1.00 18.64 ? 95  PRO A C   1 
ATOM   459  O O   . PRO A 1 68  ? -1.382  -2.619  19.954  1.00 20.26 ? 95  PRO A O   1 
ATOM   460  C CB  . PRO A 1 68  ? 0.619   -4.684  21.349  1.00 19.62 ? 95  PRO A CB  1 
ATOM   461  C CG  . PRO A 1 68  ? 2.026   -4.335  21.640  1.00 19.26 ? 95  PRO A CG  1 
ATOM   462  C CD  . PRO A 1 68  ? 2.746   -4.668  20.355  1.00 20.42 ? 95  PRO A CD  1 
ATOM   463  N N   . ASP A 1 69  ? 0.693   -1.772  19.745  1.00 17.93 ? 96  ASP A N   1 
ATOM   464  C CA  . ASP A 1 69  ? 0.264   -0.398  19.616  1.00 18.29 ? 96  ASP A CA  1 
ATOM   465  C C   . ASP A 1 69  ? -0.032  0.017   18.176  1.00 17.00 ? 96  ASP A C   1 
ATOM   466  O O   . ASP A 1 69  ? -0.474  1.155   17.950  1.00 17.57 ? 96  ASP A O   1 
ATOM   467  C CB  . ASP A 1 69  ? 1.324   0.549   20.190  1.00 19.07 ? 96  ASP A CB  1 
ATOM   468  C CG  . ASP A 1 69  ? 2.679   0.376   19.550  1.00 19.39 ? 96  ASP A CG  1 
ATOM   469  O OD1 . ASP A 1 69  ? 2.893   -0.637  18.838  1.00 22.30 ? 96  ASP A OD1 1 
ATOM   470  O OD2 . ASP A 1 69  ? 3.534   1.224   19.805  1.00 20.70 ? 96  ASP A OD2 1 
ATOM   471  N N   . TYR A 1 70  ? 0.222   -0.868  17.205  1.00 15.61 ? 97  TYR A N   1 
ATOM   472  C CA  . TYR A 1 70  ? 0.142   -0.437  15.799  1.00 14.44 ? 97  TYR A CA  1 
ATOM   473  C C   . TYR A 1 70  ? -1.189  0.206   15.453  1.00 14.41 ? 97  TYR A C   1 
ATOM   474  O O   . TYR A 1 70  ? -1.205  1.311   14.919  1.00 13.76 ? 97  TYR A O   1 
ATOM   475  C CB  . TYR A 1 70  ? 0.428   -1.567  14.801  1.00 14.28 ? 97  TYR A CB  1 
ATOM   476  C CG  . TYR A 1 70  ? 0.581   -1.023  13.392  1.00 14.23 ? 97  TYR A CG  1 
ATOM   477  C CD1 . TYR A 1 70  ? 1.777   -0.431  12.979  1.00 14.19 ? 97  TYR A CD1 1 
ATOM   478  C CD2 . TYR A 1 70  ? -0.482  -1.088  12.476  1.00 13.77 ? 97  TYR A CD2 1 
ATOM   479  C CE1 . TYR A 1 70  ? 1.928   0.082   11.693  1.00 13.89 ? 97  TYR A CE1 1 
ATOM   480  C CE2 . TYR A 1 70  ? -0.340  -0.587  11.186  1.00 14.02 ? 97  TYR A CE2 1 
ATOM   481  C CZ  . TYR A 1 70  ? 0.851   -0.003  10.798  1.00 13.91 ? 97  TYR A CZ  1 
ATOM   482  O OH  . TYR A 1 70  ? 0.964   0.506   9.522   1.00 13.28 ? 97  TYR A OH  1 
ATOM   483  N N   . TYR A 1 71  ? -2.282  -0.491  15.761  1.00 15.10 ? 98  TYR A N   1 
ATOM   484  C CA  . TYR A 1 71  ? -3.644  -0.032  15.458  1.00 15.67 ? 98  TYR A CA  1 
ATOM   485  C C   . TYR A 1 71  ? -4.227  0.914   16.530  1.00 16.38 ? 98  TYR A C   1 
ATOM   486  O O   . TYR A 1 71  ? -5.374  1.348   16.412  1.00 17.48 ? 98  TYR A O   1 
ATOM   487  C CB  . TYR A 1 71  ? -4.566  -1.225  15.162  1.00 15.47 ? 98  TYR A CB  1 
ATOM   488  C CG  . TYR A 1 71  ? -4.150  -1.985  13.899  1.00 15.14 ? 98  TYR A CG  1 
ATOM   489  C CD1 . TYR A 1 71  ? -4.249  -1.382  12.652  1.00 15.19 ? 98  TYR A CD1 1 
ATOM   490  C CD2 . TYR A 1 71  ? -3.629  -3.282  13.954  1.00 14.92 ? 98  TYR A CD2 1 
ATOM   491  C CE1 . TYR A 1 71  ? -3.852  -2.036  11.502  1.00 15.04 ? 98  TYR A CE1 1 
ATOM   492  C CE2 . TYR A 1 71  ? -3.253  -3.970  12.783  1.00 14.91 ? 98  TYR A CE2 1 
ATOM   493  C CZ  . TYR A 1 71  ? -3.352  -3.321  11.555  1.00 15.59 ? 98  TYR A CZ  1 
ATOM   494  O OH  . TYR A 1 71  ? -2.985  -3.914  10.352  1.00 16.04 ? 98  TYR A OH  1 
ATOM   495  N N   . LYS A 1 72  ? -3.436  1.243   17.555  1.00 17.66 ? 99  LYS A N   1 
ATOM   496  C CA  . LYS A 1 72  ? -3.706  2.413   18.402  1.00 18.28 ? 99  LYS A CA  1 
ATOM   497  C C   . LYS A 1 72  ? -3.264  3.701   17.699  1.00 18.31 ? 99  LYS A C   1 
ATOM   498  O O   . LYS A 1 72  ? -3.880  4.758   17.823  1.00 18.95 ? 99  LYS A O   1 
ATOM   499  C CB  . LYS A 1 72  ? -3.010  2.280   19.755  1.00 18.62 ? 99  LYS A CB  1 
ATOM   500  C CG  . LYS A 1 72  ? -3.245  0.978   20.483  1.00 20.29 ? 99  LYS A CG  1 
ATOM   501  C CD  . LYS A 1 72  ? -4.717  0.699   20.734  1.00 21.18 ? 99  LYS A CD  1 
ATOM   502  C CE  . LYS A 1 72  ? -4.918  -0.388  21.791  1.00 23.53 ? 99  LYS A CE  1 
ATOM   503  N NZ  . LYS A 1 72  ? -6.262  -1.013  21.648  1.00 24.79 ? 99  LYS A NZ  1 
ATOM   504  N N   . ILE A 1 73  ? -2.185  3.599   16.931  1.00 18.30 ? 100 ILE A N   1 
ATOM   505  C CA  . ILE A 1 73  ? -1.556  4.743   16.270  1.00 17.44 ? 100 ILE A CA  1 
ATOM   506  C C   . ILE A 1 73  ? -2.084  4.895   14.844  1.00 17.12 ? 100 ILE A C   1 
ATOM   507  O O   . ILE A 1 73  ? -2.475  5.999   14.431  1.00 17.24 ? 100 ILE A O   1 
ATOM   508  C CB  . ILE A 1 73  ? -0.010  4.597   16.331  1.00 17.82 ? 100 ILE A CB  1 
ATOM   509  C CG1 . ILE A 1 73  ? 0.455   4.692   17.788  1.00 18.73 ? 100 ILE A CG1 1 
ATOM   510  C CG2 . ILE A 1 73  ? 0.693   5.683   15.537  1.00 17.59 ? 100 ILE A CG2 1 
ATOM   511  C CD1 . ILE A 1 73  ? 1.785   4.022   18.045  1.00 19.78 ? 100 ILE A CD1 1 
ATOM   512  N N   . ILE A 1 74  ? -2.127  3.783   14.102  1.00 15.92 ? 101 ILE A N   1 
ATOM   513  C CA  . ILE A 1 74  ? -2.510  3.798   12.690  1.00 15.79 ? 101 ILE A CA  1 
ATOM   514  C C   . ILE A 1 74  ? -3.982  3.375   12.560  1.00 15.70 ? 101 ILE A C   1 
ATOM   515  O O   . ILE A 1 74  ? -4.311  2.197   12.727  1.00 15.82 ? 101 ILE A O   1 
ATOM   516  C CB  . ILE A 1 74  ? -1.582  2.877   11.860  1.00 14.86 ? 101 ILE A CB  1 
ATOM   517  C CG1 . ILE A 1 74  ? -0.107  3.317   12.015  1.00 14.94 ? 101 ILE A CG1 1 
ATOM   518  C CG2 . ILE A 1 74  ? -1.976  2.856   10.387  1.00 15.32 ? 101 ILE A CG2 1 
ATOM   519  C CD1 . ILE A 1 74  ? 0.209   4.741   11.619  1.00 14.84 ? 101 ILE A CD1 1 
ATOM   520  N N   . LYS A 1 75  ? -4.837  4.346   12.226  1.00 16.62 ? 102 LYS A N   1 
ATOM   521  C CA  . LYS A 1 75  ? -6.288  4.123   12.049  1.00 17.40 ? 102 LYS A CA  1 
ATOM   522  C C   . LYS A 1 75  ? -6.737  4.056   10.594  1.00 17.13 ? 102 LYS A C   1 
ATOM   523  O O   . LYS A 1 75  ? -7.891  3.733   10.353  1.00 16.01 ? 102 LYS A O   1 
ATOM   524  C CB  . LYS A 1 75  ? -7.087  5.251   12.727  1.00 19.13 ? 102 LYS A CB  1 
ATOM   525  C CG  . LYS A 1 75  ? -6.782  5.465   14.195  1.00 20.40 ? 102 LYS A CG  1 
ATOM   526  C CD  . LYS A 1 75  ? -7.028  4.178   14.962  1.00 21.38 ? 102 LYS A CD  1 
ATOM   527  C CE  . LYS A 1 75  ? -7.213  4.423   16.441  1.00 22.58 ? 102 LYS A CE  1 
ATOM   528  N NZ  . LYS A 1 75  ? -7.238  3.133   17.147  1.00 23.27 ? 102 LYS A NZ  1 
ATOM   529  N N   . THR A 1 76  ? -5.856  4.393   9.645   1.00 17.33 ? 103 THR A N   1 
ATOM   530  C CA  . THR A 1 76  ? -6.116  4.208   8.201   1.00 17.09 ? 103 THR A CA  1 
ATOM   531  C C   . THR A 1 76  ? -5.016  3.309   7.609   1.00 15.74 ? 103 THR A C   1 
ATOM   532  O O   . THR A 1 76  ? -4.147  3.745   6.844   1.00 15.18 ? 103 THR A O   1 
ATOM   533  C CB  . THR A 1 76  ? -6.225  5.558   7.463   1.00 18.55 ? 103 THR A CB  1 
ATOM   534  O OG1 . THR A 1 76  ? -7.173  6.395   8.136   1.00 20.22 ? 103 THR A OG1 1 
ATOM   535  C CG2 . THR A 1 76  ? -6.708  5.370   6.064   1.00 19.72 ? 103 THR A CG2 1 
ATOM   536  N N   . PRO A 1 77  ? -5.045  2.021   7.973   1.00 14.30 ? 104 PRO A N   1 
ATOM   537  C CA  . PRO A 1 77  ? -3.967  1.162   7.495   1.00 13.89 ? 104 PRO A CA  1 
ATOM   538  C C   . PRO A 1 77  ? -4.071  0.899   5.993   1.00 13.28 ? 104 PRO A C   1 
ATOM   539  O O   . PRO A 1 77  ? -5.156  0.942   5.420   1.00 12.13 ? 104 PRO A O   1 
ATOM   540  C CB  . PRO A 1 77  ? -4.154  -0.133  8.288   1.00 14.35 ? 104 PRO A CB  1 
ATOM   541  C CG  . PRO A 1 77  ? -5.525  -0.091  8.838   1.00 14.79 ? 104 PRO A CG  1 
ATOM   542  C CD  . PRO A 1 77  ? -5.956  1.336   8.907   1.00 14.47 ? 104 PRO A CD  1 
ATOM   543  N N   . MET A 1 78  ? -2.936  0.667   5.365   1.00 12.24 ? 105 MET A N   1 
ATOM   544  C CA  . MET A 1 78  ? -2.913  0.319   3.956   1.00 12.53 ? 105 MET A CA  1 
ATOM   545  C C   . MET A 1 78  ? -1.622  -0.432  3.668   1.00 12.66 ? 105 MET A C   1 
ATOM   546  O O   . MET A 1 78  ? -0.615  -0.232  4.353   1.00 12.43 ? 105 MET A O   1 
ATOM   547  C CB  . MET A 1 78  ? -3.021  1.580   3.112   1.00 12.42 ? 105 MET A CB  1 
ATOM   548  C CG  . MET A 1 78  ? -3.083  1.333   1.639   1.00 12.84 ? 105 MET A CG  1 
ATOM   549  S SD  . MET A 1 78  ? -4.392  0.215   1.119   1.00 13.43 ? 105 MET A SD  1 
ATOM   550  C CE  . MET A 1 78  ? -5.860  1.049   1.677   1.00 12.95 ? 105 MET A CE  1 
ATOM   551  N N   . ASP A 1 79  ? -1.684  -1.332  2.681   1.00 12.27 ? 106 ASP A N   1 
ATOM   552  C CA  . ASP A 1 79  ? -0.554  -2.193  2.316   1.00 12.35 ? 106 ASP A CA  1 
ATOM   553  C C   . ASP A 1 79  ? -0.639  -2.534  0.819   1.00 12.08 ? 106 ASP A C   1 
ATOM   554  O O   . ASP A 1 79  ? -1.677  -2.315  0.196   1.00 12.09 ? 106 ASP A O   1 
ATOM   555  C CB  . ASP A 1 79  ? -0.628  -3.467  3.132   1.00 12.72 ? 106 ASP A CB  1 
ATOM   556  C CG  . ASP A 1 79  ? -1.872  -4.276  2.806   1.00 13.35 ? 106 ASP A CG  1 
ATOM   557  O OD1 . ASP A 1 79  ? -2.949  -3.940  3.365   1.00 13.25 ? 106 ASP A OD1 1 
ATOM   558  O OD2 . ASP A 1 79  ? -1.772  -5.195  1.937   1.00 13.82 ? 106 ASP A OD2 1 
ATOM   559  N N   . MET A 1 80  ? 0.439   -3.033  0.236   1.00 12.22 ? 107 MET A N   1 
ATOM   560  C CA  . MET A 1 80  ? 0.453   -3.323  -1.212  1.00 13.41 ? 107 MET A CA  1 
ATOM   561  C C   . MET A 1 80  ? -0.378  -4.548  -1.596  1.00 12.86 ? 107 MET A C   1 
ATOM   562  O O   . MET A 1 80  ? -0.784  -4.687  -2.755  1.00 12.13 ? 107 MET A O   1 
ATOM   563  C CB  . MET A 1 80  ? 1.887   -3.496  -1.754  1.00 14.68 ? 107 MET A CB  1 
ATOM   564  C CG  . MET A 1 80  ? 2.789   -2.281  -1.672  1.00 16.08 ? 107 MET A CG  1 
ATOM   565  S SD  . MET A 1 80  ? 4.068   -2.373  -2.963  1.00 17.79 ? 107 MET A SD  1 
ATOM   566  C CE  . MET A 1 80  ? 4.784   -3.933  -2.531  1.00 17.95 ? 107 MET A CE  1 
ATOM   567  N N   . GLY A 1 81  ? -0.641  -5.436  -0.643  1.00 12.81 ? 108 GLY A N   1 
ATOM   568  C CA  . GLY A 1 81  ? -1.514  -6.574  -0.886  1.00 12.83 ? 108 GLY A CA  1 
ATOM   569  C C   . GLY A 1 81  ? -2.937  -6.134  -1.180  1.00 13.41 ? 108 GLY A C   1 
ATOM   570  O O   . GLY A 1 81  ? -3.554  -6.603  -2.137  1.00 13.80 ? 108 GLY A O   1 
ATOM   571  N N   . THR A 1 82  ? -3.424  -5.200  -0.364  1.00 12.00 ? 109 THR A N   1 
ATOM   572  C CA  . THR A 1 82  ? -4.703  -4.526  -0.560  1.00 12.73 ? 109 THR A CA  1 
ATOM   573  C C   . THR A 1 82  ? -4.709  -3.766  -1.866  1.00 12.50 ? 109 THR A C   1 
ATOM   574  O O   . THR A 1 82  ? -5.651  -3.888  -2.632  1.00 13.08 ? 109 THR A O   1 
ATOM   575  C CB  . THR A 1 82  ? -4.987  -3.561  0.624   1.00 12.94 ? 109 THR A CB  1 
ATOM   576  O OG1 . THR A 1 82  ? -5.056  -4.314  1.829   1.00 13.96 ? 109 THR A OG1 1 
ATOM   577  C CG2 . THR A 1 82  ? -6.275  -2.759  0.471   1.00 13.26 ? 109 THR A CG2 1 
ATOM   578  N N   . ILE A 1 83  ? -3.661  -3.000  -2.140  1.00 12.80 ? 110 ILE A N   1 
ATOM   579  C CA  . ILE A 1 83  ? -3.607  -2.232  -3.386  1.00 13.11 ? 110 ILE A CA  1 
ATOM   580  C C   . ILE A 1 83  ? -3.619  -3.174  -4.601  1.00 14.06 ? 110 ILE A C   1 
ATOM   581  O O   . ILE A 1 83  ? -4.344  -2.928  -5.575  1.00 14.23 ? 110 ILE A O   1 
ATOM   582  C CB  . ILE A 1 83  ? -2.394  -1.291  -3.445  1.00 12.62 ? 110 ILE A CB  1 
ATOM   583  C CG1 . ILE A 1 83  ? -2.501  -0.203  -2.380  1.00 12.80 ? 110 ILE A CG1 1 
ATOM   584  C CG2 . ILE A 1 83  ? -2.273  -0.621  -4.804  1.00 13.21 ? 110 ILE A CG2 1 
ATOM   585  C CD1 . ILE A 1 83  ? -1.212  0.554   -2.157  1.00 12.46 ? 110 ILE A CD1 1 
ATOM   586  N N   . LYS A 1 84  ? -2.818  -4.233  -4.547  1.00 14.94 ? 111 LYS A N   1 
ATOM   587  C CA  . LYS A 1 84  ? -2.801  -5.236  -5.619  1.00 16.27 ? 111 LYS A CA  1 
ATOM   588  C C   . LYS A 1 84  ? -4.203  -5.779  -5.903  1.00 17.02 ? 111 LYS A C   1 
ATOM   589  O O   . LYS A 1 84  ? -4.629  -5.823  -7.058  1.00 17.70 ? 111 LYS A O   1 
ATOM   590  C CB  . LYS A 1 84  ? -1.869  -6.392  -5.246  1.00 17.62 ? 111 LYS A CB  1 
ATOM   591  C CG  . LYS A 1 84  ? -1.668  -7.448  -6.333  1.00 19.17 ? 111 LYS A CG  1 
ATOM   592  C CD  . LYS A 1 84  ? -0.481  -8.330  -5.946  1.00 20.78 ? 111 LYS A CD  1 
ATOM   593  C CE  . LYS A 1 84  ? -0.156  -9.339  -7.030  1.00 23.67 ? 111 LYS A CE  1 
ATOM   594  N NZ  . LYS A 1 84  ? -1.156  -10.426 -7.103  1.00 26.01 ? 111 LYS A NZ  1 
ATOM   595  N N   . LYS A 1 85  ? -4.911  -6.173  -4.849  1.00 17.38 ? 112 LYS A N   1 
ATOM   596  C CA  . LYS A 1 85  ? -6.257  -6.708  -4.998  1.00 18.26 ? 112 LYS A CA  1 
ATOM   597  C C   . LYS A 1 85  ? -7.234  -5.658  -5.530  1.00 17.46 ? 112 LYS A C   1 
ATOM   598  O O   . LYS A 1 85  ? -8.081  -5.974  -6.379  1.00 17.79 ? 112 LYS A O   1 
ATOM   599  C CB  . LYS A 1 85  ? -6.757  -7.312  -3.694  1.00 20.92 ? 112 LYS A CB  1 
ATOM   600  C CG  . LYS A 1 85  ? -6.011  -8.601  -3.362  1.00 25.15 ? 112 LYS A CG  1 
ATOM   601  C CD  . LYS A 1 85  ? -6.725  -9.489  -2.372  1.00 29.93 ? 112 LYS A CD  1 
ATOM   602  C CE  . LYS A 1 85  ? -5.952  -10.805 -2.257  1.00 32.07 ? 112 LYS A CE  1 
ATOM   603  N NZ  . LYS A 1 85  ? -6.415  -11.666 -1.133  1.00 35.40 ? 112 LYS A NZ  1 
ATOM   604  N N   . ARG A 1 86  ? -7.098  -4.423  -5.063  1.00 15.93 ? 113 ARG A N   1 
ATOM   605  C CA  . ARG A 1 86  ? -7.918  -3.314  -5.587  1.00 15.55 ? 113 ARG A CA  1 
ATOM   606  C C   . ARG A 1 86  ? -7.677  -3.100  -7.083  1.00 16.31 ? 113 ARG A C   1 
ATOM   607  O O   . ARG A 1 86  ? -8.629  -2.946  -7.852  1.00 16.92 ? 113 ARG A O   1 
ATOM   608  C CB  . ARG A 1 86  ? -7.655  -2.020  -4.796  1.00 14.94 ? 113 ARG A CB  1 
ATOM   609  C CG  . ARG A 1 86  ? -8.311  -2.020  -3.426  1.00 14.07 ? 113 ARG A CG  1 
ATOM   610  C CD  . ARG A 1 86  ? -8.025  -0.753  -2.637  1.00 14.18 ? 113 ARG A CD  1 
ATOM   611  N NE  . ARG A 1 86  ? -8.724  -0.806  -1.357  1.00 13.62 ? 113 ARG A NE  1 
ATOM   612  C CZ  . ARG A 1 86  ? -8.908  0.226   -0.525  1.00 14.09 ? 113 ARG A CZ  1 
ATOM   613  N NH1 . ARG A 1 86  ? -8.430  1.440   -0.784  1.00 13.79 ? 113 ARG A NH1 1 
ATOM   614  N NH2 . ARG A 1 86  ? -9.584  0.030   0.604   1.00 13.95 ? 113 ARG A NH2 1 
ATOM   615  N N   . LEU A 1 87  ? -6.415  -3.131  -7.516  1.00 16.55 ? 114 LEU A N   1 
ATOM   616  C CA  . LEU A 1 87  ? -6.141  -2.997  -8.938  1.00 17.75 ? 114 LEU A CA  1 
ATOM   617  C C   . LEU A 1 87  ? -6.683  -4.192  -9.741  1.00 19.83 ? 114 LEU A C   1 
ATOM   618  O O   . LEU A 1 87  ? -7.357  -4.002  -10.751 1.00 20.76 ? 114 LEU A O   1 
ATOM   619  C CB  . LEU A 1 87  ? -4.658  -2.793  -9.204  1.00 17.31 ? 114 LEU A CB  1 
ATOM   620  C CG  . LEU A 1 87  ? -4.111  -1.436  -8.757  1.00 17.10 ? 114 LEU A CG  1 
ATOM   621  C CD1 . LEU A 1 87  ? -2.599  -1.449  -8.575  1.00 16.79 ? 114 LEU A CD1 1 
ATOM   622  C CD2 . LEU A 1 87  ? -4.512  -0.322  -9.719  1.00 16.35 ? 114 LEU A CD2 1 
ATOM   623  N N   . GLU A 1 88  ? -6.400  -5.411  -9.289  1.00 21.43 ? 115 GLU A N   1 
ATOM   624  C CA  . GLU A 1 88  ? -6.885  -6.626  -9.974  1.00 22.39 ? 115 GLU A CA  1 
ATOM   625  C C   . GLU A 1 88  ? -8.428  -6.701  -10.052 1.00 23.21 ? 115 GLU A C   1 
ATOM   626  O O   . GLU A 1 88  ? -8.977  -7.200  -11.049 1.00 23.62 ? 115 GLU A O   1 
ATOM   627  C CB  . GLU A 1 88  ? -6.350  -7.881  -9.291  1.00 22.27 ? 115 GLU A CB  1 
ATOM   628  C CG  . GLU A 1 88  ? -4.846  -8.053  -9.408  1.00 22.81 ? 115 GLU A CG  1 
ATOM   629  C CD  . GLU A 1 88  ? -4.302  -9.139  -8.501  1.00 22.89 ? 115 GLU A CD  1 
ATOM   630  O OE1 . GLU A 1 88  ? -4.997  -9.583  -7.566  1.00 25.03 ? 115 GLU A OE1 1 
ATOM   631  O OE2 . GLU A 1 88  ? -3.139  -9.526  -8.709  1.00 25.91 ? 115 GLU A OE2 1 
ATOM   632  N N   . ASN A 1 89  ? -9.101  -6.186  -9.016  1.00 23.59 ? 116 ASN A N   1 
ATOM   633  C CA  . ASN A 1 89  ? -10.565 -6.156  -8.923  1.00 24.59 ? 116 ASN A CA  1 
ATOM   634  C C   . ASN A 1 89  ? -11.201 -4.898  -9.539  1.00 23.40 ? 116 ASN A C   1 
ATOM   635  O O   . ASN A 1 89  ? -12.397 -4.712  -9.409  1.00 24.72 ? 116 ASN A O   1 
ATOM   636  C CB  . ASN A 1 89  ? -11.022 -6.242  -7.455  1.00 27.21 ? 116 ASN A CB  1 
ATOM   637  C CG  . ASN A 1 89  ? -10.650 -7.547  -6.784  1.00 30.56 ? 116 ASN A CG  1 
ATOM   638  O OD1 . ASN A 1 89  ? -10.147 -8.465  -7.424  1.00 34.44 ? 116 ASN A OD1 1 
ATOM   639  N ND2 . ASN A 1 89  ? -10.895 -7.633  -5.474  1.00 31.76 ? 116 ASN A ND2 1 
ATOM   640  N N   . ASN A 1 90  ? -10.414 -4.047  -10.192 1.00 22.46 ? 117 ASN A N   1 
ATOM   641  C CA  . ASN A 1 90  ? -10.885 -2.781  -10.768 1.00 24.10 ? 117 ASN A CA  1 
ATOM   642  C C   . ASN A 1 90  ? -11.675 -1.915  -9.764  1.00 21.45 ? 117 ASN A C   1 
ATOM   643  O O   . ASN A 1 90  ? -12.717 -1.382  -10.082 1.00 23.04 ? 117 ASN A O   1 
ATOM   644  C CB  . ASN A 1 90  ? -11.696 -3.026  -12.059 1.00 26.55 ? 117 ASN A CB  1 
ATOM   645  C CG  . ASN A 1 90  ? -10.982 -3.954  -13.025 1.00 29.49 ? 117 ASN A CG  1 
ATOM   646  O OD1 . ASN A 1 90  ? -9.995  -3.579  -13.642 1.00 32.94 ? 117 ASN A OD1 1 
ATOM   647  N ND2 . ASN A 1 90  ? -11.456 -5.185  -13.128 1.00 32.10 ? 117 ASN A ND2 1 
ATOM   648  N N   . TYR A 1 91  ? -11.136 -1.771  -8.559  1.00 18.18 ? 118 TYR A N   1 
ATOM   649  C CA  . TYR A 1 91  ? -11.794 -1.041  -7.478  1.00 15.74 ? 118 TYR A CA  1 
ATOM   650  C C   . TYR A 1 91  ? -11.827 0.478   -7.670  1.00 15.15 ? 118 TYR A C   1 
ATOM   651  O O   . TYR A 1 91  ? -12.714 1.155   -7.139  1.00 14.42 ? 118 TYR A O   1 
ATOM   652  C CB  . TYR A 1 91  ? -11.080 -1.419  -6.180  1.00 15.57 ? 118 TYR A CB  1 
ATOM   653  C CG  . TYR A 1 91  ? -11.538 -0.754  -4.918  1.00 15.39 ? 118 TYR A CG  1 
ATOM   654  C CD1 . TYR A 1 91  ? -12.577 -1.298  -4.164  1.00 15.16 ? 118 TYR A CD1 1 
ATOM   655  C CD2 . TYR A 1 91  ? -10.890 0.371   -4.433  1.00 15.18 ? 118 TYR A CD2 1 
ATOM   656  C CE1 . TYR A 1 91  ? -12.990 -0.717  -2.982  1.00 15.80 ? 118 TYR A CE1 1 
ATOM   657  C CE2 . TYR A 1 91  ? -11.286 0.968   -3.247  1.00 15.94 ? 118 TYR A CE2 1 
ATOM   658  C CZ  . TYR A 1 91  ? -12.325 0.422   -2.523  1.00 16.31 ? 118 TYR A CZ  1 
ATOM   659  O OH  . TYR A 1 91  ? -12.704 1.021   -1.363  1.00 17.52 ? 118 TYR A OH  1 
ATOM   660  N N   . TYR A 1 92  ? -10.872 1.011   -8.425  1.00 13.90 ? 119 TYR A N   1 
ATOM   661  C CA  . TYR A 1 92  ? -10.661 2.441   -8.490  1.00 14.44 ? 119 TYR A CA  1 
ATOM   662  C C   . TYR A 1 92  ? -11.446 3.135   -9.616  1.00 14.62 ? 119 TYR A C   1 
ATOM   663  O O   . TYR A 1 92  ? -11.704 2.550   -10.659 1.00 15.42 ? 119 TYR A O   1 
ATOM   664  C CB  . TYR A 1 92  ? -9.168  2.720   -8.691  1.00 13.88 ? 119 TYR A CB  1 
ATOM   665  C CG  . TYR A 1 92  ? -8.259  2.225   -7.561  1.00 13.28 ? 119 TYR A CG  1 
ATOM   666  C CD1 . TYR A 1 92  ? -8.295  2.823   -6.294  1.00 13.57 ? 119 TYR A CD1 1 
ATOM   667  C CD2 . TYR A 1 92  ? -7.361  1.196   -7.761  1.00 13.44 ? 119 TYR A CD2 1 
ATOM   668  C CE1 . TYR A 1 92  ? -7.466  2.375   -5.263  1.00 13.27 ? 119 TYR A CE1 1 
ATOM   669  C CE2 . TYR A 1 92  ? -6.531  0.752   -6.734  1.00 13.34 ? 119 TYR A CE2 1 
ATOM   670  C CZ  . TYR A 1 92  ? -6.570  1.345   -5.499  1.00 13.20 ? 119 TYR A CZ  1 
ATOM   671  O OH  . TYR A 1 92  ? -5.705  0.885   -4.498  1.00 12.50 ? 119 TYR A OH  1 
ATOM   672  N N   . TRP A 1 93  ? -11.726 4.407   -9.393  1.00 14.60 ? 120 TRP A N   1 
ATOM   673  C CA  . TRP A 1 93  ? -12.284 5.322   -10.413 1.00 15.01 ? 120 TRP A CA  1 
ATOM   674  C C   . TRP A 1 93  ? -11.183 5.995   -11.264 1.00 14.74 ? 120 TRP A C   1 
ATOM   675  O O   . TRP A 1 93  ? -11.371 6.261   -12.455 1.00 16.35 ? 120 TRP A O   1 
ATOM   676  C CB  . TRP A 1 93  ? -13.126 6.391   -9.710  1.00 14.52 ? 120 TRP A CB  1 
ATOM   677  C CG  . TRP A 1 93  ? -13.759 7.374   -10.612 1.00 14.63 ? 120 TRP A CG  1 
ATOM   678  C CD1 . TRP A 1 93  ? -13.348 8.642   -10.847 1.00 14.76 ? 120 TRP A CD1 1 
ATOM   679  C CD2 . TRP A 1 93  ? -14.919 7.168   -11.406 1.00 15.32 ? 120 TRP A CD2 1 
ATOM   680  N NE1 . TRP A 1 93  ? -14.195 9.262   -11.740 1.00 15.18 ? 120 TRP A NE1 1 
ATOM   681  C CE2 . TRP A 1 93  ? -15.168 8.372   -12.104 1.00 15.41 ? 120 TRP A CE2 1 
ATOM   682  C CE3 . TRP A 1 93  ? -15.793 6.080   -11.591 1.00 15.98 ? 120 TRP A CE3 1 
ATOM   683  C CZ2 . TRP A 1 93  ? -16.254 8.521   -12.976 1.00 15.91 ? 120 TRP A CZ2 1 
ATOM   684  C CZ3 . TRP A 1 93  ? -16.869 6.228   -12.453 1.00 16.02 ? 120 TRP A CZ3 1 
ATOM   685  C CH2 . TRP A 1 93  ? -17.088 7.445   -13.135 1.00 16.13 ? 120 TRP A CH2 1 
ATOM   686  N N   . ASN A 1 94  ? -10.052 6.294   -10.642 1.00 14.67 ? 121 ASN A N   1 
ATOM   687  C CA  . ASN A 1 94  ? -8.936  6.936   -11.333 1.00 15.60 ? 121 ASN A CA  1 
ATOM   688  C C   . ASN A 1 94  ? -7.598  6.583   -10.664 1.00 15.67 ? 121 ASN A C   1 
ATOM   689  O O   . ASN A 1 94  ? -7.569  5.991   -9.561  1.00 14.88 ? 121 ASN A O   1 
ATOM   690  C CB  . ASN A 1 94  ? -9.155  8.454   -11.448 1.00 16.11 ? 121 ASN A CB  1 
ATOM   691  C CG  . ASN A 1 94  ? -9.284  9.163   -10.111 1.00 17.47 ? 121 ASN A CG  1 
ATOM   692  O OD1 . ASN A 1 94  ? -8.796  8.697   -9.083  1.00 18.08 ? 121 ASN A OD1 1 
ATOM   693  N ND2 . ASN A 1 94  ? -9.884  10.353  -10.136 1.00 17.68 ? 121 ASN A ND2 1 
ATOM   694  N N   . ALA A 1 95  ? -6.501  6.948   -11.333 1.00 16.25 ? 122 ALA A N   1 
ATOM   695  C CA  . ALA A 1 95  ? -5.154  6.711   -10.801 1.00 16.30 ? 122 ALA A CA  1 
ATOM   696  C C   . ALA A 1 95  ? -4.918  7.409   -9.459  1.00 16.54 ? 122 ALA A C   1 
ATOM   697  O O   . ALA A 1 95  ? -4.219  6.874   -8.581  1.00 16.71 ? 122 ALA A O   1 
ATOM   698  C CB  . ALA A 1 95  ? -4.112  7.167   -11.818 1.00 17.25 ? 122 ALA A CB  1 
ATOM   699  N N   . GLN A 1 96  ? -5.480  8.599   -9.273  1.00 16.36 ? 123 GLN A N   1 
ATOM   700  C CA  . GLN A 1 96  ? -5.234  9.337   -8.025  1.00 19.91 ? 123 GLN A CA  1 
ATOM   701  C C   . GLN A 1 96  ? -5.709  8.602   -6.791  1.00 17.27 ? 123 GLN A C   1 
ATOM   702  O O   . GLN A 1 96  ? -5.036  8.638   -5.761  1.00 16.97 ? 123 GLN A O   1 
ATOM   703  C CB  . GLN A 1 96  ? -5.823  10.758  -8.033  1.00 23.11 ? 123 GLN A CB  1 
ATOM   704  C CG  . GLN A 1 96  ? -5.214  11.691  -6.990  1.00 29.48 ? 123 GLN A CG  1 
ATOM   705  C CD  . GLN A 1 96  ? -3.677  11.690  -6.999  1.00 32.99 ? 123 GLN A CD  1 
ATOM   706  O OE1 . GLN A 1 96  ? -3.045  11.723  -8.066  1.00 38.28 ? 123 GLN A OE1 1 
ATOM   707  N NE2 . GLN A 1 96  ? -3.070  11.608  -5.805  1.00 35.90 ? 123 GLN A NE2 1 
ATOM   708  N N   . GLU A 1 97  ? -6.858  7.931   -6.885  1.00 15.69 ? 124 GLU A N   1 
ATOM   709  C CA  . GLU A 1 97  ? -7.327  7.102   -5.780  1.00 15.25 ? 124 GLU A CA  1 
ATOM   710  C C   . GLU A 1 97  ? -6.307  6.040   -5.389  1.00 14.40 ? 124 GLU A C   1 
ATOM   711  O O   . GLU A 1 97  ? -6.106  5.774   -4.201  1.00 13.40 ? 124 GLU A O   1 
ATOM   712  C CB  . GLU A 1 97  ? -8.648  6.397   -6.117  1.00 16.48 ? 124 GLU A CB  1 
ATOM   713  C CG  . GLU A 1 97  ? -9.872  7.301   -6.066  1.00 18.14 ? 124 GLU A CG  1 
ATOM   714  C CD  . GLU A 1 97  ? -11.168 6.564   -6.424  1.00 19.21 ? 124 GLU A CD  1 
ATOM   715  O OE1 . GLU A 1 97  ? -11.105 5.372   -6.818  1.00 18.20 ? 124 GLU A OE1 1 
ATOM   716  O OE2 . GLU A 1 97  ? -12.269 7.189   -6.316  1.00 22.20 ? 124 GLU A OE2 1 
ATOM   717  N N   . CYS A 1 98  ? -5.697  5.423   -6.398  1.00 13.29 ? 125 CYS A N   1 
ATOM   718  C CA  . CYS A 1 98  ? -4.679  4.415   -6.199  1.00 13.69 ? 125 CYS A CA  1 
ATOM   719  C C   . CYS A 1 98  ? -3.392  4.987   -5.640  1.00 14.18 ? 125 CYS A C   1 
ATOM   720  O O   . CYS A 1 98  ? -2.870  4.489   -4.651  1.00 13.22 ? 125 CYS A O   1 
ATOM   721  C CB  . CYS A 1 98  ? -4.436  3.612   -7.489  1.00 13.99 ? 125 CYS A CB  1 
ATOM   722  S SG  . CYS A 1 98  ? -3.137  2.357   -7.312  1.00 14.36 ? 125 CYS A SG  1 
ATOM   723  N N   . ILE A 1 99  ? -2.893  6.063   -6.244  1.00 15.10 ? 126 ILE A N   1 
ATOM   724  C CA  . ILE A 1 99  ? -1.702  6.748   -5.713  1.00 15.73 ? 126 ILE A CA  1 
ATOM   725  C C   . ILE A 1 99  ? -1.910  7.173   -4.247  1.00 16.10 ? 126 ILE A C   1 
ATOM   726  O O   . ILE A 1 99  ? -1.004  7.025   -3.446  1.00 16.27 ? 126 ILE A O   1 
ATOM   727  C CB  . ILE A 1 99  ? -1.312  7.931   -6.607  1.00 16.74 ? 126 ILE A CB  1 
ATOM   728  C CG1 . ILE A 1 99  ? -0.813  7.392   -7.967  1.00 17.44 ? 126 ILE A CG1 1 
ATOM   729  C CG2 . ILE A 1 99  ? -0.291  8.825   -5.914  1.00 17.24 ? 126 ILE A CG2 1 
ATOM   730  C CD1 . ILE A 1 99  ? -0.947  8.379   -9.123  1.00 18.23 ? 126 ILE A CD1 1 
ATOM   731  N N   . GLN A 1 100 ? -3.118  7.637   -3.911  1.00 16.29 ? 127 GLN A N   1 
ATOM   732  C CA  . GLN A 1 100 ? -3.555  7.898   -2.519  1.00 18.28 ? 127 GLN A CA  1 
ATOM   733  C C   . GLN A 1 100 ? -3.227  6.736   -1.565  1.00 16.56 ? 127 GLN A C   1 
ATOM   734  O O   . GLN A 1 100 ? -2.700  6.945   -0.453  1.00 14.33 ? 127 GLN A O   1 
ATOM   735  C CB  . GLN A 1 100 ? -5.085  8.105   -2.504  1.00 23.25 ? 127 GLN A CB  1 
ATOM   736  C CG  . GLN A 1 100 ? -5.640  9.282   -1.745  1.00 28.66 ? 127 GLN A CG  1 
ATOM   737  C CD  . GLN A 1 100 ? -6.983  9.728   -2.328  1.00 31.94 ? 127 GLN A CD  1 
ATOM   738  O OE1 . GLN A 1 100 ? -7.052  10.713  -3.071  1.00 36.24 ? 127 GLN A OE1 1 
ATOM   739  N NE2 . GLN A 1 100 ? -8.050  8.966   -2.031  1.00 34.73 ? 127 GLN A NE2 1 
ATOM   740  N N   . ASP A 1 101 ? -3.558  5.522   -1.995  1.00 14.32 ? 128 ASP A N   1 
ATOM   741  C CA  . ASP A 1 101 ? -3.333  4.335   -1.158  1.00 13.70 ? 128 ASP A CA  1 
ATOM   742  C C   . ASP A 1 101 ? -1.853  4.082   -0.942  1.00 12.95 ? 128 ASP A C   1 
ATOM   743  O O   . ASP A 1 101 ? -1.450  3.743   0.163   1.00 12.38 ? 128 ASP A O   1 
ATOM   744  C CB  . ASP A 1 101 ? -3.986  3.063   -1.745  1.00 13.80 ? 128 ASP A CB  1 
ATOM   745  C CG  . ASP A 1 101 ? -5.504  3.064   -1.640  1.00 14.84 ? 128 ASP A CG  1 
ATOM   746  O OD1 . ASP A 1 101 ? -6.094  3.840   -0.839  1.00 13.99 ? 128 ASP A OD1 1 
ATOM   747  O OD2 . ASP A 1 101 ? -6.127  2.255   -2.367  1.00 14.57 ? 128 ASP A OD2 1 
ATOM   748  N N   . PHE A 1 102 ? -1.039  4.232   -1.985  1.00 12.73 ? 129 PHE A N   1 
ATOM   749  C CA  . PHE A 1 102 ? 0.421   4.116   -1.808  1.00 13.26 ? 129 PHE A CA  1 
ATOM   750  C C   . PHE A 1 102 ? 0.926   5.160   -0.831  1.00 14.15 ? 129 PHE A C   1 
ATOM   751  O O   . PHE A 1 102 ? 1.698   4.831   0.069   1.00 13.86 ? 129 PHE A O   1 
ATOM   752  C CB  . PHE A 1 102 ? 1.172   4.269   -3.136  1.00 13.37 ? 129 PHE A CB  1 
ATOM   753  C CG  . PHE A 1 102 ? 1.182   3.034   -3.979  1.00 13.33 ? 129 PHE A CG  1 
ATOM   754  C CD1 . PHE A 1 102 ? 2.107   2.022   -3.725  1.00 13.48 ? 129 PHE A CD1 1 
ATOM   755  C CD2 . PHE A 1 102 ? 0.301   2.887   -5.049  1.00 13.46 ? 129 PHE A CD2 1 
ATOM   756  C CE1 . PHE A 1 102 ? 2.153   0.880   -4.509  1.00 14.14 ? 129 PHE A CE1 1 
ATOM   757  C CE2 . PHE A 1 102 ? 0.352   1.746   -5.843  1.00 13.38 ? 129 PHE A CE2 1 
ATOM   758  C CZ  . PHE A 1 102 ? 1.271   0.743   -5.563  1.00 13.76 ? 129 PHE A CZ  1 
ATOM   759  N N   . ASN A 1 103 ? 0.486   6.412   -0.990  1.00 14.67 ? 130 ASN A N   1 
ATOM   760  C CA  . ASN A 1 103 ? 0.893   7.477   -0.078  1.00 15.65 ? 130 ASN A CA  1 
ATOM   761  C C   . ASN A 1 103 ? 0.479   7.189   1.361   1.00 14.36 ? 130 ASN A C   1 
ATOM   762  O O   . ASN A 1 103 ? 1.263   7.431   2.264   1.00 14.87 ? 130 ASN A O   1 
ATOM   763  C CB  . ASN A 1 103 ? 0.369   8.845   -0.511  1.00 18.03 ? 130 ASN A CB  1 
ATOM   764  C CG  . ASN A 1 103 ? 0.977   9.337   -1.828  1.00 21.53 ? 130 ASN A CG  1 
ATOM   765  O OD1 . ASN A 1 103 ? 1.992   8.841   -2.294  1.00 24.70 ? 130 ASN A OD1 1 
ATOM   766  N ND2 . ASN A 1 103 ? 0.341   10.338  -2.425  1.00 23.97 ? 130 ASN A ND2 1 
ATOM   767  N N   . THR A 1 104 ? -0.715  6.652   1.579   1.00 13.86 ? 131 THR A N   1 
ATOM   768  C CA  . THR A 1 104 ? -1.179  6.273   2.933   1.00 14.00 ? 131 THR A CA  1 
ATOM   769  C C   . THR A 1 104 ? -0.251  5.207   3.544   1.00 13.63 ? 131 THR A C   1 
ATOM   770  O O   . THR A 1 104 ? 0.158   5.322   4.697   1.00 13.03 ? 131 THR A O   1 
ATOM   771  C CB  . THR A 1 104 ? -2.645  5.762   2.913   1.00 14.73 ? 131 THR A CB  1 
ATOM   772  O OG1 . THR A 1 104 ? -3.513  6.825   2.493   1.00 14.64 ? 131 THR A OG1 1 
ATOM   773  C CG2 . THR A 1 104 ? -3.110  5.261   4.265   1.00 14.58 ? 131 THR A CG2 1 
ATOM   774  N N   . MET A 1 105 ? 0.063   4.182   2.763   1.00 12.63 ? 132 MET A N   1 
ATOM   775  C CA  . MET A 1 105 ? 0.967   3.100   3.208   1.00 12.76 ? 132 MET A CA  1 
ATOM   776  C C   . MET A 1 105 ? 2.343   3.658   3.616   1.00 12.70 ? 132 MET A C   1 
ATOM   777  O O   . MET A 1 105 ? 2.824   3.356   4.689   1.00 12.05 ? 132 MET A O   1 
ATOM   778  C CB  . MET A 1 105 ? 1.103   2.048   2.104   1.00 12.60 ? 132 MET A CB  1 
ATOM   779  C CG  . MET A 1 105 ? 2.146   0.965   2.357   1.00 12.50 ? 132 MET A CG  1 
ATOM   780  S SD  . MET A 1 105 ? 2.388   -0.076  0.920   1.00 13.44 ? 132 MET A SD  1 
ATOM   781  C CE  . MET A 1 105 ? 3.489   0.930   -0.074  1.00 13.51 ? 132 MET A CE  1 
ATOM   782  N N   . PHE A 1 106 ? 2.949   4.491   2.768   1.00 12.72 ? 133 PHE A N   1 
ATOM   783  C CA  . PHE A 1 106 ? 4.235   5.117   3.119   1.00 13.59 ? 133 PHE A CA  1 
ATOM   784  C C   . PHE A 1 106 ? 4.132   6.011   4.355   1.00 13.75 ? 133 PHE A C   1 
ATOM   785  O O   . PHE A 1 106 ? 4.920   5.868   5.291   1.00 13.93 ? 133 PHE A O   1 
ATOM   786  C CB  . PHE A 1 106 ? 4.834   5.898   1.938   1.00 14.05 ? 133 PHE A CB  1 
ATOM   787  C CG  . PHE A 1 106 ? 5.238   5.018   0.784   1.00 14.66 ? 133 PHE A CG  1 
ATOM   788  C CD1 . PHE A 1 106 ? 6.046   3.901   0.994   1.00 15.64 ? 133 PHE A CD1 1 
ATOM   789  C CD2 . PHE A 1 106 ? 4.760   5.274   -0.505  1.00 15.61 ? 133 PHE A CD2 1 
ATOM   790  C CE1 . PHE A 1 106 ? 6.407   3.083   -0.066  1.00 15.69 ? 133 PHE A CE1 1 
ATOM   791  C CE2 . PHE A 1 106 ? 5.126   4.464   -1.569  1.00 15.57 ? 133 PHE A CE2 1 
ATOM   792  C CZ  . PHE A 1 106 ? 5.936   3.366   -1.344  1.00 16.19 ? 133 PHE A CZ  1 
ATOM   793  N N   . THR A 1 107 ? 3.137   6.889   4.365   1.00 14.13 ? 134 THR A N   1 
ATOM   794  C CA  . THR A 1 107 ? 2.933   7.815   5.467   1.00 15.19 ? 134 THR A CA  1 
ATOM   795  C C   . THR A 1 107 ? 2.772   7.033   6.771   1.00 14.00 ? 134 THR A C   1 
ATOM   796  O O   . THR A 1 107 ? 3.381   7.381   7.771   1.00 14.53 ? 134 THR A O   1 
ATOM   797  C CB  . THR A 1 107 ? 1.708   8.726   5.177   1.00 15.69 ? 134 THR A CB  1 
ATOM   798  O OG1 . THR A 1 107 ? 1.993   9.545   4.029   1.00 16.79 ? 134 THR A OG1 1 
ATOM   799  C CG2 . THR A 1 107 ? 1.386   9.600   6.355   1.00 16.96 ? 134 THR A CG2 1 
ATOM   800  N N   . ASN A 1 108 ? 1.977   5.962   6.765   1.00 13.36 ? 135 ASN A N   1 
ATOM   801  C CA  . ASN A 1 108 ? 1.777   5.182   7.995   1.00 13.05 ? 135 ASN A CA  1 
ATOM   802  C C   . ASN A 1 108 ? 3.091   4.651   8.564   1.00 13.07 ? 135 ASN A C   1 
ATOM   803  O O   . ASN A 1 108 ? 3.279   4.628   9.785   1.00 13.23 ? 135 ASN A O   1 
ATOM   804  C CB  . ASN A 1 108 ? 0.885   3.982   7.802   1.00 13.02 ? 135 ASN A CB  1 
ATOM   805  C CG  . ASN A 1 108 ? -0.568  4.338   7.550   1.00 12.57 ? 135 ASN A CG  1 
ATOM   806  O OD1 . ASN A 1 108 ? -1.042  5.456   7.835   1.00 13.73 ? 135 ASN A OD1 1 
ATOM   807  N ND2 . ASN A 1 108 ? -1.283  3.383   6.962   1.00 12.06 ? 135 ASN A ND2 1 
ATOM   808  N N   . CYS A 1 109 ? 3.971   4.208   7.664   1.00 12.38 ? 136 CYS A N   1 
ATOM   809  C CA  . CYS A 1 109 ? 5.292   3.725   8.040   1.00 13.32 ? 136 CYS A CA  1 
ATOM   810  C C   . CYS A 1 109 ? 6.145   4.798   8.716   1.00 13.76 ? 136 CYS A C   1 
ATOM   811  O O   . CYS A 1 109 ? 6.778   4.541   9.738   1.00 13.26 ? 136 CYS A O   1 
ATOM   812  C CB  . CYS A 1 109 ? 6.015   3.167   6.831   1.00 13.22 ? 136 CYS A CB  1 
ATOM   813  S SG  . CYS A 1 109 ? 7.523   2.246   7.258   1.00 13.97 ? 136 CYS A SG  1 
ATOM   814  N N   . TYR A 1 110 ? 6.130   5.992   8.140   1.00 14.01 ? 137 TYR A N   1 
ATOM   815  C CA  . TYR A 1 110 ? 6.921   7.104   8.656   1.00 14.51 ? 137 TYR A CA  1 
ATOM   816  C C   . TYR A 1 110 ? 6.345   7.629   9.974   1.00 15.78 ? 137 TYR A C   1 
ATOM   817  O O   . TYR A 1 110 ? 7.100   8.053   10.840  1.00 16.96 ? 137 TYR A O   1 
ATOM   818  C CB  . TYR A 1 110 ? 7.038   8.214   7.611   1.00 14.15 ? 137 TYR A CB  1 
ATOM   819  C CG  . TYR A 1 110 ? 7.590   7.756   6.273   1.00 14.30 ? 137 TYR A CG  1 
ATOM   820  C CD1 . TYR A 1 110 ? 8.617   6.808   6.199   1.00 15.10 ? 137 TYR A CD1 1 
ATOM   821  C CD2 . TYR A 1 110 ? 7.066   8.234   5.075   1.00 13.94 ? 137 TYR A CD2 1 
ATOM   822  C CE1 . TYR A 1 110 ? 9.117   6.377   4.985   1.00 14.19 ? 137 TYR A CE1 1 
ATOM   823  C CE2 . TYR A 1 110 ? 7.586   7.834   3.862   1.00 14.05 ? 137 TYR A CE2 1 
ATOM   824  C CZ  . TYR A 1 110 ? 8.598   6.890   3.827   1.00 14.37 ? 137 TYR A CZ  1 
ATOM   825  O OH  . TYR A 1 110 ? 9.123   6.450   2.625   1.00 15.14 ? 137 TYR A OH  1 
ATOM   826  N N   . ILE A 1 111 ? 5.024   7.575   10.128  1.00 16.01 ? 138 ILE A N   1 
ATOM   827  C CA  . ILE A 1 111 ? 4.362   7.947   11.381  1.00 16.03 ? 138 ILE A CA  1 
ATOM   828  C C   . ILE A 1 111 ? 4.666   6.977   12.519  1.00 16.04 ? 138 ILE A C   1 
ATOM   829  O O   . ILE A 1 111 ? 4.951   7.402   13.643  1.00 15.17 ? 138 ILE A O   1 
ATOM   830  C CB  . ILE A 1 111 ? 2.832   8.024   11.188  1.00 16.51 ? 138 ILE A CB  1 
ATOM   831  C CG1 . ILE A 1 111 ? 2.488   9.231   10.341  1.00 17.46 ? 138 ILE A CG1 1 
ATOM   832  C CG2 . ILE A 1 111 ? 2.091   8.041   12.520  1.00 17.10 ? 138 ILE A CG2 1 
ATOM   833  C CD1 . ILE A 1 111 ? 1.094   9.173   9.761   1.00 18.14 ? 138 ILE A CD1 1 
ATOM   834  N N   . TYR A 1 112 ? 4.555   5.679   12.254  1.00 14.71 ? 139 TYR A N   1 
ATOM   835  C CA  . TYR A 1 112 ? 4.693   4.672   13.303  1.00 15.40 ? 139 TYR A CA  1 
ATOM   836  C C   . TYR A 1 112 ? 6.148   4.463   13.751  1.00 16.37 ? 139 TYR A C   1 
ATOM   837  O O   . TYR A 1 112 ? 6.423   4.174   14.937  1.00 16.15 ? 139 TYR A O   1 
ATOM   838  C CB  . TYR A 1 112 ? 4.045   3.343   12.837  1.00 14.91 ? 139 TYR A CB  1 
ATOM   839  C CG  . TYR A 1 112 ? 4.144   2.248   13.865  1.00 15.37 ? 139 TYR A CG  1 
ATOM   840  C CD1 . TYR A 1 112 ? 3.342   2.258   15.004  1.00 15.22 ? 139 TYR A CD1 1 
ATOM   841  C CD2 . TYR A 1 112 ? 5.095   1.260   13.753  1.00 16.09 ? 139 TYR A CD2 1 
ATOM   842  C CE1 . TYR A 1 112 ? 3.463   1.272   15.967  1.00 15.95 ? 139 TYR A CE1 1 
ATOM   843  C CE2 . TYR A 1 112 ? 5.229   0.261   14.722  1.00 16.57 ? 139 TYR A CE2 1 
ATOM   844  C CZ  . TYR A 1 112 ? 4.408   0.286   15.837  1.00 16.22 ? 139 TYR A CZ  1 
ATOM   845  O OH  . TYR A 1 112 ? 4.524   -0.680  16.813  1.00 18.26 ? 139 TYR A OH  1 
ATOM   846  N N   . ASN A 1 113 ? 7.082   4.635   12.827  1.00 16.57 ? 140 ASN A N   1 
ATOM   847  C CA  . ASN A 1 113 ? 8.484   4.272   13.072  1.00 18.49 ? 140 ASN A CA  1 
ATOM   848  C C   . ASN A 1 113 ? 9.353   5.521   13.164  1.00 20.87 ? 140 ASN A C   1 
ATOM   849  O O   . ASN A 1 113 ? 8.850   6.624   13.080  1.00 23.70 ? 140 ASN A O   1 
ATOM   850  C CB  . ASN A 1 113 ? 8.955   3.347   11.954  1.00 17.36 ? 140 ASN A CB  1 
ATOM   851  C CG  . ASN A 1 113 ? 8.138   2.072   11.884  1.00 16.15 ? 140 ASN A CG  1 
ATOM   852  O OD1 . ASN A 1 113 ? 8.251   1.208   12.750  1.00 16.40 ? 140 ASN A OD1 1 
ATOM   853  N ND2 . ASN A 1 113 ? 7.284   1.958   10.875  1.00 15.34 ? 140 ASN A ND2 1 
ATOM   854  N N   . LYS A 1 114 ? 10.648  5.341   13.330  1.00 23.61 ? 141 LYS A N   1 
ATOM   855  C CA  . LYS A 1 114 ? 11.581  6.445   13.489  1.00 25.69 ? 141 LYS A CA  1 
ATOM   856  C C   . LYS A 1 114 ? 12.500  6.565   12.277  1.00 24.38 ? 141 LYS A C   1 
ATOM   857  O O   . LYS A 1 114 ? 12.841  5.549   11.658  1.00 21.38 ? 141 LYS A O   1 
ATOM   858  C CB  . LYS A 1 114 ? 12.415  6.217   14.754  1.00 29.97 ? 141 LYS A CB  1 
ATOM   859  C CG  . LYS A 1 114 ? 11.598  6.294   16.034  1.00 34.18 ? 141 LYS A CG  1 
ATOM   860  C CD  . LYS A 1 114 ? 12.398  5.849   17.259  1.00 39.46 ? 141 LYS A CD  1 
ATOM   861  C CE  . LYS A 1 114 ? 11.487  5.491   18.438  1.00 42.76 ? 141 LYS A CE  1 
ATOM   862  N NZ  . LYS A 1 114 ? 10.401  6.493   18.670  1.00 44.56 ? 141 LYS A NZ  1 
ATOM   863  N N   . PRO A 1 115 ? 12.923  7.797   11.937  1.00 23.64 ? 142 PRO A N   1 
ATOM   864  C CA  . PRO A 1 115 ? 13.879  7.910   10.828  1.00 24.06 ? 142 PRO A CA  1 
ATOM   865  C C   . PRO A 1 115 ? 15.116  7.069   11.094  1.00 22.94 ? 142 PRO A C   1 
ATOM   866  O O   . PRO A 1 115 ? 15.584  6.992   12.235  1.00 23.74 ? 142 PRO A O   1 
ATOM   867  C CB  . PRO A 1 115 ? 14.230  9.407   10.800  1.00 24.26 ? 142 PRO A CB  1 
ATOM   868  C CG  . PRO A 1 115 ? 13.107  10.078  11.514  1.00 24.74 ? 142 PRO A CG  1 
ATOM   869  C CD  . PRO A 1 115 ? 12.655  9.109   12.561  1.00 24.77 ? 142 PRO A CD  1 
ATOM   870  N N   . GLY A 1 116 ? 15.605  6.397   10.070  1.00 22.60 ? 143 GLY A N   1 
ATOM   871  C CA  . GLY A 1 116 ? 16.747  5.509   10.220  1.00 23.24 ? 143 GLY A CA  1 
ATOM   872  C C   . GLY A 1 116 ? 16.443  4.072   10.618  1.00 23.33 ? 143 GLY A C   1 
ATOM   873  O O   . GLY A 1 116 ? 17.323  3.229   10.492  1.00 23.56 ? 143 GLY A O   1 
ATOM   874  N N   . ASP A 1 117 ? 15.237  3.783   11.123  1.00 21.84 ? 144 ASP A N   1 
ATOM   875  C CA  . ASP A 1 117 ? 14.813  2.396   11.337  1.00 20.27 ? 144 ASP A CA  1 
ATOM   876  C C   . ASP A 1 117 ? 14.904  1.604   10.042  1.00 19.17 ? 144 ASP A C   1 
ATOM   877  O O   . ASP A 1 117 ? 14.611  2.146   8.971   1.00 17.86 ? 144 ASP A O   1 
ATOM   878  C CB  . ASP A 1 117 ? 13.365  2.325   11.834  1.00 21.16 ? 144 ASP A CB  1 
ATOM   879  C CG  . ASP A 1 117 ? 13.220  2.665   13.297  1.00 22.35 ? 144 ASP A CG  1 
ATOM   880  O OD1 . ASP A 1 117 ? 14.241  2.829   14.016  1.00 22.36 ? 144 ASP A OD1 1 
ATOM   881  O OD2 . ASP A 1 117 ? 12.054  2.770   13.728  1.00 21.90 ? 144 ASP A OD2 1 
ATOM   882  N N   . ASP A 1 118 ? 15.291  0.328   10.135  1.00 17.47 ? 145 ASP A N   1 
ATOM   883  C CA  . ASP A 1 118 ? 15.354  -0.542  8.941   1.00 16.75 ? 145 ASP A CA  1 
ATOM   884  C C   . ASP A 1 118 ? 14.050  -0.513  8.120   1.00 15.52 ? 145 ASP A C   1 
ATOM   885  O O   . ASP A 1 118 ? 14.091  -0.404  6.895   1.00 15.24 ? 145 ASP A O   1 
ATOM   886  C CB  . ASP A 1 118 ? 15.652  -1.985  9.333   1.00 17.25 ? 145 ASP A CB  1 
ATOM   887  C CG  . ASP A 1 118 ? 17.129  -2.277  9.475   1.00 18.14 ? 145 ASP A CG  1 
ATOM   888  O OD1 . ASP A 1 118 ? 17.966  -1.469  9.037   1.00 18.81 ? 145 ASP A OD1 1 
ATOM   889  O OD2 . ASP A 1 118 ? 17.432  -3.391  9.981   1.00 19.60 ? 145 ASP A OD2 1 
ATOM   890  N N   . ILE A 1 119 ? 12.897  -0.600  8.784   1.00 15.69 ? 146 ILE A N   1 
ATOM   891  C CA  . ILE A 1 119 ? 11.598  -0.535  8.048   1.00 15.60 ? 146 ILE A CA  1 
ATOM   892  C C   . ILE A 1 119 ? 11.411  0.777   7.274   1.00 15.23 ? 146 ILE A C   1 
ATOM   893  O O   . ILE A 1 119 ? 10.820  0.784   6.181   1.00 14.33 ? 146 ILE A O   1 
ATOM   894  C CB  . ILE A 1 119 ? 10.392  -0.827  8.972   1.00 15.70 ? 146 ILE A CB  1 
ATOM   895  C CG1 . ILE A 1 119 ? 9.108   -1.098  8.166   1.00 16.50 ? 146 ILE A CG1 1 
ATOM   896  C CG2 . ILE A 1 119 ? 10.145  0.301   9.964   1.00 15.63 ? 146 ILE A CG2 1 
ATOM   897  C CD1 . ILE A 1 119 ? 9.131   -2.339  7.296   1.00 16.40 ? 146 ILE A CD1 1 
ATOM   898  N N   . VAL A 1 120 ? 11.943  1.879   7.814   1.00 14.47 ? 147 VAL A N   1 
ATOM   899  C CA  . VAL A 1 120 ? 11.817  3.190   7.175   1.00 14.41 ? 147 VAL A CA  1 
ATOM   900  C C   . VAL A 1 120 ? 12.759  3.306   5.973   1.00 14.52 ? 147 VAL A C   1 
ATOM   901  O O   . VAL A 1 120 ? 12.388  3.884   4.934   1.00 14.02 ? 147 VAL A O   1 
ATOM   902  C CB  . VAL A 1 120 ? 12.058  4.335   8.186   1.00 14.01 ? 147 VAL A CB  1 
ATOM   903  C CG1 . VAL A 1 120 ? 12.220  5.684   7.474   1.00 14.33 ? 147 VAL A CG1 1 
ATOM   904  C CG2 . VAL A 1 120 ? 10.918  4.378   9.197   1.00 14.34 ? 147 VAL A CG2 1 
ATOM   905  N N   . LEU A 1 121 ? 13.959  2.739   6.105   1.00 15.16 ? 148 LEU A N   1 
ATOM   906  C CA  . LEU A 1 121 ? 14.882  2.636   4.983   1.00 15.85 ? 148 LEU A CA  1 
ATOM   907  C C   . LEU A 1 121 ? 14.249  1.851   3.831   1.00 15.45 ? 148 LEU A C   1 
ATOM   908  O O   . LEU A 1 121 ? 14.357  2.251   2.661   1.00 14.40 ? 148 LEU A O   1 
ATOM   909  C CB  . LEU A 1 121 ? 16.195  1.976   5.409   1.00 17.46 ? 148 LEU A CB  1 
ATOM   910  C CG  . LEU A 1 121 ? 16.989  2.682   6.516   1.00 19.63 ? 148 LEU A CG  1 
ATOM   911  C CD1 . LEU A 1 121 ? 18.269  1.924   6.827   1.00 20.34 ? 148 LEU A CD1 1 
ATOM   912  C CD2 . LEU A 1 121 ? 17.286  4.125   6.126   1.00 20.63 ? 148 LEU A CD2 1 
ATOM   913  N N   . MET A 1 122 ? 13.582  0.747   4.151   1.00 15.06 ? 149 MET A N   1 
ATOM   914  C CA  . MET A 1 122 ? 12.816  -0.012  3.130   1.00 14.77 ? 149 MET A CA  1 
ATOM   915  C C   . MET A 1 122 ? 11.735  0.835   2.446   1.00 14.65 ? 149 MET A C   1 
ATOM   916  O O   . MET A 1 122 ? 11.632  0.884   1.199   1.00 13.57 ? 149 MET A O   1 
ATOM   917  C CB  . MET A 1 122 ? 12.148  -1.244  3.760   1.00 14.75 ? 149 MET A CB  1 
ATOM   918  C CG  . MET A 1 122 ? 13.110  -2.320  4.212   1.00 15.42 ? 149 MET A CG  1 
ATOM   919  S SD  . MET A 1 122 ? 12.273  -3.913  4.245   1.00 16.19 ? 149 MET A SD  1 
ATOM   920  C CE  . MET A 1 122 ? 13.556  -5.025  4.815   1.00 15.75 ? 149 MET A CE  1 
ATOM   921  N N   . ALA A 1 123 ? 10.914  1.477   3.266   1.00 14.20 ? 150 ALA A N   1 
ATOM   922  C CA  . ALA A 1 123 ? 9.820   2.333   2.748   1.00 14.69 ? 150 ALA A CA  1 
ATOM   923  C C   . ALA A 1 123 ? 10.353  3.447   1.844   1.00 15.21 ? 150 ALA A C   1 
ATOM   924  O O   . ALA A 1 123 ? 9.789   3.722   0.770   1.00 15.37 ? 150 ALA A O   1 
ATOM   925  C CB  . ALA A 1 123 ? 9.016   2.925   3.912   1.00 14.09 ? 150 ALA A CB  1 
ATOM   926  N N   . GLU A 1 124 ? 11.424  4.092   2.287   1.00 15.32 ? 151 GLU A N   1 
ATOM   927  C CA  . GLU A 1 124 ? 12.074  5.152   1.520   1.00 16.72 ? 151 GLU A CA  1 
ATOM   928  C C   . GLU A 1 124 ? 12.598  4.646   0.175   1.00 15.56 ? 151 GLU A C   1 
ATOM   929  O O   . GLU A 1 124 ? 12.390  5.292   -0.844  1.00 16.17 ? 151 GLU A O   1 
ATOM   930  C CB  . GLU A 1 124 ? 13.212  5.811   2.324   1.00 18.25 ? 151 GLU A CB  1 
ATOM   931  C CG  . GLU A 1 124 ? 12.734  6.746   3.424   1.00 20.39 ? 151 GLU A CG  1 
ATOM   932  C CD  . GLU A 1 124 ? 13.851  7.234   4.339   1.00 23.31 ? 151 GLU A CD  1 
ATOM   933  O OE1 . GLU A 1 124 ? 14.942  6.621   4.393   1.00 28.30 ? 151 GLU A OE1 1 
ATOM   934  O OE2 . GLU A 1 124 ? 13.626  8.236   5.039   1.00 24.63 ? 151 GLU A OE2 1 
ATOM   935  N N   . ALA A 1 125 ? 13.241  3.476   0.164   1.00 14.99 ? 152 ALA A N   1 
ATOM   936  C CA  . ALA A 1 125 ? 13.683  2.870   -1.090  1.00 15.82 ? 152 ALA A CA  1 
ATOM   937  C C   . ALA A 1 125 ? 12.500  2.553   -1.998  1.00 15.29 ? 152 ALA A C   1 
ATOM   938  O O   . ALA A 1 125 ? 12.554  2.819   -3.199  1.00 15.92 ? 152 ALA A O   1 
ATOM   939  C CB  . ALA A 1 125 ? 14.478  1.595   -0.839  1.00 16.66 ? 152 ALA A CB  1 
ATOM   940  N N   . LEU A 1 126 ? 11.440  1.971   -1.446  1.00 14.56 ? 153 LEU A N   1 
ATOM   941  C CA  . LEU A 1 126 ? 10.276  1.673   -2.269  1.00 15.07 ? 153 LEU A CA  1 
ATOM   942  C C   . LEU A 1 126 ? 9.626   2.933   -2.792  1.00 14.37 ? 153 LEU A C   1 
ATOM   943  O O   . LEU A 1 126 ? 9.178   2.977   -3.935  1.00 14.94 ? 153 LEU A O   1 
ATOM   944  C CB  . LEU A 1 126 ? 9.229   0.885   -1.505  1.00 15.43 ? 153 LEU A CB  1 
ATOM   945  C CG  . LEU A 1 126 ? 9.568   -0.559  -1.205  1.00 16.18 ? 153 LEU A CG  1 
ATOM   946  C CD1 . LEU A 1 126 ? 8.394   -1.130  -0.414  1.00 16.96 ? 153 LEU A CD1 1 
ATOM   947  C CD2 . LEU A 1 126 ? 9.856   -1.365  -2.462  1.00 16.72 ? 153 LEU A CD2 1 
ATOM   948  N N   . GLU A 1 127 ? 9.572   3.957   -1.945  1.00 15.06 ? 154 GLU A N   1 
ATOM   949  C CA  . GLU A 1 127 ? 8.926   5.207   -2.325  1.00 16.20 ? 154 GLU A CA  1 
ATOM   950  C C   . GLU A 1 127 ? 9.735   5.883   -3.432  1.00 16.93 ? 154 GLU A C   1 
ATOM   951  O O   . GLU A 1 127 ? 9.170   6.465   -4.357  1.00 16.58 ? 154 GLU A O   1 
ATOM   952  C CB  . GLU A 1 127 ? 8.766   6.136   -1.116  1.00 17.11 ? 154 GLU A CB  1 
ATOM   953  C CG  . GLU A 1 127 ? 8.041   7.426   -1.451  1.00 18.54 ? 154 GLU A CG  1 
ATOM   954  C CD  . GLU A 1 127 ? 7.848   8.373   -0.279  1.00 20.45 ? 154 GLU A CD  1 
ATOM   955  O OE1 . GLU A 1 127 ? 8.511   8.280   0.778   1.00 19.60 ? 154 GLU A OE1 1 
ATOM   956  O OE2 . GLU A 1 127 ? 7.019   9.275   -0.459  1.00 24.24 ? 154 GLU A OE2 1 
ATOM   957  N N   . LYS A 1 128 ? 11.055  5.818   -3.349  1.00 18.01 ? 155 LYS A N   1 
ATOM   958  C CA  . LYS A 1 128 ? 11.892  6.408   -4.403  1.00 20.07 ? 155 LYS A CA  1 
ATOM   959  C C   . LYS A 1 128 ? 11.600  5.767   -5.755  1.00 19.60 ? 155 LYS A C   1 
ATOM   960  O O   . LYS A 1 128 ? 11.406  6.492   -6.752  1.00 18.59 ? 155 LYS A O   1 
ATOM   961  C CB  . LYS A 1 128 ? 13.378  6.321   -4.018  1.00 22.00 ? 155 LYS A CB  1 
ATOM   962  C CG  . LYS A 1 128 ? 14.354  6.802   -5.081  1.00 25.89 ? 155 LYS A CG  1 
ATOM   963  C CD  . LYS A 1 128 ? 15.773  6.939   -4.545  1.00 27.90 ? 155 LYS A CD  1 
ATOM   964  C CE  . LYS A 1 128 ? 16.725  7.208   -5.702  1.00 30.54 ? 155 LYS A CE  1 
ATOM   965  N NZ  . LYS A 1 128 ? 18.132  7.499   -5.289  1.00 32.93 ? 155 LYS A NZ  1 
ATOM   966  N N   . LEU A 1 129 ? 11.518  4.430   -5.771  1.00 18.60 ? 156 LEU A N   1 
ATOM   967  C CA  . LEU A 1 129 ? 11.214  3.654   -6.969  1.00 18.91 ? 156 LEU A CA  1 
ATOM   968  C C   . LEU A 1 129 ? 9.775   3.940   -7.454  1.00 19.32 ? 156 LEU A C   1 
ATOM   969  O O   . LEU A 1 129 ? 9.533   4.172   -8.640  1.00 18.77 ? 156 LEU A O   1 
ATOM   970  C CB  . LEU A 1 129 ? 11.401  2.162   -6.682  1.00 18.84 ? 156 LEU A CB  1 
ATOM   971  C CG  . LEU A 1 129 ? 11.237  1.163   -7.815  1.00 19.87 ? 156 LEU A CG  1 
ATOM   972  C CD1 . LEU A 1 129 ? 12.185  1.470   -8.966  1.00 20.65 ? 156 LEU A CD1 1 
ATOM   973  C CD2 . LEU A 1 129 ? 11.427  -0.265  -7.321  1.00 19.85 ? 156 LEU A CD2 1 
ATOM   974  N N   . PHE A 1 130 ? 8.831   3.936   -6.509  1.00 17.99 ? 157 PHE A N   1 
ATOM   975  C CA  . PHE A 1 130 ? 7.447   4.336   -6.793  1.00 17.33 ? 157 PHE A CA  1 
ATOM   976  C C   . PHE A 1 130 ? 7.389   5.656   -7.564  1.00 18.40 ? 157 PHE A C   1 
ATOM   977  O O   . PHE A 1 130 ? 6.801   5.701   -8.641  1.00 17.66 ? 157 PHE A O   1 
ATOM   978  C CB  . PHE A 1 130 ? 6.665   4.429   -5.484  1.00 16.89 ? 157 PHE A CB  1 
ATOM   979  C CG  . PHE A 1 130 ? 5.276   4.968   -5.626  1.00 16.42 ? 157 PHE A CG  1 
ATOM   980  C CD1 . PHE A 1 130 ? 4.288   4.195   -6.217  1.00 15.87 ? 157 PHE A CD1 1 
ATOM   981  C CD2 . PHE A 1 130 ? 4.954   6.229   -5.148  1.00 16.72 ? 157 PHE A CD2 1 
ATOM   982  C CE1 . PHE A 1 130 ? 3.006   4.675   -6.337  1.00 16.18 ? 157 PHE A CE1 1 
ATOM   983  C CE2 . PHE A 1 130 ? 3.666   6.716   -5.271  1.00 16.87 ? 157 PHE A CE2 1 
ATOM   984  C CZ  . PHE A 1 130 ? 2.699   5.952   -5.885  1.00 15.99 ? 157 PHE A CZ  1 
ATOM   985  N N   . LEU A 1 131 ? 8.029   6.695   -7.033  1.00 19.88 ? 158 LEU A N   1 
ATOM   986  C CA  . LEU A 1 131 ? 7.985   8.038   -7.632  1.00 22.54 ? 158 LEU A CA  1 
ATOM   987  C C   . LEU A 1 131 ? 8.601   8.083   -9.044  1.00 23.68 ? 158 LEU A C   1 
ATOM   988  O O   . LEU A 1 131 ? 8.089   8.783   -9.941  1.00 23.89 ? 158 LEU A O   1 
ATOM   989  C CB  . LEU A 1 131 ? 8.609   9.076   -6.697  1.00 23.22 ? 158 LEU A CB  1 
ATOM   990  C CG  . LEU A 1 131 ? 7.892   9.327   -5.354  1.00 24.87 ? 158 LEU A CG  1 
ATOM   991  C CD1 . LEU A 1 131 ? 8.678   10.332  -4.526  1.00 26.81 ? 158 LEU A CD1 1 
ATOM   992  C CD2 . LEU A 1 131 ? 6.451   9.787   -5.528  1.00 26.48 ? 158 LEU A CD2 1 
ATOM   993  N N   . GLN A 1 132 ? 9.661   7.304   -9.254  1.00 24.48 ? 159 GLN A N   1 
ATOM   994  C CA  . GLN A 1 132 ? 10.263  7.156   -10.571 1.00 26.20 ? 159 GLN A CA  1 
ATOM   995  C C   . GLN A 1 132 ? 9.299   6.526   -11.579 1.00 24.71 ? 159 GLN A C   1 
ATOM   996  O O   . GLN A 1 132 ? 9.207   6.981   -12.729 1.00 24.75 ? 159 GLN A O   1 
ATOM   997  C CB  . GLN A 1 132 ? 11.530  6.301   -10.485 1.00 28.13 ? 159 GLN A CB  1 
ATOM   998  C CG  . GLN A 1 132 ? 12.322  6.195   -11.781 1.00 32.36 ? 159 GLN A CG  1 
ATOM   999  C CD  . GLN A 1 132 ? 13.467  5.195   -11.673 1.00 35.60 ? 159 GLN A CD  1 
ATOM   1000 O OE1 . GLN A 1 132 ? 13.394  4.085   -12.212 1.00 41.00 ? 159 GLN A OE1 1 
ATOM   1001 N NE2 . GLN A 1 132 ? 14.515  5.570   -10.952 1.00 37.43 ? 159 GLN A NE2 1 
ATOM   1002 N N   . LYS A 1 133 ? 8.599   5.479   -11.156 1.00 23.24 ? 160 LYS A N   1 
ATOM   1003 C CA  . LYS A 1 133 ? 7.626   4.804   -12.014 1.00 23.56 ? 160 LYS A CA  1 
ATOM   1004 C C   . LYS A 1 133 ? 6.408   5.683   -12.267 1.00 24.44 ? 160 LYS A C   1 
ATOM   1005 O O   . LYS A 1 133 ? 5.928   5.769   -13.399 1.00 23.23 ? 160 LYS A O   1 
ATOM   1006 C CB  . LYS A 1 133 ? 7.205   3.448   -11.423 1.00 24.62 ? 160 LYS A CB  1 
ATOM   1007 C CG  . LYS A 1 133 ? 8.337   2.435   -11.309 1.00 26.01 ? 160 LYS A CG  1 
ATOM   1008 C CD  . LYS A 1 133 ? 8.850   1.973   -12.661 1.00 28.23 ? 160 LYS A CD  1 
ATOM   1009 C CE  . LYS A 1 133 ? 10.359  2.087   -12.741 1.00 31.39 ? 160 LYS A CE  1 
ATOM   1010 N NZ  . LYS A 1 133 ? 10.885  1.513   -14.021 1.00 31.89 ? 160 LYS A NZ  1 
ATOM   1011 N N   . ILE A 1 134 ? 5.942   6.353   -11.208 1.00 23.35 ? 161 ILE A N   1 
ATOM   1012 C CA  . ILE A 1 134 ? 4.854   7.345   -11.288 1.00 25.01 ? 161 ILE A CA  1 
ATOM   1013 C C   . ILE A 1 134 ? 5.193   8.480   -12.266 1.00 24.17 ? 161 ILE A C   1 
ATOM   1014 O O   . ILE A 1 134 ? 4.321   8.987   -12.979 1.00 20.98 ? 161 ILE A O   1 
ATOM   1015 C CB  . ILE A 1 134 ? 4.500   7.874   -9.852  1.00 27.07 ? 161 ILE A CB  1 
ATOM   1016 C CG1 . ILE A 1 134 ? 3.117   7.398   -9.439  1.00 28.80 ? 161 ILE A CG1 1 
ATOM   1017 C CG2 . ILE A 1 134 ? 4.569   9.395   -9.724  1.00 29.00 ? 161 ILE A CG2 1 
ATOM   1018 C CD1 . ILE A 1 134 ? 2.961   5.910   -9.435  1.00 28.54 ? 161 ILE A CD1 1 
ATOM   1019 N N   . ASN A 1 135 ? 6.463   8.855   -12.298 1.00 23.55 ? 162 ASN A N   1 
ATOM   1020 C CA  . ASN A 1 135 ? 6.939   9.856   -13.223 1.00 24.13 ? 162 ASN A CA  1 
ATOM   1021 C C   . ASN A 1 135 ? 6.662   9.546   -14.693 1.00 23.95 ? 162 ASN A C   1 
ATOM   1022 O O   . ASN A 1 135 ? 6.516   10.475  -15.490 1.00 24.31 ? 162 ASN A O   1 
ATOM   1023 C CB  . ASN A 1 135 ? 8.439   10.052  -13.064 1.00 25.63 ? 162 ASN A CB  1 
ATOM   1024 C CG  . ASN A 1 135 ? 8.931   11.256  -13.799 1.00 26.21 ? 162 ASN A CG  1 
ATOM   1025 O OD1 . ASN A 1 135 ? 9.738   11.146  -14.727 1.00 27.47 ? 162 ASN A OD1 1 
ATOM   1026 N ND2 . ASN A 1 135 ? 8.444   12.422  -13.400 1.00 26.93 ? 162 ASN A ND2 1 
ATOM   1027 N N   . GLU A 1 136 ? 6.624   8.268   -15.063 1.00 23.85 ? 163 GLU A N   1 
ATOM   1028 C CA  . GLU A 1 136 ? 6.353   7.894   -16.459 1.00 25.83 ? 163 GLU A CA  1 
ATOM   1029 C C   . GLU A 1 136 ? 4.905   7.453   -16.700 1.00 22.94 ? 163 GLU A C   1 
ATOM   1030 O O   . GLU A 1 136 ? 4.619   6.803   -17.686 1.00 20.65 ? 163 GLU A O   1 
ATOM   1031 C CB  . GLU A 1 136 ? 7.372   6.849   -16.953 1.00 28.79 ? 163 GLU A CB  1 
ATOM   1032 C CG  . GLU A 1 136 ? 8.815   7.369   -17.110 1.00 32.21 ? 163 GLU A CG  1 
ATOM   1033 C CD  . GLU A 1 136 ? 8.943   8.678   -17.900 1.00 36.00 ? 163 GLU A CD  1 
ATOM   1034 O OE1 . GLU A 1 136 ? 8.273   8.826   -18.947 1.00 39.31 ? 163 GLU A OE1 1 
ATOM   1035 O OE2 . GLU A 1 136 ? 9.709   9.581   -17.472 1.00 40.08 ? 163 GLU A OE2 1 
ATOM   1036 N N   . LEU A 1 137 ? 3.993   7.856   -15.808 1.00 21.45 ? 164 LEU A N   1 
ATOM   1037 C CA  . LEU A 1 137 ? 2.570   7.547   -15.942 1.00 21.68 ? 164 LEU A CA  1 
ATOM   1038 C C   . LEU A 1 137 ? 2.080   8.040   -17.316 1.00 21.65 ? 164 LEU A C   1 
ATOM   1039 O O   . LEU A 1 137 ? 2.354   9.178   -17.694 1.00 21.00 ? 164 LEU A O   1 
ATOM   1040 C CB  . LEU A 1 137 ? 1.751   8.193   -14.815 1.00 22.87 ? 164 LEU A CB  1 
ATOM   1041 C CG  . LEU A 1 137 ? 0.305   7.726   -14.600 1.00 24.94 ? 164 LEU A CG  1 
ATOM   1042 C CD1 . LEU A 1 137 ? 0.241   6.329   -13.993 1.00 25.87 ? 164 LEU A CD1 1 
ATOM   1043 C CD2 . LEU A 1 137 ? -0.439  8.723   -13.726 1.00 25.21 ? 164 LEU A CD2 1 
ATOM   1044 N N   . PRO A 1 138 ? 1.393   7.166   -18.071 1.00 22.48 ? 165 PRO A N   1 
ATOM   1045 C CA  . PRO A 1 138 ? 0.966   7.585   -19.412 1.00 24.81 ? 165 PRO A CA  1 
ATOM   1046 C C   . PRO A 1 138 ? -0.176  8.583   -19.436 1.00 26.83 ? 165 PRO A C   1 
ATOM   1047 O O   . PRO A 1 138 ? -0.888  8.781   -18.445 1.00 25.10 ? 165 PRO A O   1 
ATOM   1048 C CB  . PRO A 1 138 ? 0.521   6.273   -20.074 1.00 24.44 ? 165 PRO A CB  1 
ATOM   1049 C CG  . PRO A 1 138 ? 0.242   5.334   -18.952 1.00 24.94 ? 165 PRO A CG  1 
ATOM   1050 C CD  . PRO A 1 138 ? 1.156   5.728   -17.844 1.00 23.48 ? 165 PRO A CD  1 
ATOM   1051 N N   . THR A 1 139 ? -0.361  9.178   -20.601 1.00 28.07 ? 166 THR A N   1 
ATOM   1052 C CA  . THR A 1 139 ? -1.479  10.099  -20.810 1.00 30.73 ? 166 THR A CA  1 
ATOM   1053 C C   . THR A 1 139 ? -2.817  9.355   -20.702 1.00 29.81 ? 166 THR A C   1 
ATOM   1054 O O   . THR A 1 139 ? -3.778  9.869   -20.101 1.00 33.47 ? 166 THR A O   1 
ATOM   1055 C CB  . THR A 1 139 ? -1.352  10.807  -22.173 1.00 30.77 ? 166 THR A CB  1 
ATOM   1056 O OG1 . THR A 1 139 ? -1.556  9.862   -23.228 1.00 37.60 ? 166 THR A OG1 1 
ATOM   1057 C CG2 . THR A 1 139 ? 0.045   11.412  -22.332 1.00 30.37 ? 166 THR A CG2 1 
HETATM 1058 C CAO . EB0 B 2 .   ? 5.322   -1.711  6.915   1.00 15.16 ? 201 EB0 A CAO 1 
HETATM 1059 C CAN . EB0 B 2 .   ? 4.493   -2.230  8.053   1.00 15.37 ? 201 EB0 A CAN 1 
HETATM 1060 N NAK . EB0 B 2 .   ? 5.454   -2.466  9.170   1.00 15.08 ? 201 EB0 A NAK 1 
HETATM 1061 C CAL . EB0 B 2 .   ? 5.799   -1.588  10.138  1.00 15.19 ? 201 EB0 A CAL 1 
HETATM 1062 O OAM . EB0 B 2 .   ? 5.441   -0.398  10.155  1.00 13.88 ? 201 EB0 A OAM 1 
HETATM 1063 C CAJ . EB0 B 2 .   ? 6.650   -2.186  11.007  1.00 15.22 ? 201 EB0 A CAJ 1 
HETATM 1064 C CAI . EB0 B 2 .   ? 7.286   -1.813  12.138  1.00 15.25 ? 201 EB0 A CAI 1 
HETATM 1065 C CAH . EB0 B 2 .   ? 8.116   -2.722  12.820  1.00 15.75 ? 201 EB0 A CAH 1 
HETATM 1066 C CAG . EB0 B 2 .   ? 8.267   -4.025  12.299  1.00 15.39 ? 201 EB0 A CAG 1 
HETATM 1067 C CAD . EB0 B 2 .   ? 7.575   -4.389  11.114  1.00 16.20 ? 201 EB0 A CAD 1 
HETATM 1068 C CAE . EB0 B 2 .   ? 6.815   -3.437  10.530  1.00 15.16 ? 201 EB0 A CAE 1 
HETATM 1069 C CAF . EB0 B 2 .   ? 6.086   -3.620  9.416   1.00 15.25 ? 201 EB0 A CAF 1 
HETATM 1070 C CAA . EB0 B 2 .   ? 6.138   -4.808  8.759   1.00 15.89 ? 201 EB0 A CAA 1 
HETATM 1071 C CAB . EB0 B 2 .   ? 6.894   -5.856  9.301   1.00 16.03 ? 201 EB0 A CAB 1 
HETATM 1072 C CAC . EB0 B 2 .   ? 7.639   -5.655  10.469  1.00 17.44 ? 201 EB0 A CAC 1 
HETATM 1073 S SAP . EB0 B 2 .   ? 8.644   -7.013  11.062  1.00 20.25 ? 201 EB0 A SAP 1 
HETATM 1074 O OAQ . EB0 B 2 .   ? 8.538   -8.119  10.013  1.00 20.84 ? 201 EB0 A OAQ 1 
HETATM 1075 O OAR . EB0 B 2 .   ? 8.125   -7.461  12.420  1.00 21.44 ? 201 EB0 A OAR 1 
HETATM 1076 N NAS . EB0 B 2 .   ? 10.148  -6.486  11.235  1.00 19.86 ? 201 EB0 A NAS 1 
HETATM 1077 C CAT . EB0 B 2 .   ? 10.827  -5.777  10.296  1.00 18.83 ? 201 EB0 A CAT 1 
HETATM 1078 C CAU . EB0 B 2 .   ? 10.678  -5.887  8.912   1.00 18.01 ? 201 EB0 A CAU 1 
HETATM 1079 C CAV . EB0 B 2 .   ? 11.475  -5.138  8.036   1.00 18.43 ? 201 EB0 A CAV 1 
HETATM 1080 C CAW . EB0 B 2 .   ? 12.435  -4.274  8.529   1.00 18.15 ? 201 EB0 A CAW 1 
HETATM 1081 F FAZ . EB0 B 2 .   ? 13.196  -3.536  7.727   1.00 18.56 ? 201 EB0 A FAZ 1 
HETATM 1082 C CAX . EB0 B 2 .   ? 12.603  -4.166  9.902   1.00 18.71 ? 201 EB0 A CAX 1 
HETATM 1083 C CAY . EB0 B 2 .   ? 11.816  -4.925  10.763  1.00 18.78 ? 201 EB0 A CAY 1 
HETATM 1084 C C1  . EDO C 3 .   ? -2.768  7.304   9.781   1.00 24.90 ? 202 EDO A C1  1 
HETATM 1085 O O1  . EDO C 3 .   ? -3.166  5.945   9.512   1.00 22.42 ? 202 EDO A O1  1 
HETATM 1086 C C2  . EDO C 3 .   ? -2.739  7.588   11.273  1.00 26.35 ? 202 EDO A C2  1 
HETATM 1087 O O2  . EDO C 3 .   ? -3.960  7.144   11.896  1.00 27.15 ? 202 EDO A O2  1 
HETATM 1088 N N   . NO3 D 4 .   ? -4.662  -8.862  1.378   1.00 51.33 ? 203 NO3 A N   1 
HETATM 1089 O O1  . NO3 D 4 .   ? -3.547  -8.617  0.950   1.00 48.23 ? 203 NO3 A O1  1 
HETATM 1090 O O2  . NO3 D 4 .   ? -4.814  -9.706  2.483   1.00 54.24 ? 203 NO3 A O2  1 
HETATM 1091 O O3  . NO3 D 4 .   ? -5.796  -8.309  0.775   1.00 51.84 ? 203 NO3 A O3  1 
HETATM 1092 O O   . HOH E 5 .   ? 8.504   9.313   -21.352 1.00 37.61 ? 301 HOH A O   1 
HETATM 1093 O O   . HOH E 5 .   ? 3.348   1.132   8.814   1.00 15.62 ? 302 HOH A O   1 
HETATM 1094 O O   . HOH E 5 .   ? 8.086   3.436   -16.427 1.00 32.38 ? 303 HOH A O   1 
HETATM 1095 O O   . HOH E 5 .   ? -7.691  -2.579  8.609   1.00 20.26 ? 304 HOH A O   1 
HETATM 1096 O O   . HOH E 5 .   ? -7.556  2.033   5.411   1.00 30.28 ? 305 HOH A O   1 
HETATM 1097 O O   . HOH E 5 .   ? 10.538  -10.546 -12.631 1.00 26.10 ? 306 HOH A O   1 
HETATM 1098 O O   . HOH E 5 .   ? 6.788   12.828  -11.382 1.00 37.23 ? 307 HOH A O   1 
HETATM 1099 O O   . HOH E 5 .   ? -0.476  0.452   7.281   1.00 15.32 ? 308 HOH A O   1 
HETATM 1100 O O   . HOH E 5 .   ? -5.562  5.466   1.409   1.00 25.66 ? 309 HOH A O   1 
HETATM 1101 O O   . HOH E 5 .   ? 11.017  0.309   13.423  1.00 36.74 ? 310 HOH A O   1 
HETATM 1102 O O   . HOH E 5 .   ? 4.922   -11.292 2.253   1.00 23.99 ? 311 HOH A O   1 
HETATM 1103 O O   . HOH E 5 .   ? 5.877   8.952   -20.175 1.00 32.14 ? 312 HOH A O   1 
HETATM 1104 O O   . HOH E 5 .   ? 9.686   8.712   10.454  1.00 26.42 ? 313 HOH A O   1 
HETATM 1105 O O   . HOH E 5 .   ? 9.036   -9.598  -3.388  1.00 22.02 ? 314 HOH A O   1 
HETATM 1106 O O   . HOH E 5 .   ? -7.791  5.590   -2.031  1.00 26.28 ? 315 HOH A O   1 
HETATM 1107 O O   . HOH E 5 .   ? 10.396  -8.745  -0.938  1.00 15.68 ? 316 HOH A O   1 
HETATM 1108 O O   . HOH E 5 .   ? 16.550  3.694   1.939   1.00 22.50 ? 317 HOH A O   1 
HETATM 1109 O O   . HOH E 5 .   ? -1.778  -9.860  7.282   1.00 24.17 ? 318 HOH A O   1 
HETATM 1110 O O   . HOH E 5 .   ? 2.955   1.035   6.120   1.00 15.83 ? 319 HOH A O   1 
HETATM 1111 O O   . HOH E 5 .   ? 1.687   -1.405  5.239   1.00 17.90 ? 320 HOH A O   1 
HETATM 1112 O O   . HOH E 5 .   ? 14.948  2.712   -4.526  1.00 18.51 ? 321 HOH A O   1 
HETATM 1113 O O   . HOH E 5 .   ? -3.764  -4.920  17.273  1.00 28.41 ? 322 HOH A O   1 
HETATM 1114 O O   . HOH E 5 .   ? -7.172  -5.989  2.416   1.00 19.56 ? 323 HOH A O   1 
HETATM 1115 O O   . HOH E 5 .   ? 16.887  6.117   2.491   1.00 37.98 ? 324 HOH A O   1 
HETATM 1116 O O   . HOH E 5 .   ? -7.386  0.697   18.454  1.00 23.73 ? 325 HOH A O   1 
HETATM 1117 O O   . HOH E 5 .   ? 10.903  13.321  -15.983 1.00 40.37 ? 326 HOH A O   1 
HETATM 1118 O O   . HOH E 5 .   ? -3.532  -3.722  21.307  1.00 28.91 ? 327 HOH A O   1 
HETATM 1119 O O   . HOH E 5 .   ? 2.239   -3.928  5.797   1.00 12.44 ? 328 HOH A O   1 
HETATM 1120 O O   . HOH E 5 .   ? 10.886  -5.994  13.898  1.00 23.16 ? 329 HOH A O   1 
HETATM 1121 O O   . HOH E 5 .   ? 4.034   -7.328  7.163   1.00 21.10 ? 330 HOH A O   1 
HETATM 1122 O O   . HOH E 5 .   ? -15.722 -3.463  -6.272  1.00 21.11 ? 331 HOH A O   1 
HETATM 1123 O O   . HOH E 5 .   ? -3.545  -2.618  5.787   1.00 15.32 ? 332 HOH A O   1 
HETATM 1124 O O   . HOH E 5 .   ? -5.515  -2.157  19.174  1.00 29.47 ? 333 HOH A O   1 
HETATM 1125 O O   . HOH E 5 .   ? -14.926 6.255   -6.568  1.00 20.88 ? 334 HOH A O   1 
HETATM 1126 O O   . HOH E 5 .   ? -7.314  -5.071  -13.386 1.00 41.34 ? 335 HOH A O   1 
HETATM 1127 O O   . HOH E 5 .   ? -5.274  11.182  -13.767 1.00 34.04 ? 336 HOH A O   1 
HETATM 1128 O O   . HOH E 5 .   ? -13.243 -6.682  0.268   1.00 31.31 ? 337 HOH A O   1 
HETATM 1129 O O   . HOH E 5 .   ? -3.024  8.798   4.491   1.00 41.81 ? 338 HOH A O   1 
HETATM 1130 O O   . HOH E 5 .   ? -4.057  -7.737  10.344  1.00 24.46 ? 339 HOH A O   1 
HETATM 1131 O O   . HOH E 5 .   ? 12.838  -9.775  -3.852  1.00 34.27 ? 340 HOH A O   1 
HETATM 1132 O O   . HOH E 5 .   ? 7.029   -1.061  18.125  1.00 38.50 ? 341 HOH A O   1 
HETATM 1133 O O   . HOH E 5 .   ? -6.080  -6.204  9.038   1.00 17.88 ? 342 HOH A O   1 
HETATM 1134 O O   . HOH E 5 .   ? -8.949  9.089   -14.739 1.00 22.72 ? 343 HOH A O   1 
HETATM 1135 O O   . HOH E 5 .   ? 2.050   -8.332  8.611   1.00 16.76 ? 344 HOH A O   1 
HETATM 1136 O O   . HOH E 5 .   ? -9.958  11.162  -13.125 1.00 43.82 ? 345 HOH A O   1 
HETATM 1137 O O   . HOH E 5 .   ? -10.546 -7.147  15.891  1.00 24.84 ? 346 HOH A O   1 
HETATM 1138 O O   . HOH E 5 .   ? 10.932  9.294   5.145   1.00 26.09 ? 347 HOH A O   1 
HETATM 1139 O O   . HOH E 5 .   ? 19.273  4.858   -4.916  1.00 35.14 ? 348 HOH A O   1 
HETATM 1140 O O   . HOH E 5 .   ? -2.959  9.473   0.950   1.00 31.05 ? 349 HOH A O   1 
HETATM 1141 O O   . HOH E 5 .   ? -6.698  7.525   -14.250 1.00 20.29 ? 350 HOH A O   1 
HETATM 1142 O O   . HOH E 5 .   ? -9.373  0.151   -10.769 1.00 33.05 ? 351 HOH A O   1 
HETATM 1143 O O   . HOH E 5 .   ? -2.053  11.157  -0.975  1.00 29.09 ? 352 HOH A O   1 
HETATM 1144 O O   . HOH E 5 .   ? 15.340  -5.782  -4.972  1.00 24.55 ? 353 HOH A O   1 
HETATM 1145 O O   . HOH E 5 .   ? -5.030  -3.781  8.255   1.00 17.78 ? 354 HOH A O   1 
HETATM 1146 O O   . HOH E 5 .   ? 15.692  -5.478  11.097  1.00 24.22 ? 355 HOH A O   1 
HETATM 1147 O O   . HOH E 5 .   ? 14.555  1.468   -11.550 1.00 37.36 ? 356 HOH A O   1 
HETATM 1148 O O   . HOH E 5 .   ? -13.243 -4.190  -6.507  1.00 23.56 ? 357 HOH A O   1 
HETATM 1149 O O   . HOH E 5 .   ? -1.409  8.092   6.487   1.00 31.35 ? 358 HOH A O   1 
HETATM 1150 O O   . HOH E 5 .   ? 12.260  -3.867  -8.425  1.00 30.87 ? 359 HOH A O   1 
HETATM 1151 O O   . HOH E 5 .   ? -6.415  10.718  -11.169 1.00 24.51 ? 360 HOH A O   1 
HETATM 1152 O O   . HOH E 5 .   ? -15.199 -4.066  -10.266 1.00 32.79 ? 361 HOH A O   1 
HETATM 1153 O O   . HOH E 5 .   ? 12.669  -1.219  11.715  1.00 17.25 ? 362 HOH A O   1 
HETATM 1154 O O   . HOH E 5 .   ? -12.983 12.009  -11.880 1.00 25.52 ? 363 HOH A O   1 
HETATM 1155 O O   . HOH E 5 .   ? -0.665  10.220  2.743   1.00 34.81 ? 364 HOH A O   1 
HETATM 1156 O O   . HOH E 5 .   ? 16.149  -0.848  12.797  1.00 29.34 ? 365 HOH A O   1 
HETATM 1157 O O   . HOH E 5 .   ? -7.806  3.334   20.128  1.00 32.67 ? 366 HOH A O   1 
HETATM 1158 O O   . HOH E 5 .   ? -1.334  -2.574  7.153   1.00 15.15 ? 367 HOH A O   1 
HETATM 1159 O O   . HOH E 5 .   ? 6.084   -11.878 22.795  1.00 31.26 ? 368 HOH A O   1 
HETATM 1160 O O   . HOH E 5 .   ? 8.574   1.220   15.808  1.00 34.25 ? 369 HOH A O   1 
HETATM 1161 O O   . HOH E 5 .   ? -14.586 1.584   -17.622 1.00 36.22 ? 370 HOH A O   1 
HETATM 1162 O O   . HOH E 5 .   ? 7.353   7.494   15.812  1.00 38.35 ? 371 HOH A O   1 
HETATM 1163 O O   . HOH E 5 .   ? -11.798 0.075   3.888   1.00 40.17 ? 372 HOH A O   1 
HETATM 1164 O O   . HOH E 5 .   ? 4.092   9.483   1.166   1.00 32.56 ? 373 HOH A O   1 
HETATM 1165 O O   . HOH E 5 .   ? -7.694  -1.245  -12.646 1.00 35.68 ? 374 HOH A O   1 
HETATM 1166 O O   . HOH E 5 .   ? -8.069  -0.432  -15.537 1.00 38.23 ? 375 HOH A O   1 
HETATM 1167 O O   . HOH E 5 .   ? -14.704 12.155  -13.860 1.00 33.06 ? 376 HOH A O   1 
HETATM 1168 O O   . HOH E 5 .   ? 1.243   13.223  -0.306  1.00 44.64 ? 377 HOH A O   1 
HETATM 1169 O O   . HOH E 5 .   ? 11.454  9.291   7.913   1.00 36.26 ? 378 HOH A O   1 
HETATM 1170 O O   . HOH E 5 .   ? 2.310   13.605  -2.848  1.00 40.28 ? 379 HOH A O   1 
HETATM 1171 O O   . HOH E 5 .   ? 6.378   -11.720 4.765   1.00 34.48 ? 380 HOH A O   1 
HETATM 1172 O O   . HOH E 5 .   ? 15.170  3.644   -7.298  1.00 30.84 ? 381 HOH A O   1 
HETATM 1173 O O   . HOH E 5 .   ? -5.973  -8.874  8.125   1.00 34.30 ? 382 HOH A O   1 
HETATM 1174 O O   . HOH E 5 .   ? 14.467  -2.734  12.979  1.00 30.81 ? 383 HOH A O   1 
HETATM 1175 O O   . HOH E 5 .   ? -10.606 4.824   -2.367  1.00 30.88 ? 384 HOH A O   1 
HETATM 1176 O O   . HOH E 5 .   ? 17.016  3.435   -2.794  1.00 28.99 ? 385 HOH A O   1 
HETATM 1177 O O   . HOH E 5 .   ? 18.186  1.234   -1.491  1.00 41.11 ? 386 HOH A O   1 
# 
